data_6I04
#
_entry.id   6I04
#
_cell.length_a   73.932
_cell.length_b   85.497
_cell.length_c   101.300
_cell.angle_alpha   77.49
_cell.angle_beta   88.58
_cell.angle_gamma   68.76
#
_symmetry.space_group_name_H-M   'P 1'
#
loop_
_entity.id
_entity.type
_entity.pdbx_description
1 polymer 'Hepatocyte growth factor receptor'
2 polymer 'Fab heavy chain'
3 polymer 'Fab light chain'
#
loop_
_entity_poly.entity_id
_entity_poly.type
_entity_poly.pdbx_seq_one_letter_code
_entity_poly.pdbx_strand_id
1 'polypeptide(L)'
;ECKEALAKSEMNVNMKYQLPNFTAETPIQNVILHEHHIFLGATNYIYVLNEEDLQKVAEYKTGPVLEHPDCFPCQDCSSK
ANLSGGVWKDNINMALVVDTYYDDQLISCGSVNRGTCQRHVFPHNHTADIQSEVHCIFSPQIEEPSQCPDCVVSALGAKV
LSSVKDRFINFFVGNTINSSYFPDHPLHSISVRRLKETKDGFMFLTDQSYIDVLPEFRDSYPIKYVHAFESNNFIYFLTV
QRETLDAQTFHTRIIRFCSINSGLHSYMEMPLECILTEKRKKRSTKKEVFNILQAAYVSKPGAQLARQIGASLNDDILFG
VFAQSKPDSAEPMDRSAMCAFPIKYVNDFFNKIVNKNNVRCLQHFYGPNHEHCFNRTLLRNSSGCEARRDEYRTEFTTAL
QRVDLFMGQFSEVLLTSISTFIKGDLTIANLGTSEGRFMQVVVSRSGPSTPHVNFLLDSHPVSPEVIVEHTLNQNGYTLV
ITGKKITKIPLNGLGCRHFQSCSQCLSAPPFVQCGWCHDKCVRSEECLSGTWTQQICLPAGGGGGSHHHHHH
;
A,B
2 'polypeptide(L)'
;QLQLQESGPGLVKPSETLSLTCTVSGGSISSSVYYWSWIRQPPGKGLEWIGVIYPSGNTYYSPSLKSRVTISVDTSKNQF
SLKLSSVTAADTAVYYCARTIYDLFDIWGQGTMVTVSSASTKGPSVFPLAPSSKSTSGGTAALGCLVKDYFPEPVTVSWN
SGALTSGVHTFPAVLQSSGLYSLSSVVTVPSSSLGTQTYICNVNHKPSNTKVDKKVEPKSCAAAHHHHHH
;
H,C
3 'polypeptide(L)'
;DIQMTQSPSSVSASVGDRVTITCRASQGISSWLAWYQQKPGKAPKLLIYAASSLQSGVPSRFSGSGSGTDFTLTISSLQP
EDFATYYCLQANSFPPTFGGGTKVEIKRTVAAPSVFIFPPSDEQLKSGTASVVCLLNNFYPREAKVQWKVDNALQSGNSQ
ESVTEQDSKDSTYSLSSTLTLSKADYEKHKVYACEVTHQGLSSPVTKSFNRGEC
;
L,D
#
# COMPACT_ATOMS: atom_id res chain seq x y z
N TYR A 17 6.22 31.30 21.37
CA TYR A 17 7.56 30.65 21.51
C TYR A 17 8.15 30.28 20.15
N GLN A 18 9.39 29.76 20.16
CA GLN A 18 10.07 29.18 18.97
C GLN A 18 9.68 27.71 18.81
N LEU A 19 8.52 27.46 18.19
CA LEU A 19 7.94 26.12 17.87
C LEU A 19 8.02 25.90 16.36
N PRO A 20 8.20 24.65 15.85
CA PRO A 20 8.24 24.43 14.40
C PRO A 20 6.96 24.95 13.75
N ASN A 21 7.09 25.71 12.65
CA ASN A 21 5.94 26.44 12.05
C ASN A 21 6.10 26.50 10.53
N PHE A 22 4.99 26.68 9.82
CA PHE A 22 4.94 27.03 8.38
C PHE A 22 3.75 27.95 8.10
N THR A 23 4.04 29.16 7.58
CA THR A 23 3.03 30.09 7.02
C THR A 23 2.89 29.81 5.52
N ALA A 24 1.65 29.69 5.05
CA ALA A 24 1.31 29.37 3.65
C ALA A 24 1.01 30.68 2.89
N GLU A 25 1.10 30.62 1.56
CA GLU A 25 0.74 31.72 0.62
C GLU A 25 -0.75 32.04 0.78
N THR A 26 -1.57 31.02 1.06
CA THR A 26 -3.05 31.07 1.06
C THR A 26 -3.60 30.37 2.31
N PRO A 27 -4.84 30.71 2.75
CA PRO A 27 -5.45 30.09 3.94
C PRO A 27 -5.55 28.56 3.88
N ILE A 28 -5.30 27.90 5.03
CA ILE A 28 -5.26 26.40 5.12
C ILE A 28 -6.61 25.90 5.63
N GLN A 29 -7.24 24.97 4.91
CA GLN A 29 -8.55 24.38 5.28
C GLN A 29 -8.35 23.05 6.01
N ASN A 30 -7.78 22.04 5.34
CA ASN A 30 -7.66 20.67 5.88
C ASN A 30 -6.19 20.28 6.01
N VAL A 31 -5.92 19.17 6.72
CA VAL A 31 -4.54 18.63 6.91
C VAL A 31 -4.62 17.14 7.24
N ILE A 32 -3.68 16.37 6.68
CA ILE A 32 -3.54 14.91 6.91
C ILE A 32 -2.06 14.58 7.06
N LEU A 33 -1.75 13.68 7.99
CA LEU A 33 -0.38 13.17 8.23
C LEU A 33 -0.28 11.77 7.63
N HIS A 34 0.69 11.55 6.76
CA HIS A 34 0.89 10.25 6.05
C HIS A 34 2.35 10.02 5.69
N GLU A 35 2.90 8.89 6.16
CA GLU A 35 4.26 8.39 5.81
C GLU A 35 5.28 9.50 6.07
N HIS A 36 5.30 10.04 7.28
CA HIS A 36 6.29 11.02 7.80
C HIS A 36 6.28 12.29 6.94
N HIS A 37 5.11 12.67 6.42
CA HIS A 37 4.89 13.92 5.66
C HIS A 37 3.56 14.54 6.08
N ILE A 38 3.54 15.86 6.25
CA ILE A 38 2.29 16.62 6.49
C ILE A 38 1.78 17.15 5.14
N PHE A 39 0.51 16.93 4.82
CA PHE A 39 -0.15 17.40 3.57
C PHE A 39 -1.19 18.48 3.91
N LEU A 40 -0.93 19.74 3.55
CA LEU A 40 -1.86 20.88 3.82
C LEU A 40 -2.80 21.07 2.64
N GLY A 41 -4.12 20.97 2.87
CA GLY A 41 -5.16 21.37 1.91
C GLY A 41 -5.49 22.84 2.09
N ALA A 42 -5.02 23.69 1.18
CA ALA A 42 -5.17 25.16 1.27
C ALA A 42 -5.76 25.68 -0.04
N THR A 43 -6.32 26.89 -0.01
CA THR A 43 -6.86 27.55 -1.22
C THR A 43 -5.80 27.43 -2.32
N ASN A 44 -6.17 26.83 -3.45
CA ASN A 44 -5.39 26.78 -4.71
C ASN A 44 -4.10 25.96 -4.54
N TYR A 45 -3.83 25.38 -3.37
CA TYR A 45 -2.55 24.66 -3.15
C TYR A 45 -2.74 23.46 -2.21
N ILE A 46 -2.15 22.34 -2.60
CA ILE A 46 -1.77 21.25 -1.66
C ILE A 46 -0.28 21.38 -1.40
N TYR A 47 0.11 21.72 -0.16
CA TYR A 47 1.52 21.77 0.32
C TYR A 47 1.93 20.42 0.90
N VAL A 48 3.19 20.03 0.73
CA VAL A 48 3.77 18.81 1.39
C VAL A 48 4.95 19.23 2.28
N LEU A 49 4.79 19.09 3.60
CA LEU A 49 5.80 19.49 4.60
C LEU A 49 6.54 18.26 5.12
N ASN A 50 7.65 18.54 5.78
CA ASN A 50 8.52 17.58 6.47
C ASN A 50 7.97 17.38 7.88
N GLU A 51 7.90 16.13 8.36
CA GLU A 51 7.33 15.84 9.70
C GLU A 51 8.17 16.51 10.80
N GLU A 52 9.50 16.52 10.62
CA GLU A 52 10.49 16.92 11.66
C GLU A 52 10.33 18.39 12.04
N ASP A 53 10.38 19.30 11.06
CA ASP A 53 10.56 20.77 11.28
C ASP A 53 9.53 21.62 10.50
N LEU A 54 8.54 20.99 9.85
CA LEU A 54 7.51 21.65 8.99
C LEU A 54 8.17 22.38 7.81
N GLN A 55 9.29 21.81 7.32
CA GLN A 55 10.08 22.27 6.15
C GLN A 55 9.29 21.95 4.88
N LYS A 56 9.01 22.95 4.04
CA LYS A 56 8.25 22.75 2.76
C LYS A 56 9.08 21.91 1.78
N VAL A 57 8.56 20.76 1.35
CA VAL A 57 9.22 19.82 0.40
C VAL A 57 8.75 20.10 -1.04
N ALA A 58 7.44 19.94 -1.28
CA ALA A 58 6.80 20.06 -2.62
C ALA A 58 5.41 20.70 -2.48
N GLU A 59 4.96 21.43 -3.50
CA GLU A 59 3.59 22.03 -3.55
C GLU A 59 2.92 21.66 -4.88
N TYR A 60 1.61 21.48 -4.84
CA TYR A 60 0.74 21.24 -6.02
C TYR A 60 -0.25 22.39 -6.15
N LYS A 61 -0.27 23.06 -7.31
CA LYS A 61 -1.23 24.15 -7.61
C LYS A 61 -2.54 23.54 -8.10
N THR A 62 -3.62 23.71 -7.34
CA THR A 62 -4.96 23.15 -7.64
C THR A 62 -5.83 24.19 -8.34
N GLY A 63 -5.57 25.48 -8.10
CA GLY A 63 -6.32 26.61 -8.70
C GLY A 63 -5.42 27.82 -8.93
N PRO A 64 -5.93 28.95 -9.50
CA PRO A 64 -7.35 29.14 -9.73
C PRO A 64 -7.76 28.45 -11.03
N VAL A 65 -8.98 27.94 -11.07
CA VAL A 65 -9.50 27.06 -12.16
C VAL A 65 -10.43 27.90 -13.04
N LEU A 66 -10.35 27.71 -14.35
CA LEU A 66 -11.27 28.33 -15.32
C LEU A 66 -12.56 27.51 -15.44
N GLU A 67 -13.69 28.06 -14.96
CA GLU A 67 -15.05 27.50 -15.18
C GLU A 67 -15.54 27.99 -16.54
N HIS A 68 -15.82 27.10 -17.48
CA HIS A 68 -16.25 27.42 -18.86
C HIS A 68 -17.46 26.57 -19.18
N PRO A 69 -18.43 27.04 -19.99
CA PRO A 69 -19.63 26.24 -20.27
C PRO A 69 -19.32 25.03 -21.15
N ASP A 70 -18.30 25.12 -22.02
CA ASP A 70 -17.93 24.06 -22.98
C ASP A 70 -16.99 23.04 -22.32
N CYS A 71 -16.39 23.38 -21.17
CA CYS A 71 -15.49 22.45 -20.44
C CYS A 71 -16.32 21.57 -19.51
N PHE A 72 -16.02 20.27 -19.48
CA PHE A 72 -16.52 19.30 -18.47
C PHE A 72 -15.38 18.93 -17.54
N PRO A 73 -15.65 18.60 -16.26
CA PRO A 73 -14.57 18.28 -15.32
C PRO A 73 -13.78 17.03 -15.75
N CYS A 74 -12.47 17.03 -15.54
CA CYS A 74 -11.54 15.87 -15.70
C CYS A 74 -11.35 15.49 -17.17
N GLN A 75 -11.63 16.41 -18.11
CA GLN A 75 -11.30 16.26 -19.56
C GLN A 75 -10.28 17.35 -19.90
N ASP A 76 -9.29 17.08 -20.74
CA ASP A 76 -8.14 18.00 -20.97
C ASP A 76 -8.58 19.10 -21.95
N CYS A 77 -9.09 20.20 -21.39
CA CYS A 77 -9.74 21.32 -22.12
C CYS A 77 -8.74 22.17 -22.91
N SER A 78 -7.50 22.26 -22.44
CA SER A 78 -6.32 22.73 -23.23
C SER A 78 -6.52 22.37 -24.71
N SER A 79 -6.89 21.11 -24.99
CA SER A 79 -6.90 20.48 -26.34
C SER A 79 -8.00 21.07 -27.24
N LYS A 80 -9.04 21.70 -26.67
CA LYS A 80 -10.25 22.07 -27.45
C LYS A 80 -9.85 23.08 -28.53
N ALA A 81 -9.75 24.36 -28.18
CA ALA A 81 -9.20 25.40 -29.07
C ALA A 81 -8.92 26.64 -28.23
N ASN A 82 -8.56 27.74 -28.91
CA ASN A 82 -8.65 29.12 -28.37
C ASN A 82 -9.98 29.23 -27.61
N LEU A 83 -9.94 28.98 -26.30
CA LEU A 83 -11.10 28.98 -25.39
C LEU A 83 -11.26 30.40 -24.85
N SER A 84 -12.36 31.09 -25.16
CA SER A 84 -12.63 32.41 -24.54
C SER A 84 -13.16 32.16 -23.13
N GLY A 85 -12.39 32.58 -22.12
CA GLY A 85 -12.66 32.32 -20.68
C GLY A 85 -14.10 32.64 -20.31
N GLY A 86 -14.72 31.80 -19.49
CA GLY A 86 -15.88 32.17 -18.68
C GLY A 86 -15.39 32.90 -17.44
N VAL A 87 -15.43 32.24 -16.29
CA VAL A 87 -15.03 32.77 -14.95
C VAL A 87 -13.75 32.03 -14.49
N TRP A 88 -12.79 32.75 -13.90
CA TRP A 88 -11.71 32.15 -13.07
C TRP A 88 -12.20 32.01 -11.63
N LYS A 89 -11.90 30.89 -10.95
CA LYS A 89 -12.38 30.61 -9.57
C LYS A 89 -11.30 29.99 -8.68
N ASP A 90 -11.26 30.43 -7.43
CA ASP A 90 -10.30 29.99 -6.39
C ASP A 90 -10.74 28.59 -5.90
N ASN A 91 -9.82 27.64 -5.96
CA ASN A 91 -10.04 26.20 -5.66
C ASN A 91 -9.81 25.94 -4.17
N ILE A 92 -10.81 26.27 -3.36
CA ILE A 92 -10.80 26.00 -1.89
C ILE A 92 -10.91 24.48 -1.67
N ASN A 93 -9.96 23.91 -0.96
CA ASN A 93 -9.96 22.46 -0.61
C ASN A 93 -11.06 22.21 0.43
N MET A 94 -12.09 21.45 0.05
CA MET A 94 -13.27 21.13 0.89
C MET A 94 -13.05 19.83 1.65
N ALA A 95 -12.18 18.94 1.17
CA ALA A 95 -11.89 17.64 1.81
C ALA A 95 -10.55 17.07 1.33
N LEU A 96 -9.92 16.26 2.17
CA LEU A 96 -8.60 15.64 1.92
C LEU A 96 -8.57 14.29 2.65
N VAL A 97 -8.50 13.21 1.89
CA VAL A 97 -8.73 11.82 2.39
C VAL A 97 -7.56 10.95 1.97
N VAL A 98 -7.06 10.14 2.88
CA VAL A 98 -5.97 9.17 2.55
C VAL A 98 -6.60 7.78 2.46
N ASP A 99 -6.46 7.20 1.28
CA ASP A 99 -6.72 5.76 1.04
C ASP A 99 -5.38 5.02 0.98
N THR A 100 -5.32 3.92 1.72
CA THR A 100 -4.18 3.00 1.76
C THR A 100 -4.54 1.69 1.02
N TYR A 101 -5.84 1.39 0.83
CA TYR A 101 -6.36 0.03 0.47
C TYR A 101 -6.24 -0.27 -1.04
N TYR A 102 -6.85 0.51 -1.94
CA TYR A 102 -6.79 0.29 -3.40
C TYR A 102 -5.36 0.61 -3.88
N ASP A 103 -4.90 1.85 -3.65
CA ASP A 103 -3.49 2.26 -3.84
C ASP A 103 -2.96 2.98 -2.60
N ASP A 104 -1.65 3.17 -2.55
CA ASP A 104 -1.02 4.20 -1.69
C ASP A 104 -1.30 5.55 -2.35
N GLN A 105 -2.36 6.25 -1.92
CA GLN A 105 -2.86 7.45 -2.65
C GLN A 105 -3.52 8.48 -1.72
N LEU A 106 -3.56 9.74 -2.18
CA LEU A 106 -4.21 10.88 -1.52
C LEU A 106 -5.32 11.41 -2.42
N ILE A 107 -6.55 11.42 -1.90
CA ILE A 107 -7.75 11.94 -2.61
C ILE A 107 -8.09 13.31 -2.04
N SER A 108 -8.02 14.35 -2.86
CA SER A 108 -8.43 15.73 -2.52
C SER A 108 -9.68 16.10 -3.33
N CYS A 109 -10.59 16.87 -2.73
CA CYS A 109 -11.84 17.33 -3.37
C CYS A 109 -11.92 18.85 -3.22
N GLY A 110 -12.06 19.57 -4.35
CA GLY A 110 -12.05 21.04 -4.40
C GLY A 110 -13.45 21.62 -4.36
N SER A 111 -13.57 22.92 -4.09
CA SER A 111 -14.84 23.71 -4.16
C SER A 111 -15.24 23.83 -5.62
N VAL A 112 -14.27 24.18 -6.46
CA VAL A 112 -14.44 24.35 -7.93
C VAL A 112 -14.55 22.98 -8.61
N ASN A 113 -15.05 22.95 -9.86
CA ASN A 113 -15.19 21.75 -10.75
C ASN A 113 -16.29 20.84 -10.21
N ARG A 114 -17.45 21.41 -9.88
CA ARG A 114 -18.71 20.67 -9.54
C ARG A 114 -18.54 19.87 -8.25
N GLY A 115 -17.52 20.17 -7.44
CA GLY A 115 -17.17 19.37 -6.25
C GLY A 115 -16.62 18.01 -6.63
N THR A 116 -16.00 17.89 -7.81
CA THR A 116 -15.31 16.67 -8.29
C THR A 116 -14.05 16.42 -7.43
N CYS A 117 -13.61 15.17 -7.31
CA CYS A 117 -12.37 14.79 -6.58
C CYS A 117 -11.26 14.38 -7.56
N GLN A 118 -10.00 14.53 -7.15
CA GLN A 118 -8.79 14.10 -7.90
C GLN A 118 -7.90 13.32 -6.94
N ARG A 119 -7.26 12.24 -7.40
CA ARG A 119 -6.44 11.34 -6.54
C ARG A 119 -4.99 11.37 -7.00
N HIS A 120 -4.08 11.65 -6.06
CA HIS A 120 -2.62 11.69 -6.25
C HIS A 120 -2.02 10.36 -5.75
N VAL A 121 -1.36 9.61 -6.64
CA VAL A 121 -0.78 8.28 -6.30
C VAL A 121 0.70 8.45 -5.96
N PHE A 122 1.14 7.72 -4.92
CA PHE A 122 2.52 7.75 -4.38
C PHE A 122 3.36 6.68 -5.05
N PRO A 123 4.45 7.05 -5.76
CA PRO A 123 5.44 6.08 -6.22
C PRO A 123 6.10 5.36 -5.03
N HIS A 124 6.26 4.03 -5.15
CA HIS A 124 6.70 3.10 -4.06
C HIS A 124 7.79 3.74 -3.19
N ASN A 125 8.94 4.08 -3.79
CA ASN A 125 10.15 4.47 -3.02
C ASN A 125 10.18 6.00 -2.80
N HIS A 126 9.18 6.78 -3.25
CA HIS A 126 9.14 8.27 -3.07
C HIS A 126 7.79 8.74 -2.51
N THR A 127 7.72 9.04 -1.21
CA THR A 127 6.45 9.40 -0.52
C THR A 127 5.92 10.76 -0.96
N ALA A 128 6.79 11.77 -1.08
CA ALA A 128 6.40 13.19 -1.18
C ALA A 128 5.94 13.57 -2.60
N ASP A 129 5.90 12.63 -3.55
CA ASP A 129 5.62 12.93 -4.98
C ASP A 129 4.11 12.93 -5.24
N ILE A 130 3.50 14.09 -5.06
CA ILE A 130 2.05 14.32 -5.29
C ILE A 130 1.84 14.61 -6.79
N GLN A 131 2.88 15.02 -7.53
CA GLN A 131 2.77 15.50 -8.94
C GLN A 131 2.92 14.35 -9.95
N SER A 132 3.53 13.23 -9.56
CA SER A 132 3.90 12.11 -10.47
C SER A 132 2.64 11.56 -11.16
N GLU A 133 1.80 10.87 -10.39
CA GLU A 133 0.59 10.21 -10.91
C GLU A 133 -0.62 10.90 -10.27
N VAL A 134 -1.44 11.55 -11.08
CA VAL A 134 -2.67 12.28 -10.63
C VAL A 134 -3.82 11.91 -11.55
N HIS A 135 -4.76 11.10 -11.06
CA HIS A 135 -5.98 10.71 -11.80
C HIS A 135 -7.16 11.54 -11.33
N CYS A 136 -8.03 11.90 -12.25
CA CYS A 136 -9.23 12.75 -12.01
C CYS A 136 -10.46 11.83 -11.97
N ILE A 137 -11.22 11.86 -10.87
CA ILE A 137 -12.36 10.92 -10.63
C ILE A 137 -13.65 11.49 -11.20
N PHE A 138 -13.95 11.13 -12.47
CA PHE A 138 -15.15 11.54 -13.23
C PHE A 138 -15.37 10.64 -14.45
N SER A 139 -16.64 10.29 -14.64
CA SER A 139 -17.12 9.41 -15.73
C SER A 139 -18.43 9.98 -16.24
N PRO A 140 -18.53 10.32 -17.55
CA PRO A 140 -19.71 11.01 -18.05
C PRO A 140 -20.99 10.18 -17.87
N GLN A 141 -21.94 10.68 -17.08
CA GLN A 141 -23.23 9.99 -16.82
C GLN A 141 -24.27 10.42 -17.88
N ILE A 142 -24.64 9.54 -18.82
CA ILE A 142 -25.48 9.89 -20.01
C ILE A 142 -26.95 9.57 -19.78
N GLU A 143 -27.27 8.38 -19.27
CA GLU A 143 -28.67 7.94 -19.02
C GLU A 143 -29.39 9.05 -18.24
N GLU A 144 -28.91 9.39 -17.04
CA GLU A 144 -29.51 10.44 -16.17
C GLU A 144 -28.42 11.45 -15.81
N PRO A 145 -28.18 12.47 -16.67
CA PRO A 145 -27.06 13.38 -16.49
C PRO A 145 -27.22 14.35 -15.31
N SER A 146 -28.48 14.61 -14.91
CA SER A 146 -28.83 15.42 -13.73
C SER A 146 -28.29 14.76 -12.45
N GLN A 147 -28.18 13.43 -12.42
CA GLN A 147 -27.64 12.68 -11.24
C GLN A 147 -26.14 12.42 -11.44
N CYS A 148 -25.28 13.21 -10.80
CA CYS A 148 -23.81 13.12 -10.90
C CYS A 148 -23.28 12.45 -9.64
N PRO A 149 -22.83 11.18 -9.68
CA PRO A 149 -22.24 10.54 -8.50
C PRO A 149 -20.81 11.03 -8.22
N ASP A 150 -20.11 11.50 -9.25
CA ASP A 150 -18.68 11.89 -9.20
C ASP A 150 -18.54 13.35 -8.70
N CYS A 151 -19.68 14.03 -8.56
CA CYS A 151 -19.80 15.40 -7.99
C CYS A 151 -20.03 15.28 -6.48
N VAL A 152 -18.94 15.26 -5.71
CA VAL A 152 -18.91 14.74 -4.31
C VAL A 152 -19.25 15.84 -3.30
N VAL A 153 -18.65 17.02 -3.45
CA VAL A 153 -18.41 17.97 -2.32
C VAL A 153 -19.15 19.28 -2.62
N SER A 154 -19.74 19.88 -1.60
CA SER A 154 -20.42 21.20 -1.70
C SER A 154 -19.43 22.31 -1.32
N ALA A 155 -19.36 23.37 -2.13
CA ALA A 155 -18.50 24.54 -1.88
C ALA A 155 -19.00 25.32 -0.63
N LEU A 156 -20.23 25.06 -0.15
CA LEU A 156 -20.78 25.73 1.06
C LEU A 156 -20.17 25.14 2.34
N GLY A 157 -20.10 23.81 2.43
CA GLY A 157 -19.60 23.08 3.61
C GLY A 157 -19.80 21.59 3.44
N ALA A 158 -18.77 20.78 3.65
CA ALA A 158 -18.79 19.35 3.29
C ALA A 158 -17.94 18.52 4.26
N LYS A 159 -18.40 17.32 4.56
CA LYS A 159 -17.70 16.39 5.49
C LYS A 159 -17.68 15.00 4.88
N VAL A 160 -16.48 14.52 4.58
CA VAL A 160 -16.19 13.24 3.87
C VAL A 160 -15.66 12.23 4.89
N LEU A 161 -16.18 11.02 4.87
CA LEU A 161 -15.70 9.91 5.71
C LEU A 161 -15.51 8.70 4.79
N SER A 162 -14.43 7.96 4.99
CA SER A 162 -13.92 6.94 4.05
C SER A 162 -13.77 5.61 4.79
N SER A 163 -14.80 4.76 4.73
CA SER A 163 -14.81 3.38 5.29
C SER A 163 -14.34 2.38 4.22
N VAL A 164 -13.85 1.22 4.65
CA VAL A 164 -13.47 0.06 3.77
C VAL A 164 -14.24 -1.18 4.23
N LYS A 165 -15.13 -1.71 3.38
CA LYS A 165 -16.06 -2.83 3.73
C LYS A 165 -16.13 -3.82 2.57
N ASP A 166 -15.93 -5.11 2.86
CA ASP A 166 -16.09 -6.23 1.88
C ASP A 166 -15.24 -5.94 0.65
N ARG A 167 -13.99 -5.50 0.84
CA ARG A 167 -12.97 -5.29 -0.23
C ARG A 167 -13.42 -4.18 -1.20
N PHE A 168 -14.31 -3.29 -0.77
CA PHE A 168 -14.82 -2.15 -1.57
C PHE A 168 -14.81 -0.90 -0.69
N ILE A 169 -14.52 0.26 -1.28
CA ILE A 169 -14.39 1.54 -0.53
C ILE A 169 -15.69 2.35 -0.65
N ASN A 170 -16.24 2.77 0.50
CA ASN A 170 -17.42 3.66 0.61
C ASN A 170 -17.03 5.07 1.02
N PHE A 171 -17.76 6.08 0.54
CA PHE A 171 -17.59 7.51 0.88
C PHE A 171 -18.90 8.06 1.42
N PHE A 172 -18.97 8.24 2.75
CA PHE A 172 -20.08 8.90 3.48
C PHE A 172 -19.88 10.42 3.49
N VAL A 173 -20.69 11.17 2.75
CA VAL A 173 -20.51 12.64 2.60
C VAL A 173 -21.70 13.34 3.25
N GLY A 174 -21.44 14.50 3.84
CA GLY A 174 -22.46 15.37 4.44
C GLY A 174 -22.34 16.78 3.89
N ASN A 175 -23.16 17.14 2.89
CA ASN A 175 -23.06 18.43 2.17
C ASN A 175 -24.10 19.42 2.68
N THR A 176 -23.63 20.62 3.03
CA THR A 176 -24.44 21.85 3.25
C THR A 176 -24.96 22.28 1.88
N ILE A 177 -26.27 22.57 1.76
CA ILE A 177 -26.94 22.89 0.46
C ILE A 177 -27.91 24.08 0.63
N ASN A 178 -27.77 25.10 -0.22
CA ASN A 178 -28.82 26.09 -0.59
C ASN A 178 -29.21 25.79 -2.04
N SER A 179 -30.37 26.26 -2.49
CA SER A 179 -31.00 25.86 -3.78
C SER A 179 -30.17 26.34 -4.98
N SER A 180 -29.56 25.38 -5.71
CA SER A 180 -28.77 25.60 -6.95
C SER A 180 -28.90 24.35 -7.84
N TYR A 181 -30.05 24.23 -8.50
CA TYR A 181 -30.44 23.11 -9.42
C TYR A 181 -29.63 23.20 -10.72
N PHE A 182 -29.16 22.05 -11.22
CA PHE A 182 -28.16 21.98 -12.32
C PHE A 182 -28.16 20.59 -12.95
N PRO A 186 -27.37 19.87 -7.80
CA PRO A 186 -27.72 18.45 -7.85
C PRO A 186 -26.86 17.56 -6.94
N LEU A 187 -26.49 18.05 -5.75
CA LEU A 187 -25.79 17.27 -4.69
C LEU A 187 -26.79 16.76 -3.64
N HIS A 188 -26.33 15.88 -2.75
CA HIS A 188 -27.16 15.22 -1.71
C HIS A 188 -26.72 15.67 -0.32
N SER A 189 -27.67 15.81 0.62
CA SER A 189 -27.39 16.26 2.01
C SER A 189 -26.53 15.21 2.71
N ILE A 190 -27.00 13.97 2.79
CA ILE A 190 -26.23 12.85 3.38
C ILE A 190 -26.26 11.72 2.36
N SER A 191 -25.13 11.11 2.05
CA SER A 191 -25.10 10.10 0.97
C SER A 191 -23.96 9.12 1.17
N VAL A 192 -24.05 7.95 0.56
CA VAL A 192 -22.93 6.98 0.52
C VAL A 192 -22.76 6.57 -0.93
N ARG A 193 -21.54 6.61 -1.45
CA ARG A 193 -21.24 6.18 -2.84
C ARG A 193 -20.05 5.25 -2.79
N ARG A 194 -20.02 4.23 -3.64
CA ARG A 194 -18.92 3.24 -3.70
C ARG A 194 -17.94 3.66 -4.79
N LEU A 195 -16.66 3.83 -4.43
CA LEU A 195 -15.57 4.05 -5.40
C LEU A 195 -15.33 2.74 -6.13
N LYS A 196 -15.47 2.75 -7.47
CA LYS A 196 -15.40 1.55 -8.33
C LYS A 196 -13.99 0.99 -8.25
N GLU A 197 -13.83 -0.33 -8.45
CA GLU A 197 -12.53 -1.03 -8.31
C GLU A 197 -11.61 -0.62 -9.47
N THR A 198 -12.16 -0.20 -10.61
CA THR A 198 -11.41 0.39 -11.76
C THR A 198 -10.85 1.77 -11.35
N LYS A 199 -11.47 2.42 -10.36
CA LYS A 199 -11.02 3.67 -9.66
C LYS A 199 -11.33 4.91 -10.51
N ASP A 200 -12.14 4.74 -11.56
CA ASP A 200 -12.47 5.82 -12.54
C ASP A 200 -13.51 6.75 -11.95
N GLY A 201 -14.44 6.23 -11.15
CA GLY A 201 -15.63 6.97 -10.70
C GLY A 201 -16.31 6.34 -9.50
N PHE A 202 -17.37 6.98 -9.03
CA PHE A 202 -18.25 6.52 -7.92
C PHE A 202 -19.58 6.04 -8.52
N MET A 203 -20.39 5.34 -7.71
CA MET A 203 -21.77 4.92 -8.08
C MET A 203 -22.65 4.80 -6.83
N PHE A 204 -23.82 5.47 -6.82
CA PHE A 204 -24.90 5.25 -5.83
C PHE A 204 -25.58 3.93 -6.13
N LEU A 205 -25.50 2.96 -5.22
CA LEU A 205 -26.00 1.58 -5.50
C LEU A 205 -27.53 1.60 -5.55
N THR A 206 -28.21 2.08 -4.50
CA THR A 206 -29.70 2.10 -4.41
C THR A 206 -30.20 3.56 -4.44
N ASP A 207 -31.52 3.77 -4.38
CA ASP A 207 -32.14 5.11 -4.22
C ASP A 207 -32.21 5.45 -2.72
N GLN A 208 -31.94 4.48 -1.85
CA GLN A 208 -31.85 4.67 -0.38
C GLN A 208 -30.39 4.93 0.05
N SER A 209 -29.45 5.01 -0.91
CA SER A 209 -28.02 5.35 -0.68
C SER A 209 -27.87 6.83 -0.31
N TYR A 210 -28.92 7.65 -0.42
CA TYR A 210 -28.85 9.08 -0.01
C TYR A 210 -30.11 9.52 0.74
N ILE A 211 -30.00 10.68 1.40
CA ILE A 211 -31.12 11.48 2.00
C ILE A 211 -30.90 12.95 1.67
N ASP A 212 -31.96 13.66 1.29
CA ASP A 212 -31.89 15.08 0.88
C ASP A 212 -32.93 15.91 1.64
N VAL A 213 -32.62 17.19 1.81
CA VAL A 213 -33.62 18.22 2.21
C VAL A 213 -34.53 18.44 1.00
N LEU A 214 -35.84 18.57 1.22
CA LEU A 214 -36.84 18.82 0.14
C LEU A 214 -36.53 20.13 -0.57
N PRO A 215 -36.80 20.21 -1.89
CA PRO A 215 -36.70 21.48 -2.63
C PRO A 215 -37.36 22.66 -1.89
N GLU A 216 -38.47 22.40 -1.21
CA GLU A 216 -39.23 23.38 -0.39
C GLU A 216 -38.32 24.05 0.64
N PHE A 217 -37.50 23.31 1.37
CA PHE A 217 -36.78 23.86 2.56
C PHE A 217 -35.27 23.93 2.36
N ARG A 218 -34.76 23.98 1.12
CA ARG A 218 -33.29 23.99 0.85
C ARG A 218 -32.64 25.21 1.50
N ASP A 219 -33.28 26.38 1.39
CA ASP A 219 -32.72 27.68 1.87
C ASP A 219 -33.23 27.96 3.29
N SER A 220 -34.52 27.72 3.53
CA SER A 220 -35.20 27.96 4.83
C SER A 220 -34.56 27.12 5.93
N TYR A 221 -34.20 25.87 5.62
CA TYR A 221 -33.67 24.86 6.58
C TYR A 221 -32.26 24.44 6.19
N PRO A 222 -31.22 25.23 6.51
CA PRO A 222 -29.85 24.87 6.17
C PRO A 222 -29.22 23.97 7.23
N ILE A 223 -28.27 23.12 6.82
CA ILE A 223 -27.60 22.11 7.70
C ILE A 223 -26.07 22.27 7.57
N LYS A 224 -25.40 22.43 8.71
CA LYS A 224 -23.92 22.55 8.80
C LYS A 224 -23.37 21.23 9.36
N TYR A 225 -22.51 20.55 8.59
CA TYR A 225 -21.91 19.24 8.96
C TYR A 225 -20.59 19.49 9.71
N VAL A 226 -20.61 19.29 11.03
CA VAL A 226 -19.51 19.63 11.98
C VAL A 226 -18.43 18.56 11.89
N HIS A 227 -18.81 17.28 12.03
CA HIS A 227 -17.87 16.11 12.11
C HIS A 227 -18.60 14.80 11.77
N ALA A 228 -17.85 13.82 11.24
CA ALA A 228 -18.36 12.47 10.94
C ALA A 228 -17.34 11.43 11.41
N PHE A 229 -17.80 10.27 11.86
CA PHE A 229 -16.92 9.19 12.37
C PHE A 229 -17.68 7.86 12.39
N GLU A 230 -16.93 6.78 12.18
CA GLU A 230 -17.41 5.37 12.31
C GLU A 230 -17.06 4.85 13.71
N SER A 231 -17.98 4.15 14.36
CA SER A 231 -17.73 3.50 15.66
C SER A 231 -18.81 2.48 16.00
N ASN A 232 -18.43 1.40 16.69
CA ASN A 232 -19.36 0.34 17.18
C ASN A 232 -20.22 -0.20 16.04
N ASN A 233 -19.64 -0.34 14.84
CA ASN A 233 -20.31 -0.87 13.62
C ASN A 233 -21.45 0.06 13.19
N PHE A 234 -21.27 1.38 13.32
CA PHE A 234 -22.25 2.41 12.90
C PHE A 234 -21.52 3.57 12.24
N ILE A 235 -22.26 4.47 11.61
CA ILE A 235 -21.72 5.76 11.10
C ILE A 235 -22.46 6.86 11.84
N TYR A 236 -21.71 7.83 12.36
CA TYR A 236 -22.23 8.99 13.13
C TYR A 236 -21.83 10.28 12.41
N PHE A 237 -22.80 11.17 12.22
CA PHE A 237 -22.61 12.55 11.71
C PHE A 237 -23.09 13.57 12.75
N LEU A 238 -22.30 14.60 13.02
CA LEU A 238 -22.65 15.70 13.97
C LEU A 238 -22.94 16.95 13.16
N THR A 239 -23.97 17.68 13.55
CA THR A 239 -24.60 18.67 12.66
C THR A 239 -25.33 19.73 13.48
N VAL A 240 -25.41 20.91 12.87
CA VAL A 240 -26.10 22.11 13.45
C VAL A 240 -27.17 22.56 12.46
N GLN A 241 -28.41 22.57 12.90
CA GLN A 241 -29.59 22.84 12.04
C GLN A 241 -30.64 23.58 12.90
N ARG A 242 -31.75 24.01 12.29
CA ARG A 242 -32.90 24.59 13.01
C ARG A 242 -33.54 23.51 13.89
N GLU A 243 -34.06 23.89 15.06
CA GLU A 243 -34.66 22.96 16.04
C GLU A 243 -35.91 22.35 15.40
N THR A 244 -36.72 23.15 14.71
CA THR A 244 -37.88 22.71 13.87
C THR A 244 -37.89 23.53 12.59
N LEU A 245 -38.51 23.02 11.52
CA LEU A 245 -38.60 23.69 10.21
C LEU A 245 -39.04 25.16 10.39
N ASP A 246 -40.08 25.39 11.18
CA ASP A 246 -40.67 26.73 11.44
C ASP A 246 -39.72 27.58 12.29
N ALA A 247 -39.17 27.03 13.38
CA ALA A 247 -38.51 27.76 14.49
C ALA A 247 -37.17 28.37 14.05
N GLN A 248 -36.84 29.57 14.56
CA GLN A 248 -35.55 30.29 14.32
C GLN A 248 -34.45 29.78 15.25
N THR A 249 -34.78 29.27 16.43
CA THR A 249 -33.77 28.80 17.41
C THR A 249 -32.94 27.67 16.77
N PHE A 250 -31.61 27.72 16.88
CA PHE A 250 -30.72 26.71 16.26
C PHE A 250 -30.41 25.58 17.25
N HIS A 251 -29.83 24.49 16.75
CA HIS A 251 -29.78 23.18 17.45
C HIS A 251 -28.55 22.37 17.08
N THR A 252 -28.01 21.56 18.00
CA THR A 252 -26.99 20.53 17.66
C THR A 252 -27.66 19.17 17.68
N ARG A 253 -27.41 18.37 16.65
CA ARG A 253 -27.95 17.00 16.53
C ARG A 253 -26.83 16.01 16.27
N ILE A 254 -27.02 14.78 16.77
CA ILE A 254 -26.22 13.59 16.39
C ILE A 254 -27.07 12.70 15.49
N ILE A 255 -26.76 12.70 14.20
CA ILE A 255 -27.29 11.76 13.18
C ILE A 255 -26.58 10.42 13.41
N ARG A 256 -27.33 9.32 13.36
CA ARG A 256 -26.70 7.97 13.35
C ARG A 256 -27.49 7.05 12.44
N PHE A 257 -26.79 6.42 11.50
CA PHE A 257 -27.37 5.43 10.56
C PHE A 257 -26.45 4.22 10.48
N CYS A 258 -27.02 3.13 10.00
CA CYS A 258 -26.38 1.81 9.83
C CYS A 258 -25.70 1.74 8.47
N SER A 259 -24.76 0.82 8.31
CA SER A 259 -23.90 0.74 7.09
C SER A 259 -24.37 -0.36 6.13
N ILE A 260 -25.50 -1.03 6.44
CA ILE A 260 -25.91 -2.35 5.89
C ILE A 260 -26.49 -2.23 4.47
N ASN A 261 -26.35 -3.32 3.71
CA ASN A 261 -27.08 -3.57 2.45
C ASN A 261 -26.61 -2.56 1.40
N SER A 262 -25.43 -1.97 1.60
CA SER A 262 -24.83 -0.94 0.70
C SER A 262 -25.77 0.28 0.59
N GLY A 263 -26.62 0.49 1.61
CA GLY A 263 -27.54 1.63 1.72
C GLY A 263 -27.46 2.25 3.11
N LEU A 264 -28.13 3.38 3.31
CA LEU A 264 -28.28 3.99 4.66
C LEU A 264 -29.54 3.42 5.29
N HIS A 265 -29.42 2.68 6.38
CA HIS A 265 -30.59 2.07 7.08
C HIS A 265 -30.59 2.51 8.54
N SER A 266 -31.77 2.52 9.17
CA SER A 266 -31.97 2.86 10.60
C SER A 266 -31.44 4.28 10.87
N TYR A 267 -31.72 5.21 9.97
CA TYR A 267 -31.31 6.64 10.07
C TYR A 267 -32.17 7.35 11.11
N MET A 268 -31.52 7.88 12.15
CA MET A 268 -32.18 8.60 13.27
C MET A 268 -31.31 9.79 13.72
N GLU A 269 -31.76 11.01 13.43
CA GLU A 269 -31.24 12.27 14.04
C GLU A 269 -31.80 12.36 15.46
N MET A 270 -30.97 12.78 16.43
CA MET A 270 -31.45 13.18 17.78
C MET A 270 -30.58 14.31 18.34
N PRO A 271 -31.15 15.18 19.20
CA PRO A 271 -30.45 16.37 19.68
C PRO A 271 -29.36 16.09 20.72
N LEU A 272 -28.17 16.63 20.48
CA LEU A 272 -27.03 16.67 21.45
C LEU A 272 -27.08 17.98 22.22
N GLU A 273 -27.25 17.89 23.54
CA GLU A 273 -27.31 19.08 24.42
C GLU A 273 -26.08 19.10 25.32
N CYS A 274 -25.61 20.30 25.66
CA CYS A 274 -24.59 20.54 26.70
C CYS A 274 -25.08 21.63 27.65
N ILE A 275 -25.25 21.29 28.93
CA ILE A 275 -25.79 22.24 29.95
C ILE A 275 -24.76 22.47 31.05
N LEU A 276 -24.88 23.63 31.69
CA LEU A 276 -24.09 24.06 32.87
C LEU A 276 -25.01 24.17 34.09
N THR A 277 -24.64 23.48 35.18
CA THR A 277 -25.28 23.54 36.52
C THR A 277 -24.25 23.17 37.60
N LYS A 287 -30.80 26.63 33.96
CA LYS A 287 -29.94 25.91 32.98
C LYS A 287 -29.45 26.85 31.88
N GLU A 288 -28.11 26.98 31.76
CA GLU A 288 -27.42 27.59 30.59
C GLU A 288 -27.23 26.46 29.56
N VAL A 289 -27.70 26.65 28.33
CA VAL A 289 -27.64 25.60 27.28
C VAL A 289 -26.68 26.06 26.18
N PHE A 290 -25.57 25.34 26.02
CA PHE A 290 -24.54 25.61 24.99
C PHE A 290 -24.91 24.82 23.73
N ASN A 291 -25.66 25.45 22.82
CA ASN A 291 -26.56 24.73 21.89
C ASN A 291 -25.90 24.54 20.52
N ILE A 292 -24.69 25.07 20.27
CA ILE A 292 -24.04 24.95 18.93
C ILE A 292 -22.65 24.30 19.08
N LEU A 293 -22.47 23.13 18.45
CA LEU A 293 -21.19 22.38 18.45
C LEU A 293 -20.19 23.09 17.53
N GLN A 294 -19.04 23.47 18.09
CA GLN A 294 -17.99 24.26 17.38
C GLN A 294 -16.94 23.30 16.81
N ALA A 295 -16.61 22.26 17.55
CA ALA A 295 -15.64 21.23 17.13
C ALA A 295 -15.82 19.98 18.00
N ALA A 296 -15.22 18.88 17.58
CA ALA A 296 -15.44 17.56 18.21
C ALA A 296 -14.28 16.62 17.86
N TYR A 297 -14.11 15.58 18.67
CA TYR A 297 -12.98 14.63 18.58
C TYR A 297 -13.39 13.31 19.24
N VAL A 298 -13.08 12.20 18.58
CA VAL A 298 -13.41 10.85 19.08
C VAL A 298 -12.10 10.14 19.40
N SER A 299 -12.00 9.65 20.63
CA SER A 299 -10.74 9.15 21.25
C SER A 299 -11.06 8.24 22.43
N LYS A 300 -10.04 7.53 22.91
CA LYS A 300 -10.10 6.73 24.15
C LYS A 300 -9.85 7.67 25.32
N PRO A 301 -10.32 7.30 26.53
CA PRO A 301 -10.06 8.10 27.73
C PRO A 301 -8.85 7.57 28.51
N GLY A 302 -8.37 8.41 29.42
CA GLY A 302 -7.43 8.01 30.49
C GLY A 302 -8.17 7.25 31.57
N ALA A 303 -7.44 6.36 32.27
CA ALA A 303 -7.94 5.51 33.37
C ALA A 303 -8.73 6.35 34.39
N GLN A 304 -8.27 7.56 34.68
CA GLN A 304 -8.93 8.49 35.64
C GLN A 304 -10.32 8.83 35.11
N LEU A 305 -10.39 9.35 33.89
CA LEU A 305 -11.66 9.81 33.28
C LEU A 305 -12.59 8.61 33.03
N ALA A 306 -12.05 7.51 32.50
CA ALA A 306 -12.79 6.26 32.21
C ALA A 306 -13.65 5.88 33.42
N ARG A 307 -13.00 5.76 34.58
CA ARG A 307 -13.61 5.40 35.89
C ARG A 307 -14.74 6.39 36.23
N GLN A 308 -14.49 7.69 36.11
CA GLN A 308 -15.46 8.76 36.49
C GLN A 308 -16.74 8.68 35.67
N ILE A 309 -16.64 8.45 34.34
CA ILE A 309 -17.78 8.61 33.39
C ILE A 309 -18.48 7.26 33.12
N GLY A 310 -18.07 6.19 33.79
CA GLY A 310 -18.63 4.83 33.62
C GLY A 310 -18.17 4.18 32.32
N ALA A 311 -16.97 4.53 31.86
CA ALA A 311 -16.37 4.05 30.58
C ALA A 311 -15.17 3.13 30.86
N SER A 312 -14.61 2.56 29.79
CA SER A 312 -13.51 1.58 29.82
C SER A 312 -12.34 2.16 29.01
N LEU A 313 -11.15 1.56 29.10
CA LEU A 313 -9.95 2.10 28.40
C LEU A 313 -10.04 1.95 26.89
N ASN A 314 -10.78 0.98 26.37
CA ASN A 314 -10.87 0.75 24.90
C ASN A 314 -12.05 1.50 24.29
N ASP A 315 -12.95 2.08 25.10
CA ASP A 315 -14.25 2.63 24.63
C ASP A 315 -14.02 3.95 23.86
N ASP A 316 -14.65 4.10 22.70
CA ASP A 316 -14.69 5.39 21.97
C ASP A 316 -15.55 6.38 22.74
N ILE A 317 -15.04 7.60 22.91
CA ILE A 317 -15.76 8.74 23.55
C ILE A 317 -15.69 9.94 22.61
N LEU A 318 -16.85 10.53 22.32
CA LEU A 318 -16.97 11.79 21.55
C LEU A 318 -16.75 12.97 22.49
N PHE A 319 -15.57 13.60 22.42
CA PHE A 319 -15.30 14.90 23.09
C PHE A 319 -15.78 16.02 22.17
N GLY A 320 -16.62 16.91 22.69
CA GLY A 320 -17.29 17.94 21.89
C GLY A 320 -17.27 19.31 22.54
N VAL A 321 -16.75 20.29 21.83
CA VAL A 321 -16.70 21.71 22.28
C VAL A 321 -17.93 22.44 21.73
N PHE A 322 -18.79 22.90 22.65
CA PHE A 322 -20.05 23.62 22.35
C PHE A 322 -19.88 25.11 22.62
N ALA A 323 -20.88 25.90 22.21
CA ALA A 323 -20.91 27.36 22.41
C ALA A 323 -22.38 27.82 22.50
N GLN A 324 -22.61 28.90 23.25
CA GLN A 324 -23.95 29.49 23.42
C GLN A 324 -24.21 30.36 22.19
N SER A 325 -25.48 30.51 21.86
CA SER A 325 -25.94 31.14 20.61
C SER A 325 -26.44 32.55 20.89
N LYS A 326 -26.29 33.45 19.91
CA LYS A 326 -27.12 34.67 19.82
C LYS A 326 -28.55 34.21 19.55
N PRO A 327 -29.60 34.86 20.08
CA PRO A 327 -30.97 34.38 19.91
C PRO A 327 -31.41 34.51 18.44
N ASP A 328 -32.20 33.53 17.96
CA ASP A 328 -32.68 33.43 16.56
C ASP A 328 -31.49 33.42 15.58
N SER A 329 -30.46 32.62 15.86
CA SER A 329 -29.24 32.51 15.00
C SER A 329 -28.40 31.27 15.35
N ALA A 330 -27.51 30.88 14.45
CA ALA A 330 -26.56 29.75 14.62
C ALA A 330 -25.18 30.30 15.02
N GLU A 331 -25.05 31.61 15.22
CA GLU A 331 -23.76 32.28 15.52
C GLU A 331 -23.41 32.06 16.99
N PRO A 332 -22.15 31.66 17.30
CA PRO A 332 -21.69 31.59 18.68
C PRO A 332 -21.45 32.97 19.32
N MET A 333 -21.22 33.00 20.64
CA MET A 333 -21.38 34.22 21.47
C MET A 333 -20.23 34.37 22.49
N ASP A 334 -19.07 33.75 22.25
CA ASP A 334 -17.88 33.82 23.14
C ASP A 334 -18.23 33.28 24.52
N ARG A 335 -19.06 32.24 24.57
CA ARG A 335 -19.37 31.47 25.81
C ARG A 335 -19.35 29.99 25.45
N SER A 336 -18.29 29.28 25.83
CA SER A 336 -18.07 27.86 25.46
C SER A 336 -18.29 26.94 26.65
N ALA A 337 -18.58 25.69 26.34
CA ALA A 337 -18.57 24.55 27.28
C ALA A 337 -17.80 23.41 26.62
N MET A 338 -17.69 22.28 27.30
CA MET A 338 -17.16 21.03 26.73
C MET A 338 -17.72 19.87 27.53
N CYS A 339 -18.23 18.85 26.85
CA CYS A 339 -18.87 17.67 27.49
C CYS A 339 -18.63 16.41 26.65
N ALA A 340 -18.55 15.27 27.32
CA ALA A 340 -18.13 13.97 26.76
C ALA A 340 -19.36 13.07 26.60
N PHE A 341 -19.39 12.29 25.54
CA PHE A 341 -20.43 11.27 25.25
C PHE A 341 -19.75 9.97 24.82
N PRO A 342 -19.61 8.95 25.71
CA PRO A 342 -19.20 7.62 25.26
C PRO A 342 -20.29 7.11 24.31
N ILE A 343 -19.90 6.74 23.09
CA ILE A 343 -20.87 6.37 22.01
C ILE A 343 -21.72 5.18 22.51
N LYS A 344 -21.16 4.33 23.37
CA LYS A 344 -21.88 3.15 23.91
C LYS A 344 -23.09 3.63 24.73
N TYR A 345 -23.00 4.76 25.43
CA TYR A 345 -24.14 5.37 26.17
C TYR A 345 -25.06 6.12 25.20
N VAL A 346 -24.49 6.71 24.14
CA VAL A 346 -25.26 7.35 23.03
C VAL A 346 -26.16 6.30 22.39
N ASN A 347 -25.59 5.12 22.06
CA ASN A 347 -26.32 4.01 21.40
C ASN A 347 -27.41 3.48 22.33
N ASP A 348 -27.13 3.36 23.63
CA ASP A 348 -28.08 2.84 24.65
C ASP A 348 -29.29 3.76 24.71
N PHE A 349 -29.05 5.06 24.86
CA PHE A 349 -30.12 6.09 24.90
C PHE A 349 -30.89 6.04 23.58
N PHE A 350 -30.21 5.80 22.45
CA PHE A 350 -30.81 5.67 21.09
C PHE A 350 -31.79 4.49 21.07
N ASN A 351 -31.38 3.36 21.67
CA ASN A 351 -32.21 2.13 21.76
C ASN A 351 -33.13 2.24 22.98
N LYS A 352 -34.05 3.21 22.95
CA LYS A 352 -34.98 3.55 24.07
C LYS A 352 -36.25 4.15 23.46
N ILE A 353 -37.34 3.37 23.44
CA ILE A 353 -38.66 3.70 22.79
C ILE A 353 -39.78 3.37 23.78
N ASN A 358 -41.61 11.38 22.32
CA ASN A 358 -41.05 10.02 22.09
C ASN A 358 -40.27 10.06 20.77
N VAL A 359 -40.98 10.03 19.64
CA VAL A 359 -40.41 9.89 18.27
C VAL A 359 -41.25 10.73 17.31
N ARG A 360 -40.63 11.21 16.21
CA ARG A 360 -41.31 11.77 15.02
C ARG A 360 -40.56 11.31 13.78
N CYS A 361 -41.21 11.35 12.62
CA CYS A 361 -40.55 11.05 11.33
C CYS A 361 -39.84 12.33 10.85
N LEU A 362 -38.76 12.16 10.09
CA LEU A 362 -37.76 13.20 9.75
C LEU A 362 -38.42 14.37 9.01
N GLN A 363 -38.60 15.50 9.71
CA GLN A 363 -39.37 16.70 9.26
C GLN A 363 -38.90 17.19 7.88
N HIS A 364 -37.59 17.20 7.60
CA HIS A 364 -37.00 17.90 6.43
C HIS A 364 -36.93 16.99 5.20
N PHE A 365 -37.06 15.67 5.37
CA PHE A 365 -36.95 14.68 4.27
C PHE A 365 -38.33 14.47 3.65
N TYR A 366 -39.29 14.11 4.49
CA TYR A 366 -40.74 14.05 4.18
C TYR A 366 -41.32 15.47 4.30
N GLY A 367 -42.64 15.62 4.16
CA GLY A 367 -43.35 16.86 4.49
C GLY A 367 -43.46 17.06 5.99
N PRO A 368 -43.89 18.24 6.47
CA PRO A 368 -44.25 18.42 7.87
C PRO A 368 -45.57 17.70 8.20
N ASN A 369 -46.54 17.69 7.27
CA ASN A 369 -47.81 16.92 7.36
C ASN A 369 -48.04 16.15 6.06
N CYS A 385 -30.47 -1.32 14.18
CA CYS A 385 -30.14 -1.50 12.75
C CYS A 385 -31.00 -2.56 12.05
N GLU A 386 -31.92 -2.13 11.18
CA GLU A 386 -32.79 -2.99 10.31
C GLU A 386 -33.52 -2.08 9.29
N GLU A 391 -36.07 1.58 6.88
CA GLU A 391 -37.40 1.63 6.19
C GLU A 391 -38.21 2.87 6.61
N TYR A 392 -37.94 3.51 7.76
CA TYR A 392 -38.50 4.82 8.20
C TYR A 392 -37.39 5.78 8.70
N ARG A 393 -37.30 6.99 8.13
CA ARG A 393 -36.29 8.02 8.51
C ARG A 393 -36.79 8.87 9.68
N THR A 394 -36.03 8.93 10.78
CA THR A 394 -36.53 9.33 12.12
C THR A 394 -35.86 10.60 12.68
N GLU A 395 -36.61 11.33 13.49
CA GLU A 395 -36.19 12.52 14.27
C GLU A 395 -36.66 12.30 15.72
N PHE A 396 -35.74 12.12 16.66
CA PHE A 396 -36.05 11.98 18.11
C PHE A 396 -36.46 13.33 18.69
N THR A 397 -37.48 13.34 19.56
CA THR A 397 -38.04 14.55 20.22
C THR A 397 -37.10 14.99 21.36
N THR A 398 -36.85 14.10 22.33
CA THR A 398 -36.07 14.41 23.57
C THR A 398 -34.59 14.51 23.24
N ALA A 399 -33.93 15.56 23.77
CA ALA A 399 -32.46 15.78 23.67
C ALA A 399 -31.70 14.86 24.65
N LEU A 400 -30.59 14.29 24.19
CA LEU A 400 -29.56 13.68 25.06
C LEU A 400 -28.67 14.82 25.58
N GLN A 401 -28.63 15.01 26.90
CA GLN A 401 -27.91 16.15 27.53
C GLN A 401 -26.74 15.65 28.39
N ARG A 402 -25.74 16.51 28.57
CA ARG A 402 -24.55 16.21 29.42
C ARG A 402 -24.08 17.47 30.15
N VAL A 403 -23.55 17.26 31.35
CA VAL A 403 -23.04 18.33 32.26
C VAL A 403 -21.66 18.76 31.73
N ASP A 404 -21.41 20.07 31.69
CA ASP A 404 -20.09 20.63 31.28
C ASP A 404 -19.01 19.94 32.12
N LEU A 405 -17.93 19.45 31.50
CA LEU A 405 -16.83 18.74 32.21
C LEU A 405 -15.83 19.75 32.79
N PHE A 406 -15.79 20.98 32.27
CA PHE A 406 -14.95 22.07 32.84
C PHE A 406 -15.75 22.87 33.87
N MET A 407 -17.07 22.65 33.95
CA MET A 407 -17.97 23.28 34.94
C MET A 407 -17.89 24.81 34.83
N GLY A 408 -17.99 25.34 33.60
CA GLY A 408 -18.11 26.78 33.32
C GLY A 408 -16.76 27.50 33.37
N GLN A 409 -15.66 26.76 33.20
CA GLN A 409 -14.28 27.32 33.24
C GLN A 409 -14.03 28.20 32.01
N PHE A 410 -14.78 28.02 30.92
CA PHE A 410 -14.57 28.74 29.64
C PHE A 410 -15.81 29.53 29.24
N SER A 411 -16.61 30.01 30.20
CA SER A 411 -17.89 30.75 29.97
C SER A 411 -17.62 32.12 29.35
N GLU A 412 -16.37 32.58 29.28
CA GLU A 412 -16.03 33.93 28.77
C GLU A 412 -15.10 33.83 27.55
N VAL A 413 -15.02 32.68 26.88
CA VAL A 413 -14.20 32.52 25.64
C VAL A 413 -14.93 31.65 24.62
N LEU A 414 -14.58 31.81 23.34
CA LEU A 414 -15.10 30.98 22.24
C LEU A 414 -14.07 29.91 21.87
N LEU A 415 -14.33 28.66 22.25
CA LEU A 415 -13.48 27.48 21.90
C LEU A 415 -13.78 27.05 20.47
N THR A 416 -12.81 27.10 19.56
CA THR A 416 -13.00 26.82 18.10
C THR A 416 -12.20 25.60 17.68
N SER A 417 -11.71 24.80 18.62
CA SER A 417 -10.86 23.62 18.31
C SER A 417 -10.77 22.71 19.54
N ILE A 418 -10.57 21.41 19.32
CA ILE A 418 -10.34 20.42 20.41
C ILE A 418 -9.62 19.20 19.86
N SER A 419 -8.52 18.84 20.51
CA SER A 419 -7.85 17.52 20.41
C SER A 419 -7.95 16.86 21.80
N THR A 420 -7.47 15.62 21.92
CA THR A 420 -7.39 14.86 23.19
C THR A 420 -6.21 13.90 23.06
N PHE A 421 -5.44 13.77 24.14
CA PHE A 421 -4.43 12.70 24.31
C PHE A 421 -4.39 12.31 25.78
N ILE A 422 -3.80 11.14 26.05
CA ILE A 422 -3.76 10.52 27.40
C ILE A 422 -2.31 10.54 27.91
N LYS A 423 -2.10 10.99 29.13
CA LYS A 423 -0.78 10.97 29.80
C LYS A 423 -0.94 10.29 31.16
N GLY A 424 -0.41 9.05 31.29
CA GLY A 424 -0.66 8.19 32.44
C GLY A 424 -2.16 7.97 32.63
N ASP A 425 -2.68 8.30 33.81
CA ASP A 425 -4.13 8.12 34.15
C ASP A 425 -4.95 9.34 33.67
N LEU A 426 -4.30 10.48 33.44
CA LEU A 426 -5.00 11.77 33.15
C LEU A 426 -5.30 11.84 31.65
N THR A 427 -6.44 12.44 31.30
CA THR A 427 -6.77 12.80 29.91
C THR A 427 -6.54 14.30 29.73
N ILE A 428 -5.75 14.69 28.73
CA ILE A 428 -5.48 16.12 28.42
C ILE A 428 -6.25 16.51 27.15
N ALA A 429 -6.61 17.78 27.02
CA ALA A 429 -7.36 18.36 25.86
C ALA A 429 -6.61 19.58 25.29
N ASN A 430 -6.30 19.56 23.98
CA ASN A 430 -5.63 20.67 23.25
C ASN A 430 -6.67 21.64 22.68
N LEU A 431 -7.10 22.60 23.50
CA LEU A 431 -8.12 23.61 23.13
C LEU A 431 -7.51 24.76 22.31
N GLY A 432 -8.19 25.10 21.21
CA GLY A 432 -8.03 26.37 20.49
C GLY A 432 -9.13 27.34 20.86
N THR A 433 -9.00 28.59 20.43
CA THR A 433 -9.90 29.71 20.81
C THR A 433 -9.98 30.64 19.60
N SER A 434 -11.06 31.43 19.53
CA SER A 434 -11.31 32.42 18.45
C SER A 434 -10.23 33.51 18.45
N GLU A 435 -9.63 33.83 19.61
CA GLU A 435 -8.61 34.92 19.75
C GLU A 435 -7.23 34.44 19.28
N GLY A 436 -7.10 33.17 18.88
CA GLY A 436 -5.81 32.54 18.55
C GLY A 436 -5.10 32.02 19.79
N ARG A 437 -5.84 31.90 20.90
CA ARG A 437 -5.30 31.38 22.19
C ARG A 437 -5.32 29.86 22.17
N PHE A 438 -4.15 29.23 22.28
CA PHE A 438 -4.02 27.79 22.54
C PHE A 438 -4.02 27.57 24.05
N MET A 439 -4.32 26.34 24.49
CA MET A 439 -4.09 25.90 25.90
C MET A 439 -4.34 24.41 26.03
N GLN A 440 -3.62 23.78 26.95
CA GLN A 440 -3.76 22.36 27.35
C GLN A 440 -4.25 22.31 28.80
N VAL A 441 -5.19 21.42 29.10
CA VAL A 441 -5.76 21.32 30.47
C VAL A 441 -6.07 19.86 30.74
N VAL A 442 -5.88 19.44 31.99
CA VAL A 442 -6.22 18.07 32.44
C VAL A 442 -7.74 17.97 32.52
N VAL A 443 -8.29 16.81 32.13
CA VAL A 443 -9.75 16.54 32.13
C VAL A 443 -10.07 15.57 33.27
N SER A 444 -11.07 15.97 34.08
CA SER A 444 -11.55 15.27 35.29
C SER A 444 -12.88 15.89 35.74
N ARG A 445 -13.94 15.08 35.80
CA ARG A 445 -15.30 15.52 36.21
C ARG A 445 -15.22 15.99 37.66
N SER A 446 -14.57 15.19 38.50
CA SER A 446 -14.28 15.47 39.93
C SER A 446 -13.19 16.55 40.04
N GLY A 447 -13.57 17.82 39.86
CA GLY A 447 -12.74 19.02 40.14
C GLY A 447 -12.03 19.56 38.90
N PRO A 448 -12.52 20.67 38.28
CA PRO A 448 -11.79 21.39 37.24
C PRO A 448 -10.40 21.93 37.66
N SER A 449 -9.57 22.24 36.67
CA SER A 449 -8.12 22.54 36.86
C SER A 449 -7.69 23.72 35.99
N THR A 450 -6.69 24.47 36.46
CA THR A 450 -6.08 25.59 35.72
C THR A 450 -5.29 25.02 34.54
N PRO A 451 -5.51 25.55 33.32
CA PRO A 451 -4.72 25.14 32.15
C PRO A 451 -3.20 25.22 32.37
N HIS A 452 -2.53 24.08 32.41
CA HIS A 452 -1.07 23.96 32.67
C HIS A 452 -0.24 24.49 31.49
N VAL A 453 -0.84 24.69 30.31
CA VAL A 453 -0.22 25.47 29.19
C VAL A 453 -1.28 26.45 28.66
N ASN A 454 -0.86 27.58 28.11
CA ASN A 454 -1.80 28.66 27.74
C ASN A 454 -1.01 29.83 27.16
N PHE A 455 -1.26 30.20 25.90
CA PHE A 455 -0.56 31.30 25.21
C PHE A 455 -1.22 31.61 23.88
N LEU A 456 -1.05 32.85 23.40
CA LEU A 456 -1.51 33.30 22.06
C LEU A 456 -0.59 32.67 21.00
N LEU A 457 -1.14 31.72 20.23
CA LEU A 457 -0.44 31.07 19.11
C LEU A 457 -0.48 32.00 17.89
N ASP A 458 -1.56 32.77 17.74
CA ASP A 458 -1.78 33.69 16.59
C ASP A 458 -2.87 34.68 16.98
N SER A 459 -3.22 35.59 16.07
CA SER A 459 -4.38 36.50 16.18
C SER A 459 -5.61 35.85 15.53
N HIS A 460 -5.41 35.05 14.46
CA HIS A 460 -6.50 34.35 13.72
C HIS A 460 -7.05 33.21 14.58
N PRO A 461 -8.37 32.89 14.50
CA PRO A 461 -8.95 31.76 15.24
C PRO A 461 -8.23 30.44 14.98
N VAL A 462 -8.19 29.59 15.99
CA VAL A 462 -7.63 28.22 15.87
C VAL A 462 -8.66 27.36 15.15
N SER A 463 -8.25 26.76 14.04
CA SER A 463 -9.11 25.88 13.19
C SER A 463 -9.39 24.58 13.92
N PRO A 464 -10.61 24.01 13.79
CA PRO A 464 -10.94 22.72 14.38
C PRO A 464 -10.17 21.56 13.74
N GLU A 465 -9.71 21.74 12.49
CA GLU A 465 -8.88 20.74 11.77
C GLU A 465 -7.54 20.59 12.50
N VAL A 466 -7.30 19.41 13.06
CA VAL A 466 -6.12 19.12 13.94
C VAL A 466 -5.60 17.69 13.71
N ILE A 467 -4.33 17.47 14.05
CA ILE A 467 -3.68 16.13 14.08
C ILE A 467 -3.08 15.95 15.48
N VAL A 468 -3.01 14.71 15.96
CA VAL A 468 -2.35 14.34 17.25
C VAL A 468 -1.59 13.04 17.02
N GLU A 469 -0.28 13.09 16.76
CA GLU A 469 0.54 11.87 16.52
C GLU A 469 1.25 11.46 17.80
N HIS A 470 1.60 10.17 17.90
CA HIS A 470 2.45 9.61 18.99
C HIS A 470 3.76 9.04 18.42
N THR A 471 4.90 9.57 18.87
CA THR A 471 6.23 8.91 18.76
C THR A 471 6.20 7.69 19.70
N LEU A 472 7.18 6.80 19.60
CA LEU A 472 7.47 5.80 20.66
C LEU A 472 7.71 6.56 21.97
N ASN A 473 7.42 5.93 23.12
CA ASN A 473 7.57 6.49 24.49
C ASN A 473 6.28 7.24 24.92
N GLN A 474 5.19 7.14 24.16
CA GLN A 474 3.83 7.65 24.51
C GLN A 474 3.70 9.17 24.26
N ASN A 475 4.83 9.90 24.21
CA ASN A 475 4.85 11.38 23.99
C ASN A 475 5.13 11.69 22.51
N GLY A 476 4.32 12.59 21.92
CA GLY A 476 4.38 12.97 20.50
C GLY A 476 4.13 14.46 20.29
N TYR A 477 3.13 14.83 19.48
CA TYR A 477 2.83 16.25 19.14
C TYR A 477 1.40 16.45 18.61
N THR A 478 0.98 17.72 18.55
CA THR A 478 -0.27 18.21 17.90
C THR A 478 0.10 19.21 16.80
N LEU A 479 -0.58 19.14 15.67
CA LEU A 479 -0.48 20.17 14.61
C LEU A 479 -1.72 21.05 14.73
N VAL A 480 -1.53 22.37 14.81
CA VAL A 480 -2.64 23.32 15.09
C VAL A 480 -2.60 24.43 14.03
N ILE A 481 -3.75 24.66 13.38
CA ILE A 481 -3.86 25.66 12.28
C ILE A 481 -4.47 26.94 12.83
N THR A 482 -3.90 28.07 12.44
CA THR A 482 -4.39 29.44 12.72
C THR A 482 -4.31 30.24 11.43
N GLY A 483 -5.43 30.33 10.71
CA GLY A 483 -5.56 31.07 9.43
C GLY A 483 -4.77 30.41 8.31
N LYS A 484 -3.60 30.97 8.00
CA LYS A 484 -2.72 30.50 6.88
C LYS A 484 -1.39 30.06 7.49
N LYS A 485 -1.39 29.66 8.76
CA LYS A 485 -0.19 29.25 9.51
C LYS A 485 -0.50 27.96 10.28
N ILE A 486 0.38 26.95 10.16
CA ILE A 486 0.30 25.70 10.95
C ILE A 486 1.55 25.58 11.82
N THR A 487 1.38 25.14 13.06
CA THR A 487 2.47 25.05 14.06
C THR A 487 2.47 23.65 14.70
N LYS A 488 3.65 23.12 14.96
CA LYS A 488 3.83 21.86 15.73
C LYS A 488 4.04 22.18 17.20
N ILE A 489 3.14 21.68 18.06
CA ILE A 489 3.19 21.84 19.54
C ILE A 489 3.40 20.47 20.16
N PRO A 490 4.33 20.28 21.12
CA PRO A 490 4.45 19.01 21.84
C PRO A 490 3.30 18.75 22.82
N LEU A 491 3.06 17.49 23.15
CA LEU A 491 1.93 17.08 24.01
C LEU A 491 2.25 17.44 25.48
N ASN A 492 3.37 16.96 26.02
CA ASN A 492 3.72 17.15 27.46
C ASN A 492 4.63 18.38 27.61
N GLY A 493 4.04 19.58 27.47
CA GLY A 493 4.71 20.86 27.75
C GLY A 493 5.67 21.25 26.64
N GLN B 1 -38.18 10.12 -27.26
CA GLN B 1 -36.89 9.90 -27.98
C GLN B 1 -36.90 10.74 -29.26
N LEU B 2 -36.11 11.81 -29.30
CA LEU B 2 -36.08 12.70 -30.50
C LEU B 2 -35.44 11.92 -31.65
N GLN B 3 -35.61 12.41 -32.88
CA GLN B 3 -35.05 11.79 -34.10
C GLN B 3 -34.30 12.88 -34.88
N LEU B 4 -33.27 12.48 -35.62
CA LEU B 4 -32.46 13.39 -36.50
C LEU B 4 -32.55 12.90 -37.95
N GLN B 5 -32.67 13.81 -38.93
CA GLN B 5 -32.61 13.42 -40.37
C GLN B 5 -31.81 14.45 -41.15
N GLU B 6 -30.73 13.99 -41.77
CA GLU B 6 -29.83 14.80 -42.62
C GLU B 6 -30.51 15.07 -43.96
N SER B 7 -30.00 16.02 -44.71
CA SER B 7 -30.52 16.43 -46.04
C SER B 7 -29.54 17.38 -46.71
N GLY B 8 -29.58 17.41 -48.04
CA GLY B 8 -28.67 18.19 -48.88
C GLY B 8 -28.15 17.36 -50.07
N PRO B 9 -27.28 17.95 -50.91
CA PRO B 9 -27.01 17.43 -52.25
C PRO B 9 -26.30 16.08 -52.16
N GLY B 10 -26.73 15.11 -52.97
CA GLY B 10 -26.02 13.82 -53.12
C GLY B 10 -24.72 14.05 -53.85
N LEU B 11 -24.70 15.05 -54.73
CA LEU B 11 -23.57 15.29 -55.66
C LEU B 11 -23.09 16.74 -55.50
N VAL B 12 -21.78 16.92 -55.38
CA VAL B 12 -21.14 18.27 -55.29
C VAL B 12 -19.83 18.24 -56.10
N LYS B 13 -19.56 19.31 -56.84
CA LYS B 13 -18.38 19.43 -57.73
C LYS B 13 -17.12 19.59 -56.87
N PRO B 14 -15.93 19.24 -57.41
CA PRO B 14 -14.68 19.57 -56.73
C PRO B 14 -14.44 21.09 -56.71
N SER B 15 -13.77 21.56 -55.65
CA SER B 15 -13.49 22.99 -55.33
C SER B 15 -14.75 23.70 -54.82
N GLU B 16 -15.95 23.32 -55.29
CA GLU B 16 -17.22 23.88 -54.78
C GLU B 16 -17.34 23.61 -53.27
N THR B 17 -18.24 24.31 -52.57
CA THR B 17 -18.47 24.08 -51.12
C THR B 17 -19.70 23.18 -50.93
N LEU B 18 -19.60 22.26 -49.97
CA LEU B 18 -20.69 21.35 -49.53
C LEU B 18 -21.55 22.08 -48.49
N SER B 19 -22.86 21.90 -48.56
CA SER B 19 -23.83 22.35 -47.51
C SER B 19 -24.80 21.21 -47.16
N LEU B 20 -24.87 20.87 -45.87
CA LEU B 20 -25.85 19.92 -45.30
C LEU B 20 -26.64 20.60 -44.19
N THR B 21 -27.72 19.96 -43.78
CA THR B 21 -28.57 20.40 -42.64
C THR B 21 -29.20 19.16 -41.98
N CYS B 22 -29.07 19.09 -40.66
CA CYS B 22 -29.72 18.08 -39.80
C CYS B 22 -30.91 18.75 -39.14
N THR B 23 -32.09 18.18 -39.34
CA THR B 23 -33.34 18.80 -38.84
C THR B 23 -33.82 17.92 -37.67
N VAL B 24 -33.97 18.53 -36.49
CA VAL B 24 -34.30 17.82 -35.22
C VAL B 24 -35.81 17.76 -35.08
N SER B 25 -36.33 16.66 -34.55
CA SER B 25 -37.79 16.47 -34.33
C SER B 25 -38.03 15.69 -33.04
N GLY B 26 -39.07 16.07 -32.30
CA GLY B 26 -39.47 15.42 -31.04
C GLY B 26 -38.66 15.94 -29.87
N GLY B 27 -37.96 17.06 -30.09
CA GLY B 27 -37.15 17.76 -29.08
C GLY B 27 -36.62 19.07 -29.63
N SER B 28 -36.43 20.06 -28.75
CA SER B 28 -35.86 21.38 -29.09
C SER B 28 -34.38 21.25 -29.47
N ILE B 29 -33.90 21.99 -30.48
CA ILE B 29 -32.43 22.10 -30.77
C ILE B 29 -31.79 22.84 -29.58
N SER B 30 -32.48 23.83 -29.00
CA SER B 30 -31.93 24.63 -27.87
C SER B 30 -32.16 23.84 -26.57
N SER B 31 -31.06 23.36 -25.97
CA SER B 31 -31.01 22.68 -24.66
C SER B 31 -29.68 23.02 -23.97
N SER B 32 -29.69 23.03 -22.64
CA SER B 32 -28.52 23.31 -21.76
C SER B 32 -27.69 22.02 -21.61
N VAL B 33 -28.34 20.85 -21.80
CA VAL B 33 -27.80 19.50 -21.48
C VAL B 33 -27.18 18.88 -22.74
N TYR B 34 -27.99 18.69 -23.77
CA TYR B 34 -27.58 18.02 -25.02
C TYR B 34 -27.36 19.05 -26.11
N TYR B 35 -26.50 18.69 -27.05
CA TYR B 35 -26.02 19.60 -28.15
C TYR B 35 -25.60 18.75 -29.35
N TRP B 36 -25.10 19.40 -30.40
CA TRP B 36 -25.04 18.81 -31.76
C TRP B 36 -23.62 18.73 -32.29
N SER B 37 -23.38 17.73 -33.13
CA SER B 37 -22.07 17.51 -33.78
C SER B 37 -22.23 16.67 -35.04
N TRP B 38 -21.31 16.88 -35.97
CA TRP B 38 -21.22 16.17 -37.25
C TRP B 38 -20.07 15.17 -37.20
N ILE B 39 -20.25 14.04 -37.87
CA ILE B 39 -19.22 12.97 -38.05
C ILE B 39 -19.39 12.44 -39.47
N ARG B 40 -18.29 12.04 -40.12
CA ARG B 40 -18.39 11.41 -41.46
C ARG B 40 -17.66 10.06 -41.48
N GLN B 41 -18.00 9.25 -42.48
CA GLN B 41 -17.45 7.89 -42.72
C GLN B 41 -17.14 7.80 -44.20
N PRO B 42 -15.84 7.94 -44.59
CA PRO B 42 -15.43 7.66 -45.96
C PRO B 42 -15.82 6.23 -46.33
N PRO B 43 -16.01 5.93 -47.64
CA PRO B 43 -16.64 4.69 -48.04
C PRO B 43 -15.66 3.52 -47.81
N GLY B 44 -16.14 2.47 -47.12
CA GLY B 44 -15.33 1.32 -46.64
C GLY B 44 -14.17 1.75 -45.76
N LYS B 45 -14.40 2.63 -44.77
CA LYS B 45 -13.38 3.11 -43.80
C LYS B 45 -14.05 3.40 -42.44
N GLY B 46 -13.24 3.77 -41.44
CA GLY B 46 -13.70 4.07 -40.07
C GLY B 46 -14.42 5.40 -39.98
N LEU B 47 -15.00 5.70 -38.82
CA LEU B 47 -15.66 7.01 -38.51
C LEU B 47 -14.57 8.04 -38.22
N GLU B 48 -14.79 9.31 -38.63
CA GLU B 48 -13.93 10.48 -38.26
C GLU B 48 -14.78 11.72 -37.97
N TRP B 49 -14.49 12.35 -36.83
CA TRP B 49 -15.23 13.51 -36.26
C TRP B 49 -14.93 14.75 -37.07
N ILE B 50 -15.89 15.64 -37.20
CA ILE B 50 -15.77 16.90 -37.99
C ILE B 50 -15.80 18.09 -37.04
N GLY B 51 -16.87 18.23 -36.26
CA GLY B 51 -17.06 19.40 -35.40
C GLY B 51 -18.27 19.28 -34.49
N VAL B 52 -18.34 20.17 -33.49
CA VAL B 52 -19.42 20.27 -32.47
C VAL B 52 -19.92 21.70 -32.44
N ILE B 53 -21.14 21.89 -31.98
CA ILE B 53 -21.62 23.21 -31.47
C ILE B 53 -22.27 22.99 -30.11
N TYR B 54 -21.70 23.61 -29.08
CA TYR B 54 -22.21 23.59 -27.68
C TYR B 54 -23.41 24.52 -27.52
N PRO B 55 -24.17 24.39 -26.42
CA PRO B 55 -25.29 25.29 -26.14
C PRO B 55 -24.87 26.77 -25.98
N SER B 56 -23.64 27.01 -25.54
CA SER B 56 -23.01 28.35 -25.52
C SER B 56 -23.08 29.01 -26.89
N GLY B 57 -23.07 28.21 -27.96
CA GLY B 57 -23.01 28.69 -29.35
C GLY B 57 -21.60 28.61 -29.90
N ASN B 58 -20.63 28.33 -29.03
CA ASN B 58 -19.22 28.09 -29.41
C ASN B 58 -19.11 26.85 -30.30
N THR B 59 -18.19 26.92 -31.23
CA THR B 59 -18.00 25.94 -32.32
C THR B 59 -16.55 25.45 -32.23
N TYR B 60 -16.33 24.14 -32.35
CA TYR B 60 -14.98 23.51 -32.40
C TYR B 60 -14.96 22.51 -33.57
N TYR B 61 -13.84 22.46 -34.28
CA TYR B 61 -13.70 21.68 -35.54
C TYR B 61 -12.44 20.82 -35.47
N SER B 62 -12.42 19.71 -36.21
CA SER B 62 -11.22 18.85 -36.30
C SER B 62 -10.12 19.68 -36.94
N PRO B 63 -8.86 19.55 -36.46
CA PRO B 63 -7.75 20.34 -36.97
C PRO B 63 -7.44 19.98 -38.43
N SER B 64 -7.78 18.75 -38.85
CA SER B 64 -7.69 18.29 -40.26
C SER B 64 -8.43 19.27 -41.18
N LEU B 65 -9.57 19.80 -40.73
CA LEU B 65 -10.55 20.49 -41.60
C LEU B 65 -10.71 21.96 -41.20
N LYS B 66 -10.18 22.38 -40.05
CA LYS B 66 -10.55 23.65 -39.36
C LYS B 66 -10.78 24.79 -40.37
N SER B 67 -9.88 24.94 -41.34
CA SER B 67 -9.84 26.05 -42.34
C SER B 67 -11.18 26.17 -43.09
N ARG B 68 -11.89 25.06 -43.33
CA ARG B 68 -13.00 24.96 -44.33
C ARG B 68 -14.38 24.71 -43.70
N VAL B 69 -14.41 24.21 -42.46
CA VAL B 69 -15.68 23.74 -41.82
C VAL B 69 -16.37 24.92 -41.15
N THR B 70 -17.69 25.01 -41.31
CA THR B 70 -18.54 25.93 -40.52
C THR B 70 -19.83 25.23 -40.08
N ILE B 71 -20.04 25.17 -38.76
CA ILE B 71 -21.29 24.61 -38.16
C ILE B 71 -22.08 25.74 -37.54
N SER B 72 -23.39 25.75 -37.77
CA SER B 72 -24.30 26.79 -37.25
C SER B 72 -25.66 26.18 -36.90
N VAL B 73 -26.47 26.95 -36.18
CA VAL B 73 -27.79 26.52 -35.63
C VAL B 73 -28.85 27.54 -36.05
N ASP B 74 -30.07 27.06 -36.30
CA ASP B 74 -31.25 27.90 -36.64
C ASP B 74 -32.38 27.55 -35.67
N THR B 75 -32.49 28.26 -34.55
CA THR B 75 -33.43 27.93 -33.43
C THR B 75 -34.87 27.89 -33.96
N SER B 76 -35.19 28.72 -34.96
CA SER B 76 -36.55 28.89 -35.52
C SER B 76 -36.97 27.67 -36.36
N LYS B 77 -36.04 27.07 -37.11
CA LYS B 77 -36.32 25.91 -38.01
C LYS B 77 -35.90 24.60 -37.35
N ASN B 78 -35.69 24.59 -36.03
CA ASN B 78 -35.20 23.44 -35.23
C ASN B 78 -34.16 22.65 -36.04
N GLN B 79 -33.15 23.34 -36.60
CA GLN B 79 -32.15 22.75 -37.53
C GLN B 79 -30.74 23.19 -37.14
N PHE B 80 -29.74 22.40 -37.53
CA PHE B 80 -28.33 22.86 -37.57
C PHE B 80 -27.70 22.33 -38.85
N SER B 81 -26.62 22.96 -39.28
CA SER B 81 -26.07 22.72 -40.63
C SER B 81 -24.54 22.74 -40.59
N LEU B 82 -23.95 22.15 -41.62
CA LEU B 82 -22.50 22.04 -41.85
C LEU B 82 -22.22 22.65 -43.23
N LYS B 83 -21.22 23.54 -43.33
CA LYS B 83 -20.72 24.05 -44.62
C LYS B 83 -19.23 23.74 -44.70
N LEU B 84 -18.89 22.73 -45.48
CA LEU B 84 -17.50 22.34 -45.79
C LEU B 84 -17.15 22.93 -47.16
N SER B 85 -16.00 23.59 -47.30
CA SER B 85 -15.61 24.36 -48.51
C SER B 85 -14.35 23.80 -49.17
N SER B 86 -14.03 24.28 -50.39
CA SER B 86 -12.86 23.85 -51.20
C SER B 86 -12.87 22.32 -51.26
N VAL B 87 -14.04 21.76 -51.57
CA VAL B 87 -14.35 20.30 -51.42
C VAL B 87 -13.54 19.54 -52.47
N THR B 88 -13.03 18.37 -52.07
CA THR B 88 -12.12 17.50 -52.85
C THR B 88 -12.64 16.06 -52.77
N ALA B 89 -12.20 15.23 -53.73
CA ALA B 89 -12.51 13.79 -53.83
C ALA B 89 -12.40 13.13 -52.45
N ALA B 90 -11.44 13.57 -51.62
CA ALA B 90 -11.19 13.07 -50.25
C ALA B 90 -12.41 13.25 -49.33
N ASP B 91 -13.33 14.16 -49.65
CA ASP B 91 -14.49 14.48 -48.76
C ASP B 91 -15.70 13.61 -49.11
N THR B 92 -15.57 12.76 -50.14
CA THR B 92 -16.63 11.79 -50.51
C THR B 92 -16.83 10.84 -49.33
N ALA B 93 -17.97 10.92 -48.63
CA ALA B 93 -18.26 10.17 -47.40
C ALA B 93 -19.74 10.24 -47.01
N VAL B 94 -20.16 9.41 -46.07
CA VAL B 94 -21.52 9.46 -45.45
C VAL B 94 -21.46 10.41 -44.25
N TYR B 95 -22.28 11.44 -44.24
CA TYR B 95 -22.25 12.51 -43.20
C TYR B 95 -23.38 12.25 -42.21
N TYR B 96 -22.99 11.92 -40.99
CA TYR B 96 -23.91 11.65 -39.86
C TYR B 96 -23.98 12.88 -38.97
N CYS B 97 -25.20 13.36 -38.74
CA CYS B 97 -25.48 14.33 -37.66
C CYS B 97 -25.75 13.52 -36.39
N ALA B 98 -25.46 14.10 -35.22
CA ALA B 98 -25.39 13.38 -33.94
C ALA B 98 -25.73 14.28 -32.75
N ARG B 99 -26.69 13.86 -31.94
CA ARG B 99 -26.92 14.44 -30.60
C ARG B 99 -25.75 14.06 -29.71
N THR B 100 -25.37 14.95 -28.80
CA THR B 100 -24.13 14.83 -28.00
C THR B 100 -24.37 15.19 -26.53
N ILE B 101 -24.05 14.30 -25.59
CA ILE B 101 -24.14 14.55 -24.13
C ILE B 101 -22.81 14.22 -23.47
N TYR B 102 -22.21 15.19 -22.77
CA TYR B 102 -20.82 15.09 -22.28
C TYR B 102 -19.94 14.56 -23.43
N ASP B 103 -19.89 15.28 -24.56
CA ASP B 103 -18.96 15.03 -25.69
C ASP B 103 -19.01 13.57 -26.23
N LEU B 104 -20.05 12.80 -25.90
CA LEU B 104 -20.28 11.44 -26.48
C LEU B 104 -21.57 11.50 -27.29
N PHE B 105 -21.69 10.66 -28.32
CA PHE B 105 -22.82 10.69 -29.27
C PHE B 105 -23.81 9.60 -28.89
N ASP B 106 -25.05 9.97 -28.58
CA ASP B 106 -26.09 9.03 -28.09
C ASP B 106 -27.14 8.76 -29.18
N ILE B 107 -27.58 9.78 -29.93
CA ILE B 107 -28.58 9.61 -31.02
C ILE B 107 -27.95 10.05 -32.33
N TRP B 108 -28.27 9.32 -33.41
CA TRP B 108 -27.65 9.46 -34.74
C TRP B 108 -28.73 9.51 -35.82
N GLY B 109 -28.55 10.35 -36.84
CA GLY B 109 -29.35 10.30 -38.07
C GLY B 109 -29.03 9.05 -38.87
N GLN B 110 -29.79 8.80 -39.94
CA GLN B 110 -29.52 7.68 -40.88
C GLN B 110 -28.17 7.94 -41.52
N GLY B 111 -27.91 9.20 -41.88
CA GLY B 111 -26.70 9.64 -42.60
C GLY B 111 -27.04 10.00 -44.03
N THR B 112 -26.23 10.84 -44.67
CA THR B 112 -26.39 11.20 -46.10
C THR B 112 -25.11 10.84 -46.84
N MET B 113 -25.27 10.19 -47.99
CA MET B 113 -24.15 9.96 -48.94
C MET B 113 -23.90 11.29 -49.66
N VAL B 114 -22.70 11.80 -49.53
CA VAL B 114 -22.21 12.94 -50.35
C VAL B 114 -21.03 12.45 -51.18
N THR B 115 -21.16 12.53 -52.50
CA THR B 115 -20.13 12.11 -53.47
C THR B 115 -19.56 13.38 -54.11
N VAL B 116 -18.24 13.53 -54.05
CA VAL B 116 -17.52 14.64 -54.73
C VAL B 116 -17.09 14.15 -56.11
N SER B 117 -17.61 14.79 -57.16
CA SER B 117 -17.42 14.34 -58.57
C SER B 117 -17.85 15.41 -59.57
N SER B 118 -17.05 15.56 -60.62
CA SER B 118 -17.37 16.37 -61.82
C SER B 118 -18.23 15.56 -62.80
N ALA B 119 -18.53 14.29 -62.49
CA ALA B 119 -19.53 13.48 -63.21
C ALA B 119 -20.93 14.06 -62.95
N SER B 120 -21.83 13.83 -63.91
CA SER B 120 -23.22 14.36 -63.92
C SER B 120 -24.14 13.40 -63.17
N THR B 121 -25.26 13.91 -62.65
CA THR B 121 -26.29 13.08 -61.96
C THR B 121 -26.96 12.24 -63.04
N LYS B 122 -27.30 10.99 -62.73
CA LYS B 122 -28.04 10.09 -63.66
C LYS B 122 -28.95 9.14 -62.89
N GLY B 123 -30.23 9.13 -63.24
CA GLY B 123 -31.24 8.24 -62.64
C GLY B 123 -31.11 6.80 -63.14
N PRO B 124 -31.61 5.82 -62.37
CA PRO B 124 -31.47 4.41 -62.76
C PRO B 124 -32.49 4.02 -63.83
N SER B 125 -32.20 2.91 -64.51
CA SER B 125 -33.17 2.07 -65.28
C SER B 125 -33.49 0.83 -64.45
N VAL B 126 -34.78 0.45 -64.37
CA VAL B 126 -35.22 -0.75 -63.61
C VAL B 126 -35.71 -1.82 -64.60
N PHE B 127 -35.01 -2.94 -64.63
CA PHE B 127 -35.34 -4.14 -65.44
C PHE B 127 -35.80 -5.25 -64.51
N PRO B 128 -36.87 -5.98 -64.86
CA PRO B 128 -37.32 -7.10 -64.04
C PRO B 128 -36.43 -8.33 -64.25
N LEU B 129 -36.06 -8.99 -63.15
CA LEU B 129 -35.49 -10.37 -63.13
C LEU B 129 -36.65 -11.36 -62.97
N ALA B 130 -37.04 -12.00 -64.07
CA ALA B 130 -38.27 -12.82 -64.19
C ALA B 130 -38.00 -14.25 -63.74
N PRO B 131 -38.90 -14.84 -62.92
CA PRO B 131 -38.73 -16.22 -62.45
C PRO B 131 -39.04 -17.29 -63.52
N THR B 140 -39.01 -23.60 -54.00
CA THR B 140 -39.14 -22.11 -54.03
C THR B 140 -38.63 -21.56 -55.36
N ALA B 141 -39.09 -20.35 -55.71
CA ALA B 141 -38.78 -19.66 -56.99
C ALA B 141 -38.32 -18.22 -56.69
N ALA B 142 -37.13 -17.87 -57.19
CA ALA B 142 -36.49 -16.54 -57.00
C ALA B 142 -36.90 -15.60 -58.15
N LEU B 143 -37.11 -14.33 -57.82
CA LEU B 143 -37.42 -13.24 -58.78
C LEU B 143 -36.79 -11.96 -58.24
N GLY B 144 -36.79 -10.86 -59.02
CA GLY B 144 -36.19 -9.61 -58.54
C GLY B 144 -36.19 -8.46 -59.53
N CYS B 145 -35.30 -7.50 -59.27
CA CYS B 145 -35.11 -6.25 -60.04
C CYS B 145 -33.62 -5.99 -60.26
N LEU B 146 -33.29 -5.59 -61.48
CA LEU B 146 -31.95 -5.08 -61.83
C LEU B 146 -32.04 -3.55 -61.94
N VAL B 147 -31.44 -2.84 -60.99
CA VAL B 147 -31.42 -1.35 -60.95
C VAL B 147 -30.10 -0.91 -61.57
N LYS B 148 -30.11 -0.52 -62.84
CA LYS B 148 -28.86 -0.40 -63.64
C LYS B 148 -28.55 1.07 -63.97
N ASP B 149 -27.25 1.36 -64.11
CA ASP B 149 -26.69 2.63 -64.66
C ASP B 149 -27.30 3.84 -63.93
N TYR B 150 -26.87 4.08 -62.68
CA TYR B 150 -27.28 5.28 -61.91
C TYR B 150 -26.09 5.90 -61.20
N PHE B 151 -26.19 7.21 -60.93
CA PHE B 151 -25.14 8.00 -60.24
C PHE B 151 -25.70 9.28 -59.64
N PRO B 152 -25.25 9.69 -58.43
CA PRO B 152 -24.41 8.87 -57.56
C PRO B 152 -25.27 8.06 -56.59
N GLU B 153 -24.61 7.34 -55.69
CA GLU B 153 -25.27 6.62 -54.58
C GLU B 153 -25.92 7.62 -53.64
N PRO B 154 -26.95 7.20 -52.87
CA PRO B 154 -27.49 5.86 -52.92
C PRO B 154 -28.82 5.75 -53.68
N VAL B 155 -29.17 4.53 -54.11
CA VAL B 155 -30.54 4.12 -54.51
C VAL B 155 -31.08 3.25 -53.38
N THR B 156 -32.38 3.28 -53.11
CA THR B 156 -33.04 2.41 -52.11
C THR B 156 -34.20 1.68 -52.78
N VAL B 157 -34.44 0.43 -52.37
CA VAL B 157 -35.45 -0.45 -53.02
C VAL B 157 -36.22 -1.23 -51.94
N SER B 158 -37.56 -1.19 -52.06
CA SER B 158 -38.52 -1.92 -51.19
C SER B 158 -39.56 -2.65 -52.07
N TRP B 159 -40.16 -3.72 -51.53
CA TRP B 159 -41.07 -4.63 -52.28
C TRP B 159 -42.49 -4.50 -51.76
N ASN B 160 -43.44 -4.21 -52.66
CA ASN B 160 -44.88 -4.04 -52.31
C ASN B 160 -44.98 -2.99 -51.20
N SER B 161 -44.27 -1.85 -51.36
CA SER B 161 -44.37 -0.64 -50.51
C SER B 161 -43.93 -0.91 -49.06
N GLY B 162 -43.09 -1.92 -48.84
CA GLY B 162 -42.55 -2.30 -47.52
C GLY B 162 -43.23 -3.53 -46.93
N ALA B 163 -44.34 -3.98 -47.53
CA ALA B 163 -45.16 -5.14 -47.10
C ALA B 163 -44.34 -6.43 -47.14
N LEU B 164 -43.50 -6.60 -48.16
CA LEU B 164 -42.63 -7.79 -48.34
C LEU B 164 -41.22 -7.47 -47.81
N THR B 165 -40.82 -8.12 -46.70
CA THR B 165 -39.47 -8.02 -46.10
C THR B 165 -38.82 -9.41 -45.99
N SER B 166 -39.61 -10.49 -45.94
CA SER B 166 -39.12 -11.86 -45.68
C SER B 166 -38.51 -12.42 -46.96
N GLY B 167 -37.24 -12.85 -46.90
CA GLY B 167 -36.56 -13.51 -48.02
C GLY B 167 -36.08 -12.53 -49.08
N VAL B 168 -36.24 -11.21 -48.87
CA VAL B 168 -35.65 -10.17 -49.77
C VAL B 168 -34.15 -10.11 -49.52
N HIS B 169 -33.38 -9.95 -50.60
CA HIS B 169 -31.93 -9.66 -50.55
C HIS B 169 -31.66 -8.51 -51.52
N THR B 170 -31.51 -7.30 -50.99
CA THR B 170 -30.99 -6.15 -51.76
C THR B 170 -29.48 -6.15 -51.61
N PHE B 171 -28.76 -6.27 -52.73
CA PHE B 171 -27.28 -6.42 -52.76
C PHE B 171 -26.65 -5.04 -52.67
N PRO B 172 -25.42 -4.95 -52.14
CA PRO B 172 -24.62 -3.73 -52.25
C PRO B 172 -24.37 -3.42 -53.74
N ALA B 173 -24.51 -2.14 -54.10
CA ALA B 173 -24.29 -1.62 -55.45
C ALA B 173 -22.84 -1.91 -55.85
N VAL B 174 -22.62 -2.19 -57.12
CA VAL B 174 -21.24 -2.26 -57.69
C VAL B 174 -21.04 -1.03 -58.57
N LEU B 175 -19.82 -0.52 -58.59
CA LEU B 175 -19.38 0.50 -59.56
C LEU B 175 -18.89 -0.23 -60.81
N GLN B 176 -19.39 0.14 -61.98
CA GLN B 176 -19.04 -0.47 -63.29
C GLN B 176 -17.99 0.45 -63.93
N SER B 177 -17.30 -0.03 -64.97
CA SER B 177 -16.34 0.78 -65.75
C SER B 177 -17.05 1.96 -66.45
N SER B 178 -18.39 1.94 -66.55
CA SER B 178 -19.23 3.09 -66.96
C SER B 178 -18.95 4.29 -66.05
N GLY B 179 -18.62 4.04 -64.78
CA GLY B 179 -18.57 5.06 -63.72
C GLY B 179 -19.95 5.23 -63.10
N LEU B 180 -20.86 4.36 -63.49
CA LEU B 180 -22.27 4.35 -63.02
C LEU B 180 -22.45 3.15 -62.12
N TYR B 181 -23.33 3.26 -61.13
CA TYR B 181 -23.66 2.18 -60.17
C TYR B 181 -24.75 1.28 -60.73
N SER B 182 -24.66 0.00 -60.40
CA SER B 182 -25.68 -1.03 -60.70
C SER B 182 -25.88 -1.90 -59.45
N LEU B 183 -27.14 -2.06 -59.08
CA LEU B 183 -27.60 -2.80 -57.88
C LEU B 183 -28.72 -3.76 -58.29
N SER B 184 -28.82 -4.90 -57.62
CA SER B 184 -29.86 -5.92 -57.91
C SER B 184 -30.50 -6.36 -56.59
N SER B 185 -31.83 -6.52 -56.61
CA SER B 185 -32.65 -6.84 -55.42
C SER B 185 -33.55 -8.02 -55.75
N VAL B 186 -33.29 -9.18 -55.15
CA VAL B 186 -34.03 -10.45 -55.39
C VAL B 186 -34.84 -10.79 -54.14
N VAL B 187 -35.88 -11.58 -54.35
CA VAL B 187 -36.75 -12.07 -53.24
C VAL B 187 -37.08 -13.55 -53.52
N THR B 188 -36.92 -14.37 -52.50
CA THR B 188 -37.25 -15.82 -52.54
C THR B 188 -38.73 -15.96 -52.14
N VAL B 189 -39.43 -16.84 -52.84
CA VAL B 189 -40.92 -16.96 -52.78
C VAL B 189 -41.29 -18.39 -53.17
N PRO B 190 -42.43 -18.94 -52.69
CA PRO B 190 -42.87 -20.25 -53.15
C PRO B 190 -43.32 -20.22 -54.63
N SER B 191 -42.96 -21.26 -55.39
CA SER B 191 -43.27 -21.43 -56.83
C SER B 191 -44.79 -21.31 -57.08
N SER B 192 -45.59 -21.85 -56.15
CA SER B 192 -47.08 -21.87 -56.22
C SER B 192 -47.66 -20.45 -56.14
N SER B 193 -46.91 -19.51 -55.58
CA SER B 193 -47.35 -18.10 -55.39
C SER B 193 -47.27 -17.30 -56.69
N LEU B 194 -46.49 -17.74 -57.69
CA LEU B 194 -46.17 -16.97 -58.94
C LEU B 194 -47.47 -16.68 -59.72
N GLY B 195 -48.28 -17.72 -59.94
CA GLY B 195 -49.58 -17.62 -60.64
C GLY B 195 -50.55 -16.73 -59.87
N THR B 196 -50.59 -16.87 -58.55
CA THR B 196 -51.55 -16.18 -57.64
C THR B 196 -51.19 -14.69 -57.51
N GLN B 197 -50.08 -14.38 -56.83
CA GLN B 197 -49.79 -13.04 -56.24
C GLN B 197 -48.91 -12.17 -57.15
N THR B 198 -49.06 -10.84 -57.02
CA THR B 198 -48.32 -9.79 -57.78
C THR B 198 -47.18 -9.20 -56.93
N TYR B 199 -46.07 -8.89 -57.58
CA TYR B 199 -44.80 -8.44 -56.95
C TYR B 199 -44.29 -7.17 -57.64
N ILE B 200 -44.23 -6.09 -56.89
CA ILE B 200 -43.74 -4.76 -57.38
C ILE B 200 -42.52 -4.38 -56.57
N CYS B 201 -41.37 -4.19 -57.24
CA CYS B 201 -40.17 -3.61 -56.61
C CYS B 201 -40.23 -2.10 -56.77
N ASN B 202 -40.12 -1.38 -55.65
CA ASN B 202 -40.24 0.10 -55.57
C ASN B 202 -38.82 0.68 -55.42
N VAL B 203 -38.26 1.19 -56.52
CA VAL B 203 -36.90 1.79 -56.52
C VAL B 203 -37.06 3.30 -56.34
N ASN B 204 -36.19 3.90 -55.52
CA ASN B 204 -36.16 5.37 -55.27
C ASN B 204 -34.70 5.85 -55.30
N HIS B 205 -34.43 6.92 -56.05
CA HIS B 205 -33.08 7.53 -56.22
C HIS B 205 -33.20 9.03 -55.92
N LYS B 206 -32.82 9.47 -54.70
CA LYS B 206 -33.07 10.86 -54.21
C LYS B 206 -32.34 11.88 -55.05
N PRO B 207 -31.04 11.70 -55.42
CA PRO B 207 -30.31 12.69 -56.22
C PRO B 207 -30.86 13.03 -57.63
N SER B 208 -31.74 12.22 -58.22
CA SER B 208 -32.33 12.50 -59.56
C SER B 208 -33.87 12.63 -59.49
N ASN B 209 -34.46 12.64 -58.29
CA ASN B 209 -35.93 12.69 -58.06
C ASN B 209 -36.62 11.63 -58.92
N THR B 210 -36.05 10.42 -58.97
CA THR B 210 -36.59 9.24 -59.70
C THR B 210 -37.27 8.33 -58.68
N LYS B 211 -38.56 8.06 -58.89
CA LYS B 211 -39.30 6.92 -58.27
C LYS B 211 -39.78 6.03 -59.40
N VAL B 212 -39.55 4.73 -59.29
CA VAL B 212 -40.04 3.70 -60.27
C VAL B 212 -40.68 2.56 -59.49
N ASP B 213 -41.77 2.01 -60.04
CA ASP B 213 -42.48 0.81 -59.52
C ASP B 213 -42.59 -0.20 -60.66
N LYS B 214 -41.84 -1.30 -60.58
CA LYS B 214 -41.75 -2.32 -61.66
C LYS B 214 -42.42 -3.60 -61.20
N LYS B 215 -43.51 -3.98 -61.86
CA LYS B 215 -44.17 -5.30 -61.72
C LYS B 215 -43.23 -6.35 -62.32
N VAL B 216 -42.98 -7.42 -61.56
CA VAL B 216 -42.20 -8.60 -62.02
C VAL B 216 -43.16 -9.78 -62.09
N GLU B 217 -43.14 -10.52 -63.19
CA GLU B 217 -44.09 -11.62 -63.50
C GLU B 217 -43.34 -12.76 -64.18
N PRO B 218 -43.89 -14.00 -64.17
CA PRO B 218 -43.24 -15.15 -64.82
C PRO B 218 -43.01 -15.09 -66.34
N LYS B 219 -42.46 -16.18 -66.91
CA LYS B 219 -42.20 -16.35 -68.36
C LYS B 219 -43.36 -15.75 -69.17
N ASP C 1 -4.81 12.85 -33.25
CA ASP C 1 -4.00 13.54 -32.20
C ASP C 1 -3.84 12.62 -30.99
N ILE C 2 -4.87 11.86 -30.65
CA ILE C 2 -4.86 10.77 -29.62
C ILE C 2 -5.20 9.48 -30.35
N GLN C 3 -4.20 8.66 -30.71
CA GLN C 3 -4.43 7.46 -31.54
C GLN C 3 -5.18 6.39 -30.73
N MET C 4 -6.27 5.86 -31.32
CA MET C 4 -7.07 4.75 -30.75
C MET C 4 -6.83 3.49 -31.58
N THR C 5 -6.08 2.55 -31.01
CA THR C 5 -5.68 1.28 -31.67
C THR C 5 -6.62 0.19 -31.16
N GLN C 6 -7.40 -0.39 -32.07
CA GLN C 6 -8.40 -1.45 -31.77
C GLN C 6 -7.87 -2.80 -32.25
N SER C 7 -8.35 -3.91 -31.66
CA SER C 7 -7.91 -5.28 -32.02
C SER C 7 -8.86 -6.32 -31.44
N PRO C 8 -9.08 -7.45 -32.15
CA PRO C 8 -8.61 -7.60 -33.53
C PRO C 8 -9.44 -6.76 -34.50
N SER C 9 -9.02 -6.66 -35.75
CA SER C 9 -9.73 -5.87 -36.80
C SER C 9 -10.88 -6.71 -37.39
N SER C 10 -10.75 -8.03 -37.36
CA SER C 10 -11.76 -9.03 -37.79
C SER C 10 -11.81 -10.15 -36.76
N VAL C 11 -12.96 -10.79 -36.60
CA VAL C 11 -13.13 -11.94 -35.67
C VAL C 11 -14.37 -12.73 -36.07
N SER C 12 -14.28 -14.05 -35.88
CA SER C 12 -15.33 -15.04 -36.22
C SER C 12 -15.45 -16.02 -35.06
N ALA C 13 -16.68 -16.25 -34.60
CA ALA C 13 -16.94 -17.04 -33.38
C ALA C 13 -18.36 -17.58 -33.45
N SER C 14 -18.57 -18.76 -32.88
CA SER C 14 -19.85 -19.51 -32.99
C SER C 14 -20.90 -18.90 -32.08
N VAL C 15 -22.18 -19.08 -32.40
CA VAL C 15 -23.30 -18.66 -31.52
C VAL C 15 -23.08 -19.30 -30.15
N GLY C 16 -23.29 -18.54 -29.07
CA GLY C 16 -23.04 -19.00 -27.69
C GLY C 16 -21.66 -18.60 -27.19
N ASP C 17 -20.69 -18.36 -28.09
CA ASP C 17 -19.29 -18.00 -27.72
C ASP C 17 -19.21 -16.67 -26.96
N ARG C 18 -18.09 -16.47 -26.28
CA ARG C 18 -17.74 -15.21 -25.58
C ARG C 18 -16.68 -14.50 -26.41
N VAL C 19 -17.09 -13.58 -27.28
CA VAL C 19 -16.14 -12.78 -28.12
C VAL C 19 -15.75 -11.51 -27.35
N THR C 20 -14.51 -11.09 -27.53
CA THR C 20 -13.83 -10.10 -26.66
C THR C 20 -12.91 -9.20 -27.51
N ILE C 21 -13.20 -7.89 -27.54
CA ILE C 21 -12.50 -6.85 -28.37
C ILE C 21 -11.77 -5.87 -27.45
N THR C 22 -10.57 -5.43 -27.85
CA THR C 22 -9.71 -4.57 -27.03
C THR C 22 -9.38 -3.27 -27.78
N CYS C 23 -9.58 -2.14 -27.10
CA CYS C 23 -9.18 -0.79 -27.55
C CYS C 23 -8.00 -0.33 -26.68
N ARG C 24 -6.96 0.21 -27.30
CA ARG C 24 -5.75 0.70 -26.62
C ARG C 24 -5.50 2.15 -27.06
N ALA C 25 -5.24 3.04 -26.10
CA ALA C 25 -5.08 4.49 -26.33
C ALA C 25 -3.62 4.90 -26.15
N SER C 26 -3.21 5.96 -26.84
CA SER C 26 -1.83 6.52 -26.79
C SER C 26 -1.68 7.47 -25.59
N GLN C 27 -2.73 7.64 -24.78
CA GLN C 27 -2.74 8.60 -23.65
C GLN C 27 -3.76 8.16 -22.60
N GLY C 28 -3.72 8.80 -21.44
CA GLY C 28 -4.69 8.60 -20.35
C GLY C 28 -6.04 9.18 -20.71
N ILE C 29 -6.95 8.34 -21.20
CA ILE C 29 -8.38 8.70 -21.42
C ILE C 29 -9.10 8.72 -20.06
N SER C 30 -8.62 7.93 -19.10
CA SER C 30 -9.33 7.68 -17.82
C SER C 30 -10.65 6.93 -18.13
N SER C 31 -11.77 7.63 -18.24
CA SER C 31 -13.11 6.99 -18.38
C SER C 31 -13.85 7.44 -19.64
N TRP C 32 -13.40 8.49 -20.34
CA TRP C 32 -14.14 9.10 -21.48
C TRP C 32 -14.06 8.20 -22.72
N LEU C 33 -14.81 7.09 -22.68
CA LEU C 33 -14.87 6.10 -23.78
C LEU C 33 -16.31 5.64 -23.95
N ALA C 34 -16.73 5.48 -25.20
CA ALA C 34 -17.96 4.76 -25.55
C ALA C 34 -17.64 3.63 -26.52
N TRP C 35 -18.49 2.60 -26.54
CA TRP C 35 -18.44 1.48 -27.50
C TRP C 35 -19.66 1.56 -28.41
N TYR C 36 -19.44 1.52 -29.72
CA TYR C 36 -20.52 1.59 -30.74
C TYR C 36 -20.61 0.29 -31.54
N GLN C 37 -21.83 -0.08 -31.90
CA GLN C 37 -22.15 -1.22 -32.81
C GLN C 37 -22.78 -0.63 -34.09
N GLN C 38 -22.16 -0.89 -35.24
CA GLN C 38 -22.66 -0.44 -36.56
C GLN C 38 -22.99 -1.68 -37.40
N LYS C 39 -24.29 -2.01 -37.49
CA LYS C 39 -24.85 -2.90 -38.55
C LYS C 39 -24.50 -2.28 -39.90
N PRO C 40 -24.48 -3.05 -41.01
CA PRO C 40 -24.00 -2.51 -42.28
C PRO C 40 -25.08 -1.63 -42.92
N GLY C 41 -24.69 -0.49 -43.50
CA GLY C 41 -25.60 0.54 -44.05
C GLY C 41 -26.57 1.07 -43.01
N LYS C 42 -26.08 1.31 -41.79
CA LYS C 42 -26.89 1.85 -40.67
C LYS C 42 -26.05 2.85 -39.88
N ALA C 43 -26.70 3.58 -38.98
CA ALA C 43 -26.03 4.49 -38.05
C ALA C 43 -25.39 3.68 -36.94
N PRO C 44 -24.19 4.05 -36.45
CA PRO C 44 -23.68 3.49 -35.21
C PRO C 44 -24.70 3.62 -34.07
N LYS C 45 -24.80 2.59 -33.25
CA LYS C 45 -25.69 2.53 -32.08
C LYS C 45 -24.80 2.45 -30.83
N LEU C 46 -25.06 3.32 -29.86
CA LEU C 46 -24.34 3.37 -28.56
C LEU C 46 -24.68 2.11 -27.76
N LEU C 47 -23.66 1.41 -27.27
CA LEU C 47 -23.81 0.22 -26.39
C LEU C 47 -23.35 0.55 -24.97
N ILE C 48 -22.12 1.03 -24.85
CA ILE C 48 -21.45 1.32 -23.56
C ILE C 48 -20.97 2.76 -23.63
N TYR C 49 -21.11 3.51 -22.53
CA TYR C 49 -20.45 4.82 -22.34
C TYR C 49 -19.65 4.74 -21.03
N ALA C 50 -18.76 5.71 -20.80
CA ALA C 50 -17.94 5.78 -19.58
C ALA C 50 -17.19 4.46 -19.39
N ALA C 51 -16.67 3.87 -20.47
CA ALA C 51 -15.85 2.63 -20.50
C ALA C 51 -16.66 1.39 -20.08
N SER C 52 -17.63 1.49 -19.17
CA SER C 52 -18.31 0.32 -18.55
C SER C 52 -19.78 0.54 -18.18
N SER C 53 -20.40 1.69 -18.46
CA SER C 53 -21.87 1.90 -18.25
C SER C 53 -22.64 1.38 -19.47
N LEU C 54 -23.46 0.36 -19.27
CA LEU C 54 -24.33 -0.24 -20.33
C LEU C 54 -25.47 0.73 -20.68
N GLN C 55 -25.69 0.97 -21.97
CA GLN C 55 -26.75 1.89 -22.46
C GLN C 55 -28.11 1.29 -22.09
N SER C 56 -29.11 2.18 -21.94
CA SER C 56 -30.51 1.91 -21.52
C SER C 56 -31.08 0.67 -22.24
N GLY C 57 -31.10 0.65 -23.57
CA GLY C 57 -31.86 -0.34 -24.36
C GLY C 57 -31.12 -1.67 -24.56
N VAL C 58 -29.87 -1.78 -24.12
CA VAL C 58 -28.88 -2.78 -24.63
C VAL C 58 -28.97 -4.09 -23.84
N PRO C 59 -28.81 -5.26 -24.51
CA PRO C 59 -28.69 -6.55 -23.81
C PRO C 59 -27.52 -6.68 -22.83
N SER C 60 -27.79 -7.31 -21.69
CA SER C 60 -26.85 -7.51 -20.56
C SER C 60 -25.64 -8.36 -20.98
N ARG C 61 -25.77 -9.15 -22.07
CA ARG C 61 -24.66 -10.01 -22.59
C ARG C 61 -23.50 -9.14 -23.09
N PHE C 62 -23.77 -7.89 -23.45
CA PHE C 62 -22.72 -6.89 -23.70
C PHE C 62 -22.17 -6.37 -22.37
N SER C 63 -20.88 -6.08 -22.34
CA SER C 63 -20.24 -5.34 -21.24
C SER C 63 -18.80 -5.00 -21.62
N GLY C 64 -18.30 -3.91 -21.05
CA GLY C 64 -16.91 -3.48 -21.24
C GLY C 64 -16.30 -3.06 -19.93
N SER C 65 -14.98 -2.91 -19.93
CA SER C 65 -14.21 -2.40 -18.78
C SER C 65 -12.89 -1.84 -19.27
N GLY C 66 -12.13 -1.28 -18.33
CA GLY C 66 -10.81 -0.70 -18.58
C GLY C 66 -10.73 0.70 -18.01
N SER C 67 -9.52 1.23 -17.94
CA SER C 67 -9.26 2.60 -17.43
C SER C 67 -7.87 3.05 -17.88
N GLY C 68 -7.72 4.34 -18.13
CA GLY C 68 -6.45 4.92 -18.59
C GLY C 68 -6.26 4.68 -20.08
N THR C 69 -5.49 3.64 -20.44
CA THR C 69 -5.06 3.39 -21.84
C THR C 69 -5.81 2.20 -22.43
N ASP C 70 -5.90 1.09 -21.70
CA ASP C 70 -6.40 -0.21 -22.24
C ASP C 70 -7.83 -0.46 -21.76
N PHE C 71 -8.74 -0.62 -22.72
CA PHE C 71 -10.17 -0.93 -22.51
C PHE C 71 -10.51 -2.18 -23.29
N THR C 72 -11.50 -2.94 -22.84
CA THR C 72 -12.03 -4.08 -23.62
C THR C 72 -13.56 -4.08 -23.58
N LEU C 73 -14.15 -4.67 -24.61
CA LEU C 73 -15.62 -4.92 -24.77
C LEU C 73 -15.80 -6.42 -24.97
N THR C 74 -16.72 -7.03 -24.23
CA THR C 74 -17.00 -8.48 -24.29
C THR C 74 -18.48 -8.71 -24.52
N ILE C 75 -18.80 -9.47 -25.56
CA ILE C 75 -20.14 -10.08 -25.73
C ILE C 75 -20.04 -11.46 -25.09
N SER C 76 -20.69 -11.66 -23.95
CA SER C 76 -20.56 -12.86 -23.08
C SER C 76 -21.09 -14.09 -23.83
N SER C 77 -22.25 -13.97 -24.49
CA SER C 77 -22.91 -15.08 -25.23
C SER C 77 -23.36 -14.59 -26.61
N LEU C 78 -22.56 -14.83 -27.65
CA LEU C 78 -22.73 -14.23 -29.01
C LEU C 78 -24.05 -14.68 -29.64
N GLN C 79 -24.67 -13.78 -30.39
CA GLN C 79 -25.96 -14.02 -31.10
C GLN C 79 -25.84 -13.66 -32.58
N PRO C 80 -26.66 -14.27 -33.47
CA PRO C 80 -26.64 -13.96 -34.89
C PRO C 80 -26.92 -12.50 -35.25
N GLU C 81 -27.66 -11.80 -34.39
CA GLU C 81 -28.00 -10.36 -34.58
C GLU C 81 -26.77 -9.51 -34.24
N ASP C 82 -25.85 -10.01 -33.42
CA ASP C 82 -24.67 -9.26 -32.90
C ASP C 82 -23.59 -9.16 -33.99
N PHE C 83 -23.84 -9.69 -35.19
CA PHE C 83 -23.07 -9.40 -36.41
C PHE C 83 -23.03 -7.88 -36.64
N ALA C 84 -21.84 -7.28 -36.61
CA ALA C 84 -21.65 -5.83 -36.87
C ALA C 84 -20.16 -5.48 -36.92
N THR C 85 -19.86 -4.21 -37.23
CA THR C 85 -18.53 -3.62 -36.99
C THR C 85 -18.62 -2.80 -35.70
N TYR C 86 -17.65 -2.98 -34.80
CA TYR C 86 -17.64 -2.39 -33.44
C TYR C 86 -16.55 -1.33 -33.37
N TYR C 87 -16.84 -0.19 -32.72
CA TYR C 87 -15.93 0.97 -32.62
C TYR C 87 -15.82 1.45 -31.16
N CYS C 88 -14.60 1.79 -30.73
CA CYS C 88 -14.33 2.55 -29.49
C CYS C 88 -14.15 4.02 -29.87
N LEU C 89 -14.80 4.92 -29.14
CA LEU C 89 -14.63 6.40 -29.27
C LEU C 89 -14.02 6.97 -27.99
N GLN C 90 -13.11 7.93 -28.16
CA GLN C 90 -12.42 8.68 -27.06
C GLN C 90 -12.89 10.13 -27.10
N ALA C 91 -13.17 10.72 -25.94
CA ALA C 91 -13.65 12.12 -25.84
C ALA C 91 -13.07 12.77 -24.58
N ASN C 92 -11.88 12.35 -24.17
CA ASN C 92 -11.15 12.96 -23.04
C ASN C 92 -10.48 14.25 -23.50
N SER C 93 -10.18 14.34 -24.81
CA SER C 93 -9.34 15.42 -25.39
C SER C 93 -9.57 15.52 -26.89
N PHE C 94 -9.68 16.75 -27.39
CA PHE C 94 -10.14 17.06 -28.77
C PHE C 94 -8.94 16.94 -29.71
N PRO C 95 -9.17 16.54 -30.97
CA PRO C 95 -10.49 16.12 -31.45
C PRO C 95 -10.85 14.75 -30.90
N PRO C 96 -12.14 14.45 -30.63
CA PRO C 96 -12.57 13.05 -30.42
C PRO C 96 -12.03 12.15 -31.54
N THR C 97 -11.70 10.91 -31.19
CA THR C 97 -11.02 9.95 -32.09
C THR C 97 -11.65 8.57 -31.91
N PHE C 98 -12.02 7.93 -33.02
CA PHE C 98 -12.58 6.55 -33.04
C PHE C 98 -11.45 5.57 -33.29
N GLY C 99 -11.65 4.32 -32.86
CA GLY C 99 -10.74 3.20 -33.18
C GLY C 99 -10.84 2.78 -34.62
N GLY C 100 -9.95 1.88 -35.06
CA GLY C 100 -9.94 1.27 -36.40
C GLY C 100 -11.25 0.58 -36.73
N GLY C 101 -11.77 -0.20 -35.79
CA GLY C 101 -13.02 -0.96 -35.96
C GLY C 101 -12.75 -2.45 -35.87
N THR C 102 -13.70 -3.21 -35.34
CA THR C 102 -13.61 -4.68 -35.23
C THR C 102 -14.84 -5.31 -35.89
N LYS C 103 -14.65 -6.02 -37.00
CA LYS C 103 -15.75 -6.72 -37.68
C LYS C 103 -15.99 -8.03 -36.92
N VAL C 104 -17.25 -8.31 -36.59
CA VAL C 104 -17.63 -9.55 -35.85
C VAL C 104 -18.55 -10.38 -36.74
N GLU C 105 -18.07 -11.54 -37.18
CA GLU C 105 -18.83 -12.53 -38.00
C GLU C 105 -19.23 -13.72 -37.11
N ILE C 106 -20.28 -14.43 -37.54
CA ILE C 106 -20.79 -15.65 -36.84
C ILE C 106 -20.34 -16.88 -37.64
N LYS C 107 -19.83 -17.89 -36.92
CA LYS C 107 -19.53 -19.27 -37.43
C LYS C 107 -20.83 -20.07 -37.42
N ARG C 108 -21.05 -20.91 -38.43
CA ARG C 108 -22.25 -21.79 -38.49
C ARG C 108 -21.99 -23.00 -39.40
N THR C 109 -22.94 -23.94 -39.42
CA THR C 109 -22.95 -25.16 -40.27
C THR C 109 -22.76 -24.77 -41.74
N VAL C 110 -22.02 -25.58 -42.49
CA VAL C 110 -21.89 -25.45 -43.98
C VAL C 110 -23.29 -25.55 -44.60
N ALA C 111 -23.72 -24.49 -45.27
CA ALA C 111 -24.98 -24.45 -46.06
C ALA C 111 -24.60 -24.24 -47.52
N ALA C 112 -25.01 -25.15 -48.40
CA ALA C 112 -24.79 -25.04 -49.86
C ALA C 112 -25.81 -24.06 -50.42
N PRO C 113 -25.45 -23.31 -51.48
CA PRO C 113 -26.35 -22.31 -52.08
C PRO C 113 -27.46 -22.82 -53.02
N SER C 114 -28.66 -22.24 -52.92
CA SER C 114 -29.72 -22.30 -53.96
C SER C 114 -29.29 -21.43 -55.15
N VAL C 115 -28.94 -22.03 -56.29
CA VAL C 115 -28.43 -21.32 -57.50
C VAL C 115 -29.57 -21.07 -58.50
N PHE C 116 -29.72 -19.82 -58.93
CA PHE C 116 -30.68 -19.38 -59.98
C PHE C 116 -29.93 -18.62 -61.08
N ILE C 117 -30.56 -18.48 -62.25
CA ILE C 117 -29.97 -17.75 -63.40
C ILE C 117 -31.09 -16.99 -64.12
N PHE C 118 -30.86 -15.73 -64.45
CA PHE C 118 -31.84 -14.81 -65.08
C PHE C 118 -31.30 -14.36 -66.44
N PRO C 119 -31.97 -14.72 -67.55
CA PRO C 119 -31.64 -14.15 -68.85
C PRO C 119 -32.01 -12.67 -68.89
N PRO C 120 -31.36 -11.86 -69.75
CA PRO C 120 -31.67 -10.44 -69.82
C PRO C 120 -33.12 -10.23 -70.29
N SER C 121 -33.78 -9.19 -69.80
CA SER C 121 -35.15 -8.78 -70.21
C SER C 121 -35.08 -8.15 -71.59
N ASP C 122 -36.10 -8.36 -72.43
CA ASP C 122 -36.27 -7.65 -73.73
C ASP C 122 -36.18 -6.13 -73.48
N GLU C 123 -36.93 -5.64 -72.49
CA GLU C 123 -36.92 -4.22 -72.05
C GLU C 123 -35.48 -3.69 -72.09
N GLN C 124 -34.54 -4.43 -71.52
CA GLN C 124 -33.09 -4.07 -71.47
C GLN C 124 -32.42 -4.26 -72.84
N LEU C 125 -32.68 -5.38 -73.52
CA LEU C 125 -32.04 -5.70 -74.83
C LEU C 125 -32.38 -4.63 -75.88
N LYS C 126 -33.56 -4.01 -75.78
CA LYS C 126 -33.93 -2.88 -76.67
C LYS C 126 -32.94 -1.74 -76.46
N SER C 127 -32.66 -1.41 -75.20
CA SER C 127 -31.78 -0.28 -74.80
C SER C 127 -30.35 -0.48 -75.33
N GLY C 128 -29.95 -1.72 -75.62
CA GLY C 128 -28.77 -2.03 -76.46
C GLY C 128 -27.72 -2.85 -75.74
N THR C 129 -28.10 -3.55 -74.68
CA THR C 129 -27.15 -4.14 -73.71
C THR C 129 -27.83 -5.28 -72.93
N ALA C 130 -27.09 -6.33 -72.61
CA ALA C 130 -27.63 -7.60 -72.06
C ALA C 130 -26.93 -7.96 -70.74
N SER C 131 -27.64 -7.81 -69.62
CA SER C 131 -27.19 -8.21 -68.26
C SER C 131 -27.72 -9.60 -67.93
N VAL C 132 -26.82 -10.54 -67.66
CA VAL C 132 -27.13 -11.94 -67.23
C VAL C 132 -26.75 -12.09 -65.77
N VAL C 133 -27.71 -12.44 -64.91
CA VAL C 133 -27.51 -12.46 -63.43
C VAL C 133 -27.55 -13.88 -62.90
N CYS C 134 -26.49 -14.31 -62.22
CA CYS C 134 -26.41 -15.60 -61.48
C CYS C 134 -26.49 -15.33 -59.97
N LEU C 135 -27.52 -15.87 -59.32
CA LEU C 135 -27.80 -15.64 -57.88
C LEU C 135 -27.52 -16.93 -57.07
N LEU C 136 -26.60 -16.85 -56.10
CA LEU C 136 -26.41 -17.89 -55.05
C LEU C 136 -27.14 -17.41 -53.79
N ASN C 137 -27.93 -18.27 -53.16
CA ASN C 137 -28.90 -17.82 -52.12
C ASN C 137 -28.70 -18.61 -50.82
N ASN C 138 -28.55 -17.90 -49.69
CA ASN C 138 -28.53 -18.44 -48.30
C ASN C 138 -27.47 -19.54 -48.17
N PHE C 139 -26.18 -19.19 -48.06
CA PHE C 139 -25.08 -20.16 -47.90
C PHE C 139 -24.05 -19.69 -46.87
N TYR C 140 -23.28 -20.64 -46.35
CA TYR C 140 -22.08 -20.42 -45.48
C TYR C 140 -21.03 -21.46 -45.83
N PRO C 141 -19.71 -21.14 -45.85
CA PRO C 141 -19.20 -19.80 -45.59
C PRO C 141 -19.28 -18.87 -46.82
N ARG C 142 -18.86 -17.60 -46.65
CA ARG C 142 -19.01 -16.57 -47.71
C ARG C 142 -18.12 -16.93 -48.89
N GLU C 143 -16.96 -17.53 -48.63
CA GLU C 143 -15.98 -17.87 -49.70
C GLU C 143 -16.67 -18.80 -50.70
N ALA C 144 -17.05 -18.26 -51.86
CA ALA C 144 -17.72 -18.97 -53.00
C ALA C 144 -16.91 -18.73 -54.28
N LYS C 145 -17.40 -19.15 -55.45
CA LYS C 145 -16.69 -18.96 -56.74
C LYS C 145 -17.61 -19.28 -57.92
N VAL C 146 -18.04 -18.23 -58.62
CA VAL C 146 -18.91 -18.30 -59.83
C VAL C 146 -18.04 -18.15 -61.07
N GLN C 147 -18.24 -19.01 -62.05
CA GLN C 147 -17.53 -18.99 -63.36
C GLN C 147 -18.56 -18.91 -64.50
N TRP C 148 -18.50 -17.83 -65.28
CA TRP C 148 -19.37 -17.63 -66.47
C TRP C 148 -18.80 -18.36 -67.69
N LYS C 149 -19.68 -19.09 -68.36
CA LYS C 149 -19.39 -19.82 -69.63
C LYS C 149 -20.48 -19.48 -70.64
N VAL C 150 -20.10 -18.85 -71.76
CA VAL C 150 -21.01 -18.65 -72.92
C VAL C 150 -20.49 -19.50 -74.08
N ASP C 151 -21.38 -20.31 -74.66
CA ASP C 151 -21.04 -21.34 -75.67
C ASP C 151 -19.85 -22.15 -75.13
N ASN C 152 -19.89 -22.47 -73.83
CA ASN C 152 -18.89 -23.31 -73.10
C ASN C 152 -17.47 -22.74 -73.27
N ALA C 153 -17.34 -21.42 -73.30
CA ALA C 153 -16.05 -20.70 -73.23
C ALA C 153 -16.01 -19.94 -71.91
N LEU C 154 -14.91 -20.01 -71.17
CA LEU C 154 -14.78 -19.29 -69.87
C LEU C 154 -14.69 -17.78 -70.13
N GLN C 155 -15.24 -16.98 -69.21
CA GLN C 155 -15.27 -15.50 -69.29
C GLN C 155 -14.33 -14.89 -68.26
N SER C 156 -13.66 -13.79 -68.64
CA SER C 156 -12.63 -13.09 -67.83
C SER C 156 -12.83 -11.57 -67.89
N GLY C 157 -13.00 -10.93 -66.72
CA GLY C 157 -13.22 -9.48 -66.58
C GLY C 157 -14.54 -9.02 -67.19
N ASN C 158 -15.42 -9.97 -67.51
CA ASN C 158 -16.74 -9.72 -68.13
C ASN C 158 -17.75 -9.38 -67.05
N SER C 159 -17.73 -10.18 -65.99
CA SER C 159 -18.73 -10.13 -64.89
C SER C 159 -18.16 -9.39 -63.70
N GLN C 160 -19.03 -9.02 -62.77
CA GLN C 160 -18.64 -8.57 -61.40
C GLN C 160 -19.67 -9.06 -60.38
N GLU C 161 -19.18 -9.29 -59.16
CA GLU C 161 -19.94 -9.94 -58.08
C GLU C 161 -20.26 -8.92 -57.00
N SER C 162 -21.21 -9.29 -56.16
CA SER C 162 -21.68 -8.49 -55.01
C SER C 162 -22.30 -9.48 -54.03
N VAL C 163 -21.89 -9.40 -52.77
CA VAL C 163 -22.27 -10.39 -51.74
C VAL C 163 -22.83 -9.62 -50.54
N THR C 164 -23.98 -10.07 -50.03
CA THR C 164 -24.68 -9.41 -48.89
C THR C 164 -23.82 -9.59 -47.63
N GLU C 165 -24.04 -8.71 -46.66
CA GLU C 165 -23.50 -8.86 -45.30
C GLU C 165 -24.37 -9.92 -44.60
N GLN C 166 -23.84 -10.51 -43.52
CA GLN C 166 -24.43 -11.70 -42.85
C GLN C 166 -25.86 -11.42 -42.39
N ASP C 167 -26.70 -12.45 -42.47
CA ASP C 167 -28.09 -12.41 -41.97
C ASP C 167 -28.06 -12.36 -40.43
N SER C 168 -29.10 -11.78 -39.84
CA SER C 168 -29.29 -11.60 -38.38
C SER C 168 -30.02 -12.80 -37.76
N LYS C 169 -30.47 -13.78 -38.55
CA LYS C 169 -31.25 -14.95 -38.04
C LYS C 169 -30.52 -16.25 -38.36
N ASP C 170 -30.40 -16.59 -39.64
CA ASP C 170 -29.74 -17.85 -40.10
C ASP C 170 -28.25 -17.61 -40.38
N SER C 171 -27.69 -16.45 -40.04
CA SER C 171 -26.23 -16.15 -40.08
C SER C 171 -25.61 -16.66 -41.39
N THR C 172 -26.32 -16.43 -42.48
CA THR C 172 -26.07 -17.00 -43.83
C THR C 172 -25.80 -15.85 -44.80
N TYR C 173 -25.09 -16.11 -45.89
CA TYR C 173 -24.79 -15.10 -46.93
C TYR C 173 -25.62 -15.34 -48.19
N SER C 174 -25.60 -14.36 -49.09
CA SER C 174 -26.18 -14.43 -50.46
C SER C 174 -25.29 -13.61 -51.38
N LEU C 175 -25.08 -14.08 -52.61
CA LEU C 175 -24.17 -13.46 -53.61
C LEU C 175 -24.91 -13.30 -54.94
N SER C 176 -24.57 -12.27 -55.70
CA SER C 176 -25.08 -12.05 -57.08
C SER C 176 -23.88 -11.75 -57.99
N SER C 177 -23.76 -12.53 -59.06
CA SER C 177 -22.84 -12.24 -60.19
C SER C 177 -23.64 -11.60 -61.33
N THR C 178 -23.01 -10.72 -62.09
CA THR C 178 -23.61 -10.08 -63.27
C THR C 178 -22.62 -10.11 -64.44
N LEU C 179 -22.94 -10.89 -65.46
CA LEU C 179 -22.21 -10.90 -66.76
C LEU C 179 -22.84 -9.84 -67.65
N THR C 180 -22.07 -8.83 -68.08
CA THR C 180 -22.59 -7.76 -68.95
C THR C 180 -21.99 -7.89 -70.35
N LEU C 181 -22.84 -7.96 -71.38
CA LEU C 181 -22.48 -8.01 -72.82
C LEU C 181 -23.18 -6.87 -73.55
N SER C 182 -22.67 -6.51 -74.73
CA SER C 182 -23.44 -5.70 -75.71
C SER C 182 -24.57 -6.59 -76.22
N LYS C 183 -25.65 -5.99 -76.73
CA LYS C 183 -26.80 -6.74 -77.30
C LYS C 183 -26.30 -7.62 -78.45
N ALA C 184 -25.46 -7.05 -79.33
CA ALA C 184 -24.94 -7.73 -80.54
C ALA C 184 -24.09 -8.94 -80.13
N ASP C 185 -23.26 -8.77 -79.10
CA ASP C 185 -22.43 -9.88 -78.53
C ASP C 185 -23.35 -10.97 -77.98
N TYR C 186 -24.44 -10.60 -77.30
CA TYR C 186 -25.36 -11.55 -76.61
C TYR C 186 -26.10 -12.39 -77.64
N GLU C 187 -26.42 -11.80 -78.79
CA GLU C 187 -27.18 -12.50 -79.86
C GLU C 187 -26.25 -13.41 -80.69
N LYS C 188 -24.92 -13.22 -80.66
CA LYS C 188 -23.95 -14.08 -81.37
C LYS C 188 -23.94 -15.52 -80.80
N HIS C 189 -24.12 -15.67 -79.49
CA HIS C 189 -23.98 -16.96 -78.76
C HIS C 189 -25.35 -17.47 -78.28
N LYS C 190 -25.48 -18.79 -78.06
CA LYS C 190 -26.77 -19.40 -77.63
C LYS C 190 -26.70 -19.92 -76.18
N VAL C 191 -25.63 -20.59 -75.78
CA VAL C 191 -25.58 -21.28 -74.44
C VAL C 191 -24.92 -20.36 -73.38
N TYR C 192 -25.68 -19.99 -72.36
CA TYR C 192 -25.25 -19.12 -71.23
C TYR C 192 -25.31 -19.88 -69.90
N ALA C 193 -24.22 -19.91 -69.14
CA ALA C 193 -24.09 -20.81 -67.96
C ALA C 193 -23.12 -20.25 -66.89
N CYS C 194 -23.57 -20.21 -65.63
CA CYS C 194 -22.71 -19.91 -64.45
C CYS C 194 -22.45 -21.20 -63.66
N GLU C 195 -21.17 -21.52 -63.45
CA GLU C 195 -20.68 -22.75 -62.74
C GLU C 195 -20.23 -22.40 -61.31
N VAL C 196 -21.05 -22.73 -60.33
CA VAL C 196 -20.85 -22.44 -58.87
C VAL C 196 -19.97 -23.54 -58.26
N THR C 197 -18.80 -23.17 -57.75
CA THR C 197 -17.96 -24.05 -56.91
C THR C 197 -18.00 -23.50 -55.48
N HIS C 198 -18.35 -24.34 -54.50
CA HIS C 198 -18.55 -23.98 -53.07
C HIS C 198 -18.39 -25.22 -52.16
N GLN C 199 -17.91 -25.00 -50.94
CA GLN C 199 -17.59 -26.05 -49.93
C GLN C 199 -18.81 -26.94 -49.62
N GLY C 200 -20.02 -26.37 -49.60
CA GLY C 200 -21.26 -27.09 -49.28
C GLY C 200 -21.71 -28.05 -50.37
N LEU C 201 -21.25 -27.83 -51.61
CA LEU C 201 -21.65 -28.63 -52.81
C LEU C 201 -20.69 -29.81 -52.99
N SER C 202 -21.25 -31.01 -53.25
CA SER C 202 -20.53 -32.25 -53.62
C SER C 202 -19.47 -31.94 -54.69
N SER C 203 -19.92 -31.47 -55.86
CA SER C 203 -19.09 -31.02 -57.02
C SER C 203 -19.75 -29.83 -57.71
N PRO C 204 -18.98 -28.96 -58.41
CA PRO C 204 -19.49 -27.75 -59.04
C PRO C 204 -20.89 -27.87 -59.67
N VAL C 205 -21.85 -27.06 -59.21
CA VAL C 205 -23.22 -26.96 -59.81
C VAL C 205 -23.16 -25.94 -60.95
N THR C 206 -23.48 -26.37 -62.17
CA THR C 206 -23.74 -25.44 -63.31
C THR C 206 -25.24 -25.14 -63.35
N LYS C 207 -25.59 -23.92 -63.76
CA LYS C 207 -26.98 -23.49 -64.09
C LYS C 207 -26.89 -22.75 -65.42
N SER C 208 -27.64 -23.20 -66.41
CA SER C 208 -27.51 -22.78 -67.82
C SER C 208 -28.89 -22.51 -68.42
N PHE C 209 -28.94 -21.62 -69.42
CA PHE C 209 -30.13 -21.40 -70.29
C PHE C 209 -29.66 -21.24 -71.75
N ASN C 210 -30.61 -21.46 -72.66
CA ASN C 210 -30.44 -21.30 -74.13
C ASN C 210 -31.19 -20.04 -74.56
N ARG C 211 -30.52 -19.11 -75.25
CA ARG C 211 -31.08 -17.80 -75.65
C ARG C 211 -32.32 -18.00 -76.54
N GLY C 212 -33.53 -17.86 -75.97
CA GLY C 212 -34.80 -18.18 -76.63
C GLY C 212 -35.40 -19.48 -76.13
N TYR D 17 -18.32 -33.09 -12.02
CA TYR D 17 -18.64 -31.68 -11.71
C TYR D 17 -17.58 -30.76 -12.31
N GLN D 18 -17.96 -29.96 -13.33
CA GLN D 18 -17.16 -28.80 -13.82
C GLN D 18 -17.48 -27.56 -12.96
N LEU D 19 -16.80 -27.45 -11.81
CA LEU D 19 -16.60 -26.19 -11.04
C LEU D 19 -15.15 -25.74 -11.25
N PRO D 20 -14.86 -24.42 -11.29
CA PRO D 20 -13.47 -23.96 -11.44
C PRO D 20 -12.57 -24.53 -10.33
N ASN D 21 -11.41 -25.07 -10.69
CA ASN D 21 -10.56 -25.87 -9.76
C ASN D 21 -9.09 -25.65 -10.09
N PHE D 22 -8.22 -25.89 -9.11
CA PHE D 22 -6.75 -26.02 -9.27
C PHE D 22 -6.21 -27.05 -8.27
N THR D 23 -5.60 -28.12 -8.78
CA THR D 23 -4.82 -29.11 -7.99
C THR D 23 -3.36 -28.65 -7.98
N ALA D 24 -2.74 -28.63 -6.79
CA ALA D 24 -1.35 -28.20 -6.57
C ALA D 24 -0.42 -29.41 -6.55
N GLU D 25 0.87 -29.17 -6.80
CA GLU D 25 1.97 -30.17 -6.69
C GLU D 25 2.05 -30.69 -5.26
N THR D 26 1.75 -29.83 -4.27
CA THR D 26 1.95 -30.08 -2.82
C THR D 26 0.72 -29.64 -2.04
N PRO D 27 0.47 -30.18 -0.82
CA PRO D 27 -0.69 -29.82 -0.01
C PRO D 27 -0.82 -28.33 0.31
N ILE D 28 -2.06 -27.82 0.30
CA ILE D 28 -2.35 -26.37 0.49
C ILE D 28 -2.76 -26.15 1.95
N GLN D 29 -2.11 -25.20 2.63
CA GLN D 29 -2.39 -24.86 4.04
C GLN D 29 -3.30 -23.63 4.10
N ASN D 30 -2.84 -22.47 3.62
CA ASN D 30 -3.55 -21.17 3.76
C ASN D 30 -3.93 -20.60 2.38
N VAL D 31 -4.80 -19.59 2.37
CA VAL D 31 -5.21 -18.87 1.14
C VAL D 31 -5.70 -17.46 1.48
N ILE D 32 -5.32 -16.48 0.65
CA ILE D 32 -5.76 -15.06 0.77
C ILE D 32 -6.09 -14.53 -0.62
N LEU D 33 -7.15 -13.73 -0.71
CA LEU D 33 -7.62 -13.09 -1.96
C LEU D 33 -7.23 -11.62 -1.93
N HIS D 34 -6.53 -11.14 -2.97
CA HIS D 34 -5.98 -9.76 -3.03
C HIS D 34 -5.83 -9.29 -4.49
N GLU D 35 -6.48 -8.16 -4.82
CA GLU D 35 -6.36 -7.47 -6.13
C GLU D 35 -6.61 -8.46 -7.26
N HIS D 36 -7.74 -9.16 -7.19
CA HIS D 36 -8.26 -10.08 -8.25
C HIS D 36 -7.26 -11.20 -8.51
N HIS D 37 -6.55 -11.63 -7.47
CA HIS D 37 -5.62 -12.80 -7.50
C HIS D 37 -5.81 -13.63 -6.24
N ILE D 38 -5.84 -14.95 -6.38
CA ILE D 38 -5.83 -15.91 -5.24
C ILE D 38 -4.37 -16.30 -4.98
N PHE D 39 -3.92 -16.20 -3.72
CA PHE D 39 -2.55 -16.59 -3.29
C PHE D 39 -2.63 -17.84 -2.41
N LEU D 40 -2.16 -18.99 -2.90
CA LEU D 40 -2.19 -20.28 -2.15
C LEU D 40 -0.89 -20.43 -1.36
N GLY D 41 -1.00 -20.58 -0.04
CA GLY D 41 0.12 -20.98 0.83
C GLY D 41 0.18 -22.48 0.93
N ALA D 42 1.12 -23.11 0.24
CA ALA D 42 1.26 -24.59 0.17
C ALA D 42 2.68 -25.01 0.54
N THR D 43 2.86 -26.26 0.90
CA THR D 43 4.19 -26.82 1.21
C THR D 43 5.12 -26.43 0.05
N ASN D 44 6.21 -25.74 0.38
CA ASN D 44 7.35 -25.43 -0.53
C ASN D 44 6.93 -24.47 -1.65
N TYR D 45 5.68 -24.03 -1.70
CA TYR D 45 5.21 -23.16 -2.81
C TYR D 45 4.18 -22.13 -2.32
N ILE D 46 4.36 -20.89 -2.78
CA ILE D 46 3.28 -19.89 -2.88
C ILE D 46 2.83 -19.87 -4.34
N TYR D 47 1.61 -20.31 -4.61
CA TYR D 47 0.97 -20.24 -5.95
C TYR D 47 0.17 -18.93 -6.08
N VAL D 48 0.14 -18.34 -7.28
CA VAL D 48 -0.72 -17.15 -7.58
C VAL D 48 -1.71 -17.51 -8.70
N LEU D 49 -3.00 -17.58 -8.38
CA LEU D 49 -4.07 -17.98 -9.33
C LEU D 49 -4.82 -16.74 -9.83
N ASN D 50 -5.60 -16.96 -10.87
CA ASN D 50 -6.51 -15.98 -11.52
C ASN D 50 -7.85 -16.06 -10.77
N GLU D 51 -8.46 -14.92 -10.45
CA GLU D 51 -9.74 -14.88 -9.70
C GLU D 51 -10.85 -15.57 -10.50
N GLU D 52 -10.86 -15.38 -11.82
CA GLU D 52 -11.97 -15.80 -12.73
C GLU D 52 -12.14 -17.33 -12.73
N ASP D 53 -11.07 -18.08 -13.03
CA ASP D 53 -11.14 -19.53 -13.41
C ASP D 53 -10.15 -20.40 -12.61
N LEU D 54 -9.43 -19.84 -11.62
CA LEU D 54 -8.36 -20.49 -10.81
C LEU D 54 -7.20 -20.94 -11.72
N GLN D 55 -6.93 -20.16 -12.77
CA GLN D 55 -5.82 -20.34 -13.74
C GLN D 55 -4.50 -19.96 -13.06
N LYS D 56 -3.52 -20.87 -13.01
CA LYS D 56 -2.19 -20.62 -12.40
C LYS D 56 -1.43 -19.55 -13.20
N VAL D 57 -1.07 -18.43 -12.56
CA VAL D 57 -0.35 -17.28 -13.20
C VAL D 57 1.16 -17.41 -12.93
N ALA D 58 1.57 -17.38 -11.66
CA ALA D 58 2.97 -17.44 -11.19
C ALA D 58 3.09 -18.25 -9.90
N GLU D 59 4.23 -18.91 -9.69
CA GLU D 59 4.52 -19.70 -8.47
C GLU D 59 5.88 -19.28 -7.91
N TYR D 60 5.99 -19.30 -6.58
CA TYR D 60 7.23 -18.99 -5.83
C TYR D 60 7.63 -20.24 -5.03
N LYS D 61 8.86 -20.72 -5.24
CA LYS D 61 9.41 -21.90 -4.51
C LYS D 61 9.98 -21.41 -3.18
N THR D 62 9.39 -21.82 -2.07
CA THR D 62 9.80 -21.41 -0.69
C THR D 62 10.70 -22.48 -0.06
N GLY D 63 10.59 -23.74 -0.49
CA GLY D 63 11.37 -24.88 0.02
C GLY D 63 11.64 -25.91 -1.08
N PRO D 64 12.37 -27.01 -0.81
CA PRO D 64 12.76 -27.39 0.55
C PRO D 64 14.03 -26.64 0.95
N VAL D 65 14.13 -26.32 2.24
CA VAL D 65 15.18 -25.43 2.80
C VAL D 65 16.21 -26.32 3.51
N LEU D 66 17.50 -26.00 3.35
CA LEU D 66 18.60 -26.68 4.09
C LEU D 66 18.78 -26.05 5.47
N GLU D 67 18.44 -26.79 6.53
CA GLU D 67 18.70 -26.40 7.94
C GLU D 67 20.12 -26.81 8.30
N HIS D 68 20.94 -25.86 8.75
CA HIS D 68 22.20 -26.15 9.49
C HIS D 68 22.15 -25.41 10.84
N PRO D 69 22.68 -25.99 11.94
CA PRO D 69 22.54 -25.36 13.25
C PRO D 69 23.35 -24.05 13.37
N ASP D 70 24.46 -23.94 12.64
CA ASP D 70 25.40 -22.79 12.71
C ASP D 70 24.93 -21.65 11.80
N CYS D 71 24.05 -21.90 10.83
CA CYS D 71 23.51 -20.83 9.95
C CYS D 71 22.30 -20.18 10.64
N PHE D 72 22.20 -18.86 10.57
CA PHE D 72 21.08 -18.05 11.08
C PHE D 72 20.17 -17.62 9.93
N PRO D 73 18.85 -17.41 10.17
CA PRO D 73 17.92 -17.04 9.12
C PRO D 73 18.28 -15.69 8.46
N CYS D 74 18.07 -15.60 7.14
CA CYS D 74 18.16 -14.39 6.29
C CYS D 74 19.61 -13.89 6.16
N GLN D 75 20.63 -14.71 6.46
CA GLN D 75 22.06 -14.35 6.27
C GLN D 75 22.61 -15.27 5.18
N ASP D 76 23.33 -14.75 4.19
CA ASP D 76 23.70 -15.57 3.00
C ASP D 76 24.96 -16.36 3.35
N CYS D 77 24.77 -17.53 3.95
CA CYS D 77 25.84 -18.32 4.60
C CYS D 77 26.47 -19.29 3.61
N SER D 78 27.74 -19.62 3.87
CA SER D 78 28.62 -20.50 3.05
C SER D 78 29.97 -20.63 3.74
N VAL D 87 20.36 -31.03 7.47
CA VAL D 87 19.09 -31.68 7.04
C VAL D 87 18.36 -30.78 6.02
N TRP D 88 17.75 -31.39 4.98
CA TRP D 88 16.76 -30.72 4.09
C TRP D 88 15.37 -30.78 4.75
N LYS D 89 14.59 -29.69 4.68
CA LYS D 89 13.26 -29.62 5.34
C LYS D 89 12.21 -28.94 4.43
N ASP D 90 11.00 -29.48 4.50
CA ASP D 90 9.83 -29.01 3.72
C ASP D 90 9.32 -27.74 4.40
N ASN D 91 9.19 -26.66 3.62
CA ASN D 91 8.75 -25.31 4.08
C ASN D 91 7.24 -25.22 4.04
N ILE D 92 6.59 -25.79 5.06
CA ILE D 92 5.11 -25.72 5.25
C ILE D 92 4.74 -24.27 5.59
N ASN D 93 3.86 -23.67 4.81
CA ASN D 93 3.37 -22.30 5.07
C ASN D 93 2.44 -22.33 6.29
N MET D 94 2.84 -21.67 7.38
CA MET D 94 2.10 -21.63 8.66
C MET D 94 1.17 -20.43 8.71
N ALA D 95 1.46 -19.38 7.94
CA ALA D 95 0.64 -18.15 7.90
C ALA D 95 0.91 -17.35 6.63
N LEU D 96 -0.10 -16.57 6.21
CA LEU D 96 -0.05 -15.77 4.97
C LEU D 96 -0.91 -14.54 5.21
N VAL D 97 -0.26 -13.37 5.23
CA VAL D 97 -0.87 -12.09 5.69
C VAL D 97 -0.69 -11.06 4.58
N VAL D 98 -1.75 -10.32 4.30
CA VAL D 98 -1.65 -9.20 3.33
C VAL D 98 -1.64 -7.91 4.12
N ASP D 99 -0.56 -7.15 3.95
CA ASP D 99 -0.47 -5.74 4.39
C ASP D 99 -0.69 -4.83 3.18
N THR D 100 -1.57 -3.86 3.35
CA THR D 100 -1.90 -2.83 2.35
C THR D 100 -1.32 -1.49 2.83
N TYR D 101 -1.01 -1.32 4.12
CA TYR D 101 -0.78 0.00 4.80
C TYR D 101 0.64 0.55 4.58
N TYR D 102 1.70 -0.15 4.98
CA TYR D 102 3.10 0.31 4.80
C TYR D 102 3.46 0.25 3.31
N ASP D 103 3.37 -0.94 2.72
CA ASP D 103 3.46 -1.16 1.25
C ASP D 103 2.27 -1.96 0.75
N ASP D 104 2.10 -2.00 -0.57
CA ASP D 104 1.31 -3.05 -1.24
C ASP D 104 2.17 -4.33 -1.20
N GLN D 105 1.99 -5.21 -0.22
CA GLN D 105 2.91 -6.35 0.01
C GLN D 105 2.20 -7.57 0.61
N LEU D 106 2.82 -8.74 0.43
CA LEU D 106 2.37 -10.05 0.97
C LEU D 106 3.45 -10.57 1.93
N ILE D 107 3.06 -10.81 3.18
CA ILE D 107 3.94 -11.40 4.23
C ILE D 107 3.57 -12.88 4.37
N SER D 108 4.51 -13.77 4.07
CA SER D 108 4.38 -15.24 4.29
C SER D 108 5.35 -15.66 5.37
N CYS D 109 4.93 -16.58 6.25
CA CYS D 109 5.74 -17.11 7.36
C CYS D 109 5.76 -18.64 7.26
N GLY D 110 6.96 -19.23 7.16
CA GLY D 110 7.16 -20.67 6.93
C GLY D 110 7.35 -21.43 8.22
N SER D 111 7.22 -22.75 8.19
CA SER D 111 7.53 -23.67 9.31
C SER D 111 9.05 -23.66 9.54
N VAL D 112 9.79 -23.76 8.44
CA VAL D 112 11.27 -23.80 8.43
C VAL D 112 11.83 -22.39 8.71
N ASN D 113 13.11 -22.32 9.13
CA ASN D 113 13.90 -21.07 9.39
C ASN D 113 13.33 -20.33 10.60
N ARG D 114 13.14 -21.04 11.71
CA ARG D 114 12.86 -20.47 13.07
C ARG D 114 11.48 -19.82 13.12
N GLY D 115 10.62 -20.09 12.13
CA GLY D 115 9.33 -19.41 12.00
C GLY D 115 9.50 -17.95 11.62
N THR D 116 10.61 -17.63 10.93
CA THR D 116 10.88 -16.28 10.37
C THR D 116 9.88 -15.97 9.25
N CYS D 117 9.59 -14.69 9.01
CA CYS D 117 8.70 -14.25 7.91
C CYS D 117 9.53 -13.59 6.80
N GLN D 118 9.00 -13.65 5.57
CA GLN D 118 9.54 -12.95 4.37
C GLN D 118 8.39 -12.15 3.76
N ARG D 119 8.67 -10.94 3.27
CA ARG D 119 7.63 -10.06 2.66
C ARG D 119 7.92 -9.85 1.17
N HIS D 120 6.92 -10.14 0.33
CA HIS D 120 6.94 -9.99 -1.14
C HIS D 120 6.23 -8.68 -1.50
N VAL D 121 6.92 -7.72 -2.12
CA VAL D 121 6.34 -6.39 -2.47
C VAL D 121 5.84 -6.43 -3.91
N PHE D 122 4.67 -5.82 -4.14
CA PHE D 122 3.98 -5.72 -5.45
C PHE D 122 4.40 -4.42 -6.14
N PRO D 123 5.02 -4.50 -7.34
CA PRO D 123 5.18 -3.32 -8.18
C PRO D 123 3.80 -2.75 -8.57
N HIS D 124 3.61 -1.43 -8.51
CA HIS D 124 2.32 -0.73 -8.74
C HIS D 124 1.61 -1.28 -9.99
N ASN D 125 2.31 -1.39 -11.11
CA ASN D 125 1.72 -1.70 -12.45
C ASN D 125 1.50 -3.21 -12.62
N HIS D 126 2.07 -4.06 -11.74
CA HIS D 126 2.04 -5.56 -11.88
C HIS D 126 1.62 -6.21 -10.55
N THR D 127 0.37 -6.65 -10.41
CA THR D 127 -0.18 -7.28 -9.18
C THR D 127 0.48 -8.62 -8.89
N ALA D 128 0.63 -9.47 -9.90
CA ALA D 128 0.95 -10.91 -9.76
C ALA D 128 2.44 -11.15 -9.53
N ASP D 129 3.26 -10.09 -9.40
CA ASP D 129 4.74 -10.22 -9.29
C ASP D 129 5.16 -10.42 -7.84
N ILE D 130 5.18 -11.67 -7.40
CA ILE D 130 5.62 -12.07 -6.04
C ILE D 130 7.15 -12.20 -6.04
N GLN D 131 7.78 -12.37 -7.21
CA GLN D 131 9.24 -12.68 -7.33
C GLN D 131 10.09 -11.40 -7.38
N SER D 132 9.52 -10.25 -7.75
CA SER D 132 10.26 -8.99 -8.03
C SER D 132 11.04 -8.54 -6.79
N GLU D 133 10.33 -8.08 -5.77
CA GLU D 133 10.95 -7.51 -4.54
C GLU D 133 10.56 -8.42 -3.38
N VAL D 134 11.55 -9.08 -2.78
CA VAL D 134 11.32 -10.02 -1.64
C VAL D 134 12.33 -9.72 -0.54
N HIS D 135 11.88 -9.12 0.55
CA HIS D 135 12.71 -8.79 1.74
C HIS D 135 12.48 -9.84 2.82
N CYS D 136 13.57 -10.20 3.52
CA CYS D 136 13.61 -11.22 4.60
C CYS D 136 13.59 -10.50 5.95
N ILE D 137 12.59 -10.76 6.80
CA ILE D 137 12.36 -9.96 8.05
C ILE D 137 13.12 -10.60 9.20
N PHE D 138 14.35 -10.12 9.44
CA PHE D 138 15.23 -10.60 10.54
C PHE D 138 16.33 -9.59 10.84
N SER D 139 16.57 -9.41 12.14
CA SER D 139 17.61 -8.52 12.70
C SER D 139 18.15 -9.23 13.94
N PRO D 140 19.48 -9.50 14.05
CA PRO D 140 20.01 -10.20 15.22
C PRO D 140 19.72 -9.45 16.53
N GLN D 141 18.93 -10.05 17.43
CA GLN D 141 18.59 -9.47 18.74
C GLN D 141 19.61 -9.92 19.80
N ILE D 142 20.48 -9.02 20.25
CA ILE D 142 21.64 -9.34 21.13
C ILE D 142 21.31 -9.05 22.60
N GLU D 143 20.66 -7.92 22.89
CA GLU D 143 20.42 -7.49 24.30
C GLU D 143 19.74 -8.63 25.07
N GLU D 144 18.59 -9.13 24.59
CA GLU D 144 17.88 -10.30 25.17
C GLU D 144 17.73 -11.38 24.09
N PRO D 145 18.73 -12.29 23.96
CA PRO D 145 18.77 -13.23 22.85
C PRO D 145 17.72 -14.35 22.98
N SER D 146 17.28 -14.61 24.22
CA SER D 146 16.16 -15.53 24.58
C SER D 146 14.88 -15.10 23.85
N GLN D 147 14.68 -13.79 23.66
CA GLN D 147 13.53 -13.22 22.89
C GLN D 147 14.03 -12.97 21.46
N CYS D 148 13.66 -13.83 20.52
CA CYS D 148 13.72 -13.52 19.07
C CYS D 148 12.36 -12.94 18.68
N PRO D 149 12.23 -11.63 18.40
CA PRO D 149 10.96 -11.05 17.97
C PRO D 149 10.62 -11.39 16.51
N ASP D 150 11.65 -11.64 15.69
CA ASP D 150 11.52 -11.85 14.23
C ASP D 150 11.21 -13.33 13.94
N CYS D 151 11.26 -14.17 14.99
CA CYS D 151 10.86 -15.60 14.98
C CYS D 151 9.38 -15.69 15.35
N VAL D 152 8.51 -15.62 14.35
CA VAL D 152 7.07 -15.28 14.52
C VAL D 152 6.22 -16.54 14.77
N VAL D 153 6.44 -17.60 14.00
CA VAL D 153 5.44 -18.66 13.75
C VAL D 153 5.97 -20.01 14.25
N SER D 154 5.09 -20.83 14.84
CA SER D 154 5.44 -22.20 15.32
C SER D 154 5.10 -23.23 14.23
N ALA D 155 6.02 -24.13 13.94
CA ALA D 155 5.80 -25.24 12.98
C ALA D 155 4.73 -26.23 13.51
N LEU D 156 4.40 -26.18 14.80
CA LEU D 156 3.39 -27.10 15.42
C LEU D 156 1.98 -26.64 15.07
N GLY D 157 1.71 -25.34 15.15
CA GLY D 157 0.40 -24.73 14.87
C GLY D 157 0.38 -23.27 15.26
N ALA D 158 -0.05 -22.39 14.35
CA ALA D 158 0.15 -20.93 14.53
C ALA D 158 -1.03 -20.15 13.94
N LYS D 159 -1.40 -19.05 14.59
CA LYS D 159 -2.53 -18.20 14.15
C LYS D 159 -2.10 -16.73 14.23
N VAL D 160 -1.99 -16.09 13.07
CA VAL D 160 -1.52 -14.68 12.90
C VAL D 160 -2.71 -13.79 12.59
N LEU D 161 -2.81 -12.66 13.25
CA LEU D 161 -3.87 -11.65 13.02
C LEU D 161 -3.17 -10.30 12.90
N SER D 162 -3.63 -9.47 11.97
CA SER D 162 -2.88 -8.28 11.51
C SER D 162 -3.76 -7.03 11.64
N SER D 163 -3.66 -6.33 12.78
CA SER D 163 -4.36 -5.05 13.05
C SER D 163 -3.50 -3.86 12.62
N VAL D 164 -4.13 -2.70 12.35
CA VAL D 164 -3.44 -1.41 12.03
C VAL D 164 -3.94 -0.35 13.02
N LYS D 165 -3.08 0.15 13.90
CA LYS D 165 -3.46 1.10 15.00
C LYS D 165 -2.43 2.22 15.11
N ASP D 166 -2.91 3.47 15.06
CA ASP D 166 -2.12 4.69 15.29
C ASP D 166 -0.92 4.69 14.33
N ARG D 167 -1.17 4.41 13.05
CA ARG D 167 -0.20 4.49 11.93
C ARG D 167 0.95 3.48 12.14
N PHE D 168 0.72 2.42 12.92
CA PHE D 168 1.72 1.35 13.19
C PHE D 168 1.02 -0.01 13.08
N ILE D 169 1.71 -1.02 12.53
CA ILE D 169 1.13 -2.36 12.27
C ILE D 169 1.49 -3.33 13.39
N ASN D 170 0.48 -3.98 13.95
CA ASN D 170 0.60 -5.01 15.03
C ASN D 170 0.33 -6.40 14.46
N PHE D 171 1.01 -7.41 15.00
CA PHE D 171 0.82 -8.84 14.68
C PHE D 171 0.51 -9.60 15.97
N PHE D 172 -0.77 -9.97 16.15
CA PHE D 172 -1.25 -10.87 17.24
C PHE D 172 -1.08 -12.33 16.83
N VAL D 173 -0.14 -13.04 17.45
CA VAL D 173 0.18 -14.43 17.06
C VAL D 173 -0.20 -15.35 18.22
N GLY D 174 -0.67 -16.55 17.88
CA GLY D 174 -1.01 -17.60 18.85
C GLY D 174 -0.32 -18.89 18.48
N ASN D 175 0.82 -19.19 19.11
CA ASN D 175 1.69 -20.34 18.76
C ASN D 175 1.47 -21.52 19.71
N THR D 176 1.23 -22.70 19.12
CA THR D 176 1.30 -24.03 19.77
C THR D 176 2.78 -24.31 20.06
N ILE D 177 3.13 -24.72 21.29
CA ILE D 177 4.54 -24.88 21.75
C ILE D 177 4.73 -26.19 22.54
N ASN D 178 5.74 -26.99 22.15
CA ASN D 178 6.40 -28.01 23.02
C ASN D 178 7.81 -27.47 23.32
N SER D 179 8.46 -27.97 24.38
CA SER D 179 9.70 -27.37 24.96
C SER D 179 10.88 -27.49 23.98
N SER D 180 11.35 -26.34 23.48
CA SER D 180 12.55 -26.21 22.59
C SER D 180 13.24 -24.86 22.84
N PRO D 186 12.46 -20.51 20.44
CA PRO D 186 12.29 -19.46 21.45
C PRO D 186 11.07 -18.56 21.24
N LEU D 187 9.86 -19.15 21.15
CA LEU D 187 8.60 -18.48 20.72
C LEU D 187 7.67 -18.21 21.91
N HIS D 188 6.61 -17.44 21.70
CA HIS D 188 5.61 -17.06 22.74
C HIS D 188 4.25 -17.67 22.42
N SER D 189 3.47 -18.06 23.45
CA SER D 189 2.14 -18.69 23.29
C SER D 189 1.18 -17.67 22.66
N ILE D 190 1.02 -16.52 23.29
CA ILE D 190 0.22 -15.40 22.74
C ILE D 190 1.11 -14.18 22.76
N SER D 191 1.18 -13.43 21.67
CA SER D 191 2.10 -12.26 21.62
C SER D 191 1.54 -11.16 20.74
N VAL D 192 1.95 -9.93 20.98
CA VAL D 192 1.70 -8.80 20.04
C VAL D 192 3.05 -8.15 19.78
N ARG D 193 3.41 -7.99 18.51
CA ARG D 193 4.71 -7.40 18.13
C ARG D 193 4.48 -6.39 17.02
N ARG D 194 5.17 -5.26 17.08
CA ARG D 194 4.97 -4.14 16.15
C ARG D 194 6.00 -4.24 15.02
N LEU D 195 5.57 -4.28 13.77
CA LEU D 195 6.47 -4.23 12.59
C LEU D 195 7.04 -2.81 12.50
N LYS D 196 8.36 -2.67 12.55
CA LYS D 196 9.07 -1.35 12.58
C LYS D 196 8.79 -0.62 11.27
N GLU D 197 8.81 0.71 11.30
CA GLU D 197 8.48 1.55 10.12
C GLU D 197 9.60 1.44 9.08
N THR D 198 10.83 1.10 9.48
CA THR D 198 11.95 0.79 8.55
C THR D 198 11.68 -0.56 7.85
N LYS D 199 10.84 -1.42 8.46
CA LYS D 199 10.29 -2.69 7.89
C LYS D 199 11.33 -3.81 7.96
N ASP D 200 12.43 -3.62 8.70
CA ASP D 200 13.56 -4.56 8.81
C ASP D 200 13.21 -5.73 9.74
N GLY D 201 12.42 -5.44 10.78
CA GLY D 201 12.11 -6.40 11.85
C GLY D 201 10.89 -6.03 12.67
N PHE D 202 10.59 -6.87 13.65
CA PHE D 202 9.53 -6.67 14.67
C PHE D 202 10.17 -6.28 16.01
N MET D 203 9.37 -5.79 16.95
CA MET D 203 9.82 -5.44 18.33
C MET D 203 8.66 -5.60 19.32
N PHE D 204 8.87 -6.36 20.40
CA PHE D 204 7.97 -6.40 21.58
C PHE D 204 8.21 -5.13 22.40
N LEU D 205 7.18 -4.29 22.52
CA LEU D 205 7.31 -2.97 23.19
C LEU D 205 7.54 -3.18 24.70
N THR D 206 6.65 -3.89 25.39
CA THR D 206 6.73 -4.12 26.85
C THR D 206 7.02 -5.60 27.12
N ASP D 207 7.18 -5.96 28.39
CA ASP D 207 7.31 -7.37 28.85
C ASP D 207 5.90 -7.97 29.03
N GLN D 208 4.87 -7.12 28.99
CA GLN D 208 3.43 -7.52 29.05
C GLN D 208 2.86 -7.67 27.63
N SER D 209 3.68 -7.48 26.58
CA SER D 209 3.31 -7.66 25.14
C SER D 209 3.12 -9.14 24.82
N TYR D 210 3.48 -10.07 25.73
CA TYR D 210 3.26 -11.52 25.51
C TYR D 210 2.78 -12.22 26.77
N ILE D 211 2.27 -13.43 26.58
CA ILE D 211 1.94 -14.44 27.63
C ILE D 211 2.45 -15.81 27.18
N ASP D 212 3.06 -16.56 28.10
CA ASP D 212 3.66 -17.88 27.79
C ASP D 212 3.16 -18.93 28.77
N VAL D 213 3.13 -20.17 28.32
CA VAL D 213 3.02 -21.38 29.19
C VAL D 213 4.36 -21.50 29.93
N LEU D 214 4.33 -21.82 31.22
CA LEU D 214 5.56 -21.99 32.05
C LEU D 214 6.42 -23.13 31.51
N PRO D 215 7.76 -23.03 31.61
CA PRO D 215 8.65 -24.13 31.26
C PRO D 215 8.19 -25.50 31.80
N GLU D 216 7.61 -25.51 33.00
CA GLU D 216 7.07 -26.70 33.70
C GLU D 216 6.03 -27.41 32.81
N PHE D 217 5.10 -26.69 32.19
CA PHE D 217 3.93 -27.32 31.53
C PHE D 217 3.95 -27.16 30.00
N ARG D 218 5.11 -26.94 29.36
CA ARG D 218 5.17 -26.71 27.89
C ARG D 218 4.68 -27.96 27.16
N ASP D 219 5.07 -29.15 27.61
CA ASP D 219 4.73 -30.45 26.97
C ASP D 219 3.45 -31.03 27.57
N SER D 220 3.32 -30.98 28.90
CA SER D 220 2.16 -31.52 29.67
C SER D 220 0.87 -30.81 29.25
N TYR D 221 0.93 -29.49 29.03
CA TYR D 221 -0.24 -28.61 28.76
C TYR D 221 -0.09 -27.96 27.38
N PRO D 222 -0.43 -28.67 26.28
CA PRO D 222 -0.37 -28.09 24.94
C PRO D 222 -1.63 -27.28 24.63
N ILE D 223 -1.49 -26.28 23.77
CA ILE D 223 -2.58 -25.35 23.37
C ILE D 223 -2.64 -25.30 21.84
N LYS D 224 -3.82 -25.55 21.27
CA LYS D 224 -4.09 -25.51 19.81
C LYS D 224 -4.89 -24.24 19.53
N TYR D 225 -4.36 -23.34 18.69
CA TYR D 225 -4.98 -22.05 18.31
C TYR D 225 -5.84 -22.25 17.07
N VAL D 226 -7.17 -22.27 17.28
CA VAL D 226 -8.18 -22.63 16.24
C VAL D 226 -8.41 -21.42 15.33
N HIS D 227 -8.71 -20.26 15.92
CA HIS D 227 -9.07 -19.02 15.17
C HIS D 227 -8.77 -17.75 15.99
N ALA D 228 -8.49 -16.63 15.32
CA ALA D 228 -8.31 -15.31 15.96
C ALA D 228 -9.06 -14.25 15.15
N PHE D 229 -9.58 -13.23 15.81
CA PHE D 229 -10.34 -12.13 15.16
C PHE D 229 -10.45 -10.92 16.09
N GLU D 230 -10.49 -9.72 15.49
CA GLU D 230 -10.76 -8.43 16.18
C GLU D 230 -12.25 -8.08 16.05
N SER D 231 -12.87 -7.62 17.13
CA SER D 231 -14.27 -7.15 17.11
C SER D 231 -14.62 -6.34 18.36
N ASN D 232 -15.51 -5.36 18.23
CA ASN D 232 -16.02 -4.53 19.36
C ASN D 232 -14.86 -3.92 20.15
N ASN D 233 -13.77 -3.52 19.46
CA ASN D 233 -12.56 -2.90 20.08
C ASN D 233 -11.88 -3.90 21.03
N PHE D 234 -11.86 -5.18 20.67
CA PHE D 234 -11.18 -6.25 21.43
C PHE D 234 -10.43 -7.17 20.47
N ILE D 235 -9.58 -8.02 21.00
CA ILE D 235 -8.99 -9.16 20.25
C ILE D 235 -9.51 -10.43 20.90
N TYR D 236 -9.99 -11.36 20.08
CA TYR D 236 -10.50 -12.69 20.50
C TYR D 236 -9.65 -13.79 19.85
N PHE D 237 -9.22 -14.75 20.67
CA PHE D 237 -8.52 -16.00 20.24
C PHE D 237 -9.35 -17.20 20.69
N LEU D 238 -9.55 -18.17 19.79
CA LEU D 238 -10.28 -19.44 20.08
C LEU D 238 -9.27 -20.57 20.11
N THR D 239 -9.43 -21.47 21.08
CA THR D 239 -8.33 -22.37 21.48
C THR D 239 -8.88 -23.63 22.14
N VAL D 240 -8.11 -24.71 21.98
CA VAL D 240 -8.41 -26.04 22.55
C VAL D 240 -7.23 -26.47 23.42
N GLN D 241 -7.48 -26.69 24.71
CA GLN D 241 -6.44 -26.95 25.72
C GLN D 241 -7.02 -27.94 26.74
N ARG D 242 -6.18 -28.39 27.70
CA ARG D 242 -6.65 -29.24 28.83
C ARG D 242 -7.59 -28.42 29.72
N GLU D 243 -8.61 -29.05 30.28
CA GLU D 243 -9.66 -28.38 31.10
C GLU D 243 -9.00 -27.78 32.34
N THR D 244 -8.09 -28.52 32.98
CA THR D 244 -7.19 -28.06 34.07
C THR D 244 -5.81 -28.70 33.85
N LEU D 245 -4.74 -28.11 34.43
CA LEU D 245 -3.35 -28.61 34.28
C LEU D 245 -3.31 -30.12 34.55
N ASP D 246 -3.94 -30.56 35.64
CA ASP D 246 -3.96 -31.98 36.09
C ASP D 246 -4.78 -32.85 35.11
N ALA D 247 -5.99 -32.38 34.73
CA ALA D 247 -7.04 -33.19 34.06
C ALA D 247 -6.64 -33.55 32.61
N GLN D 248 -6.98 -34.76 32.16
CA GLN D 248 -6.72 -35.27 30.78
C GLN D 248 -7.84 -34.85 29.83
N THR D 249 -9.06 -34.72 30.36
CA THR D 249 -10.26 -34.26 29.61
C THR D 249 -9.96 -32.90 28.93
N PHE D 250 -10.17 -32.79 27.62
CA PHE D 250 -9.86 -31.58 26.81
C PHE D 250 -11.03 -30.58 26.79
N HIS D 251 -10.79 -29.37 26.27
CA HIS D 251 -11.66 -28.18 26.48
C HIS D 251 -11.58 -27.20 25.32
N THR D 252 -12.67 -26.49 25.01
CA THR D 252 -12.62 -25.29 24.12
C THR D 252 -12.75 -24.03 24.99
N ARG D 253 -11.88 -23.04 24.73
CA ARG D 253 -11.91 -21.74 25.43
C ARG D 253 -11.97 -20.59 24.42
N ILE D 254 -12.60 -19.49 24.83
CA ILE D 254 -12.50 -18.16 24.15
C ILE D 254 -11.64 -17.24 25.02
N ILE D 255 -10.41 -17.02 24.57
CA ILE D 255 -9.47 -16.00 25.11
C ILE D 255 -9.98 -14.64 24.64
N ARG D 256 -9.98 -13.65 25.52
CA ARG D 256 -10.24 -12.25 25.08
C ARG D 256 -9.39 -11.30 25.90
N PHE D 257 -8.65 -10.45 25.19
CA PHE D 257 -7.77 -9.41 25.78
C PHE D 257 -7.96 -8.09 25.05
N CYS D 258 -7.54 -7.03 25.73
CA CYS D 258 -7.64 -5.61 25.33
C CYS D 258 -6.40 -5.23 24.52
N SER D 259 -6.47 -4.14 23.75
CA SER D 259 -5.42 -3.75 22.78
C SER D 259 -4.58 -2.57 23.30
N ILE D 260 -4.80 -2.13 24.55
CA ILE D 260 -4.36 -0.80 25.09
C ILE D 260 -2.86 -0.77 25.44
N ASN D 261 -2.29 0.43 25.34
CA ASN D 261 -0.96 0.80 25.89
C ASN D 261 0.12 -0.02 25.17
N SER D 262 -0.18 -0.51 23.97
CA SER D 262 0.73 -1.32 23.12
C SER D 262 1.14 -2.61 23.86
N GLY D 263 0.31 -3.04 24.80
CA GLY D 263 0.46 -4.30 25.57
C GLY D 263 -0.83 -5.09 25.58
N LEU D 264 -0.80 -6.33 26.07
CA LEU D 264 -2.02 -7.15 26.27
C LEU D 264 -2.53 -6.85 27.68
N HIS D 265 -3.73 -6.29 27.81
CA HIS D 265 -4.34 -6.01 29.13
C HIS D 265 -5.70 -6.70 29.21
N SER D 266 -6.16 -6.94 30.44
CA SER D 266 -7.52 -7.48 30.74
C SER D 266 -7.68 -8.84 30.05
N TYR D 267 -6.63 -9.66 30.10
CA TYR D 267 -6.59 -11.00 29.46
C TYR D 267 -7.39 -11.98 30.32
N MET D 268 -8.44 -12.57 29.73
CA MET D 268 -9.34 -13.54 30.40
C MET D 268 -9.75 -14.64 29.42
N GLU D 269 -9.24 -15.87 29.66
CA GLU D 269 -9.73 -17.12 29.02
C GLU D 269 -11.05 -17.50 29.72
N MET D 270 -12.05 -17.94 28.95
CA MET D 270 -13.24 -18.62 29.52
C MET D 270 -13.75 -19.71 28.57
N PRO D 271 -14.39 -20.77 29.12
CA PRO D 271 -14.75 -21.95 28.34
C PRO D 271 -15.97 -21.75 27.44
N LEU D 272 -15.81 -22.09 26.15
CA LEU D 272 -16.90 -22.12 25.14
C LEU D 272 -17.45 -23.55 25.07
N GLU D 273 -18.73 -23.71 25.39
CA GLU D 273 -19.39 -25.03 25.39
C GLU D 273 -20.45 -25.06 24.28
N CYS D 274 -20.64 -26.22 23.68
CA CYS D 274 -21.78 -26.51 22.77
C CYS D 274 -22.47 -27.81 23.17
N ILE D 275 -23.75 -27.70 23.55
CA ILE D 275 -24.57 -28.84 24.05
C ILE D 275 -25.75 -29.10 23.11
N LEU D 276 -26.22 -30.34 23.10
CA LEU D 276 -27.39 -30.81 22.32
C LEU D 276 -28.49 -31.27 23.29
N THR D 277 -29.70 -30.73 23.13
CA THR D 277 -30.96 -31.27 23.73
C THR D 277 -32.17 -30.91 22.85
N LYS D 287 -27.68 -34.55 28.32
CA LYS D 287 -26.84 -33.49 27.69
C LYS D 287 -25.62 -34.12 27.00
N GLU D 288 -25.54 -33.97 25.68
CA GLU D 288 -24.36 -34.34 24.87
C GLU D 288 -23.49 -33.09 24.75
N VAL D 289 -22.20 -33.17 25.06
CA VAL D 289 -21.29 -31.98 25.06
C VAL D 289 -20.25 -32.12 23.95
N PHE D 290 -20.32 -31.24 22.96
CA PHE D 290 -19.38 -31.21 21.80
C PHE D 290 -18.22 -30.29 22.15
N ASN D 291 -17.13 -30.84 22.69
CA ASN D 291 -16.19 -30.10 23.57
C ASN D 291 -14.96 -29.59 22.81
N ILE D 292 -14.77 -29.94 21.53
CA ILE D 292 -13.57 -29.50 20.74
C ILE D 292 -13.99 -28.69 19.49
N LEU D 293 -13.58 -27.42 19.42
CA LEU D 293 -13.85 -26.52 18.26
C LEU D 293 -12.98 -26.94 17.06
N GLN D 294 -13.62 -27.24 15.93
CA GLN D 294 -12.96 -27.75 14.71
C GLN D 294 -12.69 -26.60 13.75
N ALA D 295 -13.59 -25.63 13.69
CA ALA D 295 -13.48 -24.45 12.79
C ALA D 295 -14.47 -23.38 13.24
N ALA D 296 -14.32 -22.17 12.72
CA ALA D 296 -15.11 -21.00 13.16
C ALA D 296 -15.10 -19.91 12.09
N TYR D 297 -16.07 -19.00 12.18
CA TYR D 297 -16.25 -17.90 11.22
C TYR D 297 -17.03 -16.77 11.90
N VAL D 298 -16.57 -15.54 11.71
CA VAL D 298 -17.21 -14.33 12.31
C VAL D 298 -17.79 -13.52 11.17
N SER D 299 -19.09 -13.24 11.26
CA SER D 299 -19.91 -12.67 10.17
C SER D 299 -21.16 -12.00 10.76
N LYS D 300 -21.86 -11.26 9.92
CA LYS D 300 -23.20 -10.69 10.24
C LYS D 300 -24.24 -11.77 9.99
N PRO D 301 -25.42 -11.65 10.64
CA PRO D 301 -26.54 -12.55 10.39
C PRO D 301 -27.52 -11.99 9.38
N GLY D 302 -28.37 -12.88 8.85
CA GLY D 302 -29.57 -12.52 8.09
C GLY D 302 -30.66 -12.05 9.02
N ALA D 303 -31.57 -11.22 8.50
CA ALA D 303 -32.73 -10.63 9.22
C ALA D 303 -33.49 -11.73 9.97
N GLN D 304 -33.63 -12.91 9.37
CA GLN D 304 -34.35 -14.07 9.99
C GLN D 304 -33.63 -14.45 11.28
N LEU D 305 -32.35 -14.77 11.15
CA LEU D 305 -31.54 -15.29 12.28
C LEU D 305 -31.35 -14.18 13.33
N ALA D 306 -31.06 -12.95 12.89
CA ALA D 306 -30.85 -11.77 13.75
C ALA D 306 -31.98 -11.68 14.77
N ARG D 307 -33.22 -11.67 14.27
CA ARG D 307 -34.48 -11.60 15.07
C ARG D 307 -34.51 -12.74 16.09
N GLN D 308 -34.25 -13.98 15.66
CA GLN D 308 -34.35 -15.19 16.51
C GLN D 308 -33.37 -15.13 17.69
N ILE D 309 -32.11 -14.70 17.46
CA ILE D 309 -30.99 -14.86 18.45
C ILE D 309 -30.81 -13.58 19.29
N GLY D 310 -31.68 -12.57 19.11
CA GLY D 310 -31.62 -11.29 19.84
C GLY D 310 -30.52 -10.39 19.33
N ALA D 311 -30.18 -10.51 18.05
CA ALA D 311 -29.07 -9.78 17.39
C ALA D 311 -29.64 -8.77 16.38
N SER D 312 -28.76 -7.95 15.83
CA SER D 312 -29.05 -6.88 14.84
C SER D 312 -28.33 -7.21 13.53
N LEU D 313 -28.63 -6.51 12.43
CA LEU D 313 -28.02 -6.84 11.11
C LEU D 313 -26.53 -6.49 11.07
N ASN D 314 -26.09 -5.51 11.85
CA ASN D 314 -24.67 -5.05 11.83
C ASN D 314 -23.82 -5.81 12.86
N ASP D 315 -24.42 -6.63 13.74
CA ASP D 315 -23.72 -7.24 14.90
C ASP D 315 -22.82 -8.40 14.44
N ASP D 316 -21.60 -8.45 14.94
CA ASP D 316 -20.67 -9.59 14.68
C ASP D 316 -21.15 -10.80 15.47
N ILE D 317 -21.21 -11.95 14.80
CA ILE D 317 -21.58 -13.27 15.40
C ILE D 317 -20.50 -14.28 15.07
N LEU D 318 -19.98 -14.97 16.09
CA LEU D 318 -19.03 -16.09 15.93
C LEU D 318 -19.82 -17.38 15.65
N PHE D 319 -19.82 -17.86 14.41
CA PHE D 319 -20.31 -19.21 14.03
C PHE D 319 -19.18 -20.20 14.22
N GLY D 320 -19.44 -21.25 15.00
CA GLY D 320 -18.39 -22.20 15.45
C GLY D 320 -18.82 -23.65 15.32
N VAL D 321 -18.06 -24.43 14.57
CA VAL D 321 -18.28 -25.89 14.38
C VAL D 321 -17.49 -26.68 15.43
N PHE D 322 -18.21 -27.39 16.29
CA PHE D 322 -17.64 -28.21 17.41
C PHE D 322 -17.72 -29.70 17.06
N ALA D 323 -17.09 -30.54 17.87
CA ALA D 323 -17.05 -32.00 17.71
C ALA D 323 -16.87 -32.67 19.08
N GLN D 324 -17.39 -33.89 19.22
CA GLN D 324 -17.27 -34.67 20.46
C GLN D 324 -15.90 -35.34 20.47
N SER D 325 -15.37 -35.59 21.67
CA SER D 325 -13.96 -36.02 21.86
C SER D 325 -13.90 -37.51 22.17
N LYS D 326 -12.82 -38.17 21.72
CA LYS D 326 -12.38 -39.46 22.29
C LYS D 326 -11.93 -39.19 23.71
N PRO D 327 -12.14 -40.11 24.67
CA PRO D 327 -11.90 -39.80 26.09
C PRO D 327 -10.40 -39.63 26.35
N ASP D 328 -10.03 -38.66 27.21
CA ASP D 328 -8.63 -38.34 27.59
C ASP D 328 -7.81 -38.00 26.34
N SER D 329 -8.35 -37.14 25.47
CA SER D 329 -7.69 -36.73 24.19
C SER D 329 -8.41 -35.50 23.57
N ALA D 330 -7.74 -34.81 22.66
CA ALA D 330 -8.27 -33.64 21.92
C ALA D 330 -8.72 -34.07 20.52
N GLU D 331 -8.72 -35.39 20.23
CA GLU D 331 -9.11 -35.94 18.91
C GLU D 331 -10.64 -35.93 18.78
N PRO D 332 -11.20 -35.46 17.65
CA PRO D 332 -12.63 -35.58 17.37
C PRO D 332 -13.06 -37.00 17.00
N MET D 333 -14.37 -37.27 16.97
CA MET D 333 -14.89 -38.66 16.83
C MET D 333 -16.09 -38.73 15.88
N ASP D 334 -16.14 -37.88 14.86
CA ASP D 334 -17.18 -37.93 13.78
C ASP D 334 -18.57 -37.72 14.39
N ARG D 335 -18.66 -36.84 15.39
CA ARG D 335 -19.95 -36.36 15.94
C ARG D 335 -19.85 -34.85 16.09
N SER D 336 -20.47 -34.09 15.19
CA SER D 336 -20.35 -32.61 15.15
C SER D 336 -21.63 -31.93 15.65
N ALA D 337 -21.47 -30.69 16.09
CA ALA D 337 -22.56 -29.73 16.35
C ALA D 337 -22.16 -28.40 15.72
N MET D 338 -22.98 -27.37 15.89
CA MET D 338 -22.68 -25.99 15.44
C MET D 338 -23.57 -25.06 16.24
N CYS D 339 -23.01 -24.01 16.82
CA CYS D 339 -23.74 -23.05 17.69
C CYS D 339 -23.12 -21.65 17.52
N ALA D 340 -23.95 -20.64 17.68
CA ALA D 340 -23.65 -19.23 17.40
C ALA D 340 -23.44 -18.49 18.73
N PHE D 341 -22.50 -17.54 18.73
CA PHE D 341 -22.24 -16.61 19.86
C PHE D 341 -22.10 -15.19 19.30
N PRO D 342 -23.13 -14.32 19.41
CA PRO D 342 -22.93 -12.89 19.15
C PRO D 342 -21.93 -12.38 20.18
N ILE D 343 -20.81 -11.79 19.72
CA ILE D 343 -19.69 -11.38 20.60
C ILE D 343 -20.21 -10.39 21.64
N LYS D 344 -21.25 -9.61 21.30
CA LYS D 344 -21.85 -8.62 22.24
C LYS D 344 -22.44 -9.36 23.45
N TYR D 345 -22.98 -10.58 23.29
CA TYR D 345 -23.50 -11.43 24.40
C TYR D 345 -22.31 -12.13 25.09
N VAL D 346 -21.27 -12.47 24.34
CA VAL D 346 -20.00 -13.02 24.89
C VAL D 346 -19.39 -12.00 25.85
N ASN D 347 -19.29 -10.75 25.43
CA ASN D 347 -18.72 -9.63 26.22
C ASN D 347 -19.58 -9.41 27.48
N ASP D 348 -20.91 -9.45 27.35
CA ASP D 348 -21.86 -9.24 28.47
C ASP D 348 -21.64 -10.33 29.54
N PHE D 349 -21.64 -11.59 29.12
CA PHE D 349 -21.41 -12.74 30.02
C PHE D 349 -20.01 -12.60 30.66
N PHE D 350 -19.03 -12.09 29.90
CA PHE D 350 -17.64 -11.83 30.39
C PHE D 350 -17.68 -10.81 31.51
N ASN D 351 -18.47 -9.75 31.35
CA ASN D 351 -18.64 -8.66 32.34
C ASN D 351 -19.71 -9.09 33.35
N LYS D 352 -19.42 -10.15 34.12
CA LYS D 352 -20.36 -10.75 35.11
C LYS D 352 -19.53 -11.35 36.25
N ILE D 353 -19.49 -10.66 37.40
CA ILE D 353 -18.65 -10.98 38.59
C ILE D 353 -19.52 -10.93 39.87
N ASN D 358 -16.66 -18.77 40.26
CA ASN D 358 -16.68 -17.33 39.86
C ASN D 358 -15.44 -17.07 38.98
N VAL D 359 -14.26 -16.97 39.60
CA VAL D 359 -13.00 -16.56 38.92
C VAL D 359 -11.83 -17.38 39.50
N ARG D 360 -10.79 -17.58 38.69
CA ARG D 360 -9.45 -18.05 39.13
C ARG D 360 -8.39 -17.30 38.32
N CYS D 361 -7.17 -17.21 38.83
CA CYS D 361 -6.02 -16.64 38.07
C CYS D 361 -5.46 -17.75 37.16
N LEU D 362 -4.89 -17.34 36.02
CA LEU D 362 -4.55 -18.20 34.85
C LEU D 362 -3.56 -19.30 35.26
N GLN D 363 -4.05 -20.54 35.41
CA GLN D 363 -3.32 -21.72 35.95
C GLN D 363 -1.97 -21.94 35.24
N HIS D 364 -1.90 -21.77 33.91
CA HIS D 364 -0.73 -22.21 33.08
C HIS D 364 0.34 -21.10 32.97
N PHE D 365 0.01 -19.85 33.30
CA PHE D 365 0.94 -18.68 33.22
C PHE D 365 1.69 -18.55 34.54
N TYR D 366 0.95 -18.45 35.64
CA TYR D 366 1.45 -18.53 37.04
C TYR D 366 1.65 -20.00 37.42
N GLY D 367 2.00 -20.28 38.67
CA GLY D 367 1.99 -21.65 39.22
C GLY D 367 0.57 -22.10 39.54
N PRO D 368 0.36 -23.38 39.93
CA PRO D 368 -0.94 -23.80 40.46
C PRO D 368 -1.19 -23.22 41.87
N ASN D 369 -0.15 -23.16 42.72
CA ASN D 369 -0.17 -22.45 44.03
C ASN D 369 1.06 -21.55 44.15
N CYS D 385 -11.71 -3.73 30.09
CA CYS D 385 -10.35 -3.21 29.79
C CYS D 385 -9.84 -2.26 30.88
N GLU D 386 -8.92 -2.75 31.73
CA GLU D 386 -8.27 -1.99 32.83
C GLU D 386 -6.87 -2.59 33.07
N GLU D 391 -3.73 -6.00 34.49
CA GLU D 391 -2.88 -6.09 35.71
C GLU D 391 -2.82 -7.54 36.25
N TYR D 392 -3.84 -8.38 36.02
CA TYR D 392 -3.93 -9.81 36.47
C TYR D 392 -4.50 -10.71 35.36
N ARG D 393 -3.82 -11.82 35.06
CA ARG D 393 -4.19 -12.76 33.96
C ARG D 393 -5.16 -13.83 34.47
N THR D 394 -6.34 -13.95 33.85
CA THR D 394 -7.54 -14.61 34.45
C THR D 394 -8.01 -15.84 33.66
N GLU D 395 -8.61 -16.78 34.40
CA GLU D 395 -9.29 -18.00 33.91
C GLU D 395 -10.67 -18.06 34.55
N PHE D 396 -11.73 -17.94 33.76
CA PHE D 396 -13.13 -18.06 34.27
C PHE D 396 -13.46 -19.52 34.56
N THR D 397 -14.17 -19.77 35.66
CA THR D 397 -14.59 -21.13 36.13
C THR D 397 -15.76 -21.64 35.27
N THR D 398 -16.86 -20.89 35.26
CA THR D 398 -18.14 -21.24 34.59
C THR D 398 -17.99 -21.16 33.07
N ALA D 399 -18.46 -22.20 32.36
CA ALA D 399 -18.49 -22.28 30.89
C ALA D 399 -19.67 -21.45 30.35
N LEU D 400 -19.45 -20.70 29.28
CA LEU D 400 -20.53 -20.12 28.45
C LEU D 400 -21.00 -21.21 27.48
N GLN D 401 -22.26 -21.62 27.58
CA GLN D 401 -22.79 -22.76 26.79
C GLN D 401 -23.89 -22.29 25.82
N ARG D 402 -24.06 -23.02 24.72
CA ARG D 402 -25.08 -22.71 23.68
C ARG D 402 -25.66 -23.99 23.11
N VAL D 403 -26.95 -23.96 22.78
CA VAL D 403 -27.71 -25.10 22.22
C VAL D 403 -27.37 -25.21 20.73
N ASP D 404 -27.15 -26.44 20.25
CA ASP D 404 -26.85 -26.74 18.83
C ASP D 404 -27.90 -26.04 17.97
N LEU D 405 -27.49 -25.32 16.92
CA LEU D 405 -28.42 -24.58 16.01
C LEU D 405 -28.95 -25.52 14.92
N PHE D 406 -28.27 -26.63 14.63
CA PHE D 406 -28.77 -27.66 13.69
C PHE D 406 -29.58 -28.72 14.45
N MET D 407 -29.54 -28.69 15.78
CA MET D 407 -30.31 -29.58 16.68
C MET D 407 -30.02 -31.05 16.34
N GLY D 408 -28.74 -31.40 16.21
CA GLY D 408 -28.26 -32.80 16.07
C GLY D 408 -28.40 -33.33 14.67
N GLN D 409 -28.49 -32.45 13.67
CA GLN D 409 -28.59 -32.80 12.22
C GLN D 409 -27.28 -33.45 11.75
N PHE D 410 -26.15 -33.20 12.42
CA PHE D 410 -24.82 -33.68 11.97
C PHE D 410 -24.14 -34.54 13.05
N SER D 411 -24.92 -35.27 13.86
CA SER D 411 -24.42 -36.10 15.00
C SER D 411 -23.58 -37.28 14.52
N GLU D 412 -23.62 -37.61 13.22
CA GLU D 412 -22.94 -38.82 12.69
C GLU D 412 -21.92 -38.40 11.62
N VAL D 413 -21.45 -37.16 11.61
CA VAL D 413 -20.38 -36.70 10.67
C VAL D 413 -19.41 -35.75 11.38
N LEU D 414 -18.19 -35.65 10.85
CA LEU D 414 -17.16 -34.71 11.36
C LEU D 414 -17.11 -33.48 10.45
N LEU D 415 -17.64 -32.35 10.95
CA LEU D 415 -17.57 -31.02 10.27
C LEU D 415 -16.17 -30.42 10.47
N THR D 416 -15.42 -30.21 9.38
CA THR D 416 -14.00 -29.75 9.44
C THR D 416 -13.87 -28.38 8.78
N SER D 417 -14.96 -27.69 8.51
CA SER D 417 -14.93 -26.37 7.84
C SER D 417 -16.27 -25.66 8.03
N ILE D 418 -16.26 -24.33 8.03
CA ILE D 418 -17.51 -23.50 8.07
C ILE D 418 -17.22 -22.12 7.50
N SER D 419 -18.05 -21.71 6.54
CA SER D 419 -18.21 -20.32 6.08
C SER D 419 -19.66 -19.90 6.42
N THR D 420 -20.00 -18.64 6.19
CA THR D 420 -21.37 -18.10 6.34
C THR D 420 -21.55 -16.97 5.33
N PHE D 421 -22.72 -16.90 4.70
CA PHE D 421 -23.16 -15.74 3.89
C PHE D 421 -24.67 -15.57 4.05
N ILE D 422 -25.17 -14.40 3.66
CA ILE D 422 -26.60 -14.01 3.81
C ILE D 422 -27.26 -13.92 2.43
N LYS D 423 -28.43 -14.54 2.27
CA LYS D 423 -29.24 -14.45 1.02
C LYS D 423 -30.66 -14.02 1.40
N GLY D 424 -31.02 -12.77 1.07
CA GLY D 424 -32.25 -12.13 1.58
C GLY D 424 -32.27 -12.14 3.10
N ASP D 425 -33.31 -12.71 3.69
CA ASP D 425 -33.49 -12.79 5.18
C ASP D 425 -32.77 -14.01 5.74
N LEU D 426 -32.44 -15.01 4.91
CA LEU D 426 -31.92 -16.32 5.38
C LEU D 426 -30.39 -16.21 5.53
N THR D 427 -29.85 -16.91 6.52
CA THR D 427 -28.38 -17.07 6.70
C THR D 427 -28.00 -18.49 6.25
N ILE D 428 -27.06 -18.59 5.32
CA ILE D 428 -26.57 -19.90 4.78
C ILE D 428 -25.18 -20.17 5.34
N ALA D 429 -24.83 -21.46 5.50
CA ALA D 429 -23.53 -21.94 6.01
C ALA D 429 -22.88 -22.93 5.03
N ASN D 430 -21.63 -22.68 4.62
CA ASN D 430 -20.84 -23.54 3.70
C ASN D 430 -20.02 -24.56 4.52
N LEU D 431 -20.64 -25.69 4.86
CA LEU D 431 -20.02 -26.77 5.68
C LEU D 431 -19.13 -27.68 4.82
N GLY D 432 -17.91 -27.93 5.32
CA GLY D 432 -17.06 -29.06 4.91
C GLY D 432 -17.17 -30.22 5.89
N THR D 433 -16.58 -31.34 5.52
CA THR D 433 -16.69 -32.62 6.27
C THR D 433 -15.36 -33.35 6.07
N SER D 434 -15.04 -34.24 6.99
CA SER D 434 -13.79 -35.05 6.98
C SER D 434 -13.77 -35.99 5.76
N GLU D 435 -14.93 -36.41 5.25
CA GLU D 435 -15.05 -37.35 4.09
C GLU D 435 -14.82 -36.61 2.76
N GLY D 436 -14.60 -35.29 2.79
CA GLY D 436 -14.51 -34.45 1.58
C GLY D 436 -15.88 -34.02 1.08
N ARG D 437 -16.91 -34.19 1.92
CA ARG D 437 -18.31 -33.81 1.61
C ARG D 437 -18.50 -32.31 1.88
N PHE D 438 -18.83 -31.55 0.84
CA PHE D 438 -19.33 -30.16 0.95
C PHE D 438 -20.85 -30.20 1.12
N MET D 439 -21.43 -29.13 1.66
CA MET D 439 -22.90 -28.91 1.65
C MET D 439 -23.23 -27.50 2.16
N GLN D 440 -24.33 -26.95 1.65
CA GLN D 440 -24.88 -25.62 2.03
C GLN D 440 -26.24 -25.87 2.66
N VAL D 441 -26.55 -25.15 3.73
CA VAL D 441 -27.83 -25.34 4.46
C VAL D 441 -28.27 -23.97 4.99
N VAL D 442 -29.58 -23.74 4.99
CA VAL D 442 -30.18 -22.54 5.60
C VAL D 442 -30.07 -22.68 7.12
N VAL D 443 -29.80 -21.59 7.83
CA VAL D 443 -29.65 -21.57 9.31
C VAL D 443 -30.87 -20.84 9.93
N SER D 444 -31.46 -21.45 10.97
CA SER D 444 -32.66 -20.95 11.70
C SER D 444 -32.85 -21.71 13.03
N ARG D 445 -32.94 -21.01 14.17
CA ARG D 445 -33.14 -21.60 15.52
C ARG D 445 -34.47 -22.36 15.53
N SER D 446 -35.51 -21.69 15.03
CA SER D 446 -36.87 -22.25 14.87
C SER D 446 -36.89 -23.22 13.68
N GLY D 447 -36.40 -24.45 13.88
CA GLY D 447 -36.55 -25.58 12.94
C GLY D 447 -35.35 -25.78 12.01
N PRO D 448 -34.53 -26.84 12.22
CA PRO D 448 -33.56 -27.30 11.22
C PRO D 448 -34.14 -27.68 9.85
N SER D 449 -33.28 -27.74 8.84
CA SER D 449 -33.66 -27.88 7.41
C SER D 449 -32.70 -28.80 6.66
N THR D 450 -33.18 -29.47 5.61
CA THR D 450 -32.39 -30.38 4.75
C THR D 450 -31.43 -29.54 3.91
N PRO D 451 -30.12 -29.88 3.91
CA PRO D 451 -29.14 -29.20 3.07
C PRO D 451 -29.54 -29.13 1.59
N HIS D 452 -29.81 -27.92 1.10
CA HIS D 452 -30.25 -27.67 -0.30
C HIS D 452 -29.10 -27.91 -1.30
N VAL D 453 -27.85 -28.01 -0.86
CA VAL D 453 -26.70 -28.52 -1.68
C VAL D 453 -25.94 -29.56 -0.85
N ASN D 454 -25.26 -30.50 -1.50
CA ASN D 454 -24.59 -31.63 -0.81
C ASN D 454 -23.93 -32.54 -1.84
N PHE D 455 -22.61 -32.71 -1.78
CA PHE D 455 -21.86 -33.57 -2.73
C PHE D 455 -20.42 -33.75 -2.25
N LEU D 456 -19.81 -34.87 -2.64
CA LEU D 456 -18.38 -35.15 -2.40
C LEU D 456 -17.54 -34.26 -3.31
N LEU D 457 -16.85 -33.28 -2.72
CA LEU D 457 -15.92 -32.38 -3.44
C LEU D 457 -14.60 -33.12 -3.68
N ASP D 458 -14.21 -33.98 -2.74
CA ASP D 458 -12.93 -34.75 -2.80
C ASP D 458 -13.04 -35.91 -1.81
N SER D 459 -11.98 -36.71 -1.73
CA SER D 459 -11.81 -37.78 -0.71
C SER D 459 -11.11 -37.22 0.54
N HIS D 460 -10.21 -36.24 0.37
CA HIS D 460 -9.46 -35.58 1.47
C HIS D 460 -10.40 -34.67 2.26
N PRO D 461 -10.22 -34.52 3.60
CA PRO D 461 -11.06 -33.61 4.39
C PRO D 461 -11.08 -32.17 3.85
N VAL D 462 -12.20 -31.50 4.04
CA VAL D 462 -12.34 -30.06 3.69
C VAL D 462 -11.61 -29.25 4.76
N SER D 463 -10.65 -28.43 4.34
CA SER D 463 -9.82 -27.59 5.23
C SER D 463 -10.68 -26.45 5.81
N PRO D 464 -10.45 -26.04 7.08
CA PRO D 464 -11.18 -24.92 7.68
C PRO D 464 -10.80 -23.58 7.05
N GLU D 465 -9.62 -23.50 6.43
CA GLU D 465 -9.15 -22.30 5.72
C GLU D 465 -10.05 -22.07 4.49
N VAL D 466 -10.81 -20.97 4.49
CA VAL D 466 -11.84 -20.66 3.47
C VAL D 466 -11.86 -19.15 3.14
N ILE D 467 -12.37 -18.81 1.97
CA ILE D 467 -12.68 -17.42 1.54
C ILE D 467 -14.16 -17.36 1.13
N VAL D 468 -14.79 -16.21 1.31
CA VAL D 468 -16.19 -15.93 0.87
C VAL D 468 -16.22 -14.52 0.31
N GLU D 469 -16.12 -14.37 -1.02
CA GLU D 469 -16.10 -13.05 -1.72
C GLU D 469 -17.53 -12.73 -2.19
N HIS D 470 -17.87 -11.44 -2.28
CA HIS D 470 -19.12 -10.93 -2.90
C HIS D 470 -18.79 -10.06 -4.12
N THR D 471 -19.26 -10.46 -5.30
CA THR D 471 -19.39 -9.58 -6.49
C THR D 471 -20.50 -8.56 -6.16
N LEU D 472 -20.65 -7.52 -6.97
CA LEU D 472 -21.88 -6.68 -6.97
C LEU D 472 -23.08 -7.62 -7.22
N ASN D 473 -24.28 -7.25 -6.73
CA ASN D 473 -25.54 -8.02 -6.85
C ASN D 473 -25.70 -9.01 -5.69
N GLN D 474 -24.86 -8.94 -4.65
CA GLN D 474 -24.98 -9.71 -3.37
C GLN D 474 -24.48 -11.16 -3.52
N ASN D 475 -24.46 -11.71 -4.75
CA ASN D 475 -24.00 -13.10 -5.03
C ASN D 475 -22.54 -13.07 -5.51
N GLY D 476 -21.71 -13.95 -4.92
CA GLY D 476 -20.29 -14.14 -5.27
C GLY D 476 -19.92 -15.61 -5.22
N TYR D 477 -18.98 -16.01 -4.36
CA TYR D 477 -18.42 -17.38 -4.31
C TYR D 477 -17.72 -17.69 -2.99
N THR D 478 -17.44 -18.98 -2.78
CA THR D 478 -16.59 -19.55 -1.71
C THR D 478 -15.42 -20.28 -2.36
N LEU D 479 -14.22 -20.14 -1.81
CA LEU D 479 -13.07 -20.98 -2.17
C LEU D 479 -12.92 -22.04 -1.09
N VAL D 480 -12.85 -23.32 -1.48
CA VAL D 480 -12.85 -24.46 -0.52
C VAL D 480 -11.69 -25.37 -0.87
N ILE D 481 -10.88 -25.66 0.15
CA ILE D 481 -9.64 -26.47 -0.01
C ILE D 481 -9.94 -27.89 0.46
N THR D 482 -9.47 -28.87 -0.32
CA THR D 482 -9.51 -30.31 -0.01
C THR D 482 -8.13 -30.89 -0.35
N GLY D 483 -7.28 -31.01 0.68
CA GLY D 483 -5.91 -31.56 0.59
C GLY D 483 -5.00 -30.67 -0.22
N LYS D 484 -4.79 -31.01 -1.49
CA LYS D 484 -3.87 -30.28 -2.40
C LYS D 484 -4.67 -29.75 -3.59
N LYS D 485 -5.97 -29.54 -3.38
CA LYS D 485 -6.91 -29.06 -4.43
C LYS D 485 -7.80 -27.96 -3.86
N ILE D 486 -7.92 -26.84 -4.57
CA ILE D 486 -8.86 -25.73 -4.23
C ILE D 486 -9.89 -25.59 -5.35
N THR D 487 -11.15 -25.37 -4.98
CA THR D 487 -12.28 -25.27 -5.93
C THR D 487 -13.09 -24.00 -5.63
N LYS D 488 -13.57 -23.34 -6.67
CA LYS D 488 -14.48 -22.18 -6.56
C LYS D 488 -15.93 -22.66 -6.66
N ILE D 489 -16.72 -22.45 -5.60
CA ILE D 489 -18.15 -22.85 -5.51
C ILE D 489 -18.98 -21.58 -5.41
N PRO D 490 -20.04 -21.42 -6.25
CA PRO D 490 -20.96 -20.28 -6.09
C PRO D 490 -21.84 -20.38 -4.84
N LEU D 491 -22.30 -19.22 -4.35
CA LEU D 491 -23.04 -19.11 -3.08
C LEU D 491 -24.46 -19.64 -3.29
N ASN D 492 -25.19 -19.07 -4.24
CA ASN D 492 -26.55 -19.51 -4.65
C ASN D 492 -26.41 -20.55 -5.78
N GLY D 493 -25.81 -21.73 -5.51
CA GLY D 493 -25.45 -22.71 -6.54
C GLY D 493 -25.13 -24.09 -5.96
N GLN E 1 26.76 -10.44 34.29
CA GLN E 1 27.64 -10.01 33.15
C GLN E 1 28.98 -10.75 33.26
N LEU E 2 29.20 -11.74 32.38
CA LEU E 2 30.44 -12.55 32.44
C LEU E 2 31.60 -11.65 32.01
N GLN E 3 32.82 -12.08 32.30
CA GLN E 3 34.07 -11.38 31.92
C GLN E 3 34.97 -12.36 31.18
N LEU E 4 35.80 -11.86 30.26
CA LEU E 4 36.79 -12.68 29.52
C LEU E 4 38.21 -12.18 29.82
N GLN E 5 39.18 -13.08 29.96
CA GLN E 5 40.60 -12.65 30.08
C GLN E 5 41.53 -13.61 29.32
N GLU E 6 42.26 -13.04 28.36
CA GLU E 6 43.27 -13.75 27.53
C GLU E 6 44.51 -14.03 28.38
N SER E 7 45.38 -14.90 27.90
CA SER E 7 46.65 -15.27 28.56
C SER E 7 47.49 -16.11 27.61
N GLY E 8 48.80 -16.11 27.82
CA GLY E 8 49.78 -16.87 27.04
C GLY E 8 51.05 -16.06 26.86
N PRO E 9 51.99 -16.52 26.01
CA PRO E 9 53.32 -15.94 25.96
C PRO E 9 53.26 -14.53 25.37
N GLY E 10 53.99 -13.60 25.97
CA GLY E 10 54.17 -12.24 25.39
C GLY E 10 55.02 -12.33 24.14
N LEU E 11 55.91 -13.31 24.12
CA LEU E 11 56.97 -13.44 23.10
C LEU E 11 56.92 -14.85 22.52
N VAL E 12 57.00 -14.99 21.20
CA VAL E 12 57.07 -16.30 20.50
C VAL E 12 58.03 -16.18 19.33
N LYS E 13 58.83 -17.21 19.08
CA LYS E 13 59.86 -17.23 18.00
C LYS E 13 59.17 -17.32 16.63
N PRO E 14 59.83 -16.88 15.54
CA PRO E 14 59.36 -17.13 14.19
C PRO E 14 59.40 -18.62 13.85
N SER E 15 58.46 -19.07 13.00
CA SER E 15 58.24 -20.49 12.59
C SER E 15 57.60 -21.31 13.73
N GLU E 16 57.89 -20.99 14.99
CA GLU E 16 57.25 -21.65 16.17
C GLU E 16 55.73 -21.46 16.09
N THR E 17 54.95 -22.25 16.83
CA THR E 17 53.46 -22.08 16.86
C THR E 17 53.08 -21.28 18.11
N LEU E 18 52.11 -20.38 17.95
CA LEU E 18 51.56 -19.53 19.03
C LEU E 18 50.41 -20.29 19.69
N SER E 19 50.33 -20.21 21.01
CA SER E 19 49.20 -20.76 21.79
C SER E 19 48.69 -19.71 22.78
N LEU E 20 47.39 -19.40 22.69
CA LEU E 20 46.67 -18.52 23.64
C LEU E 20 45.50 -19.29 24.24
N THR E 21 44.93 -18.73 25.29
CA THR E 21 43.72 -19.27 25.96
C THR E 21 42.95 -18.10 26.57
N CYS E 22 41.64 -18.07 26.29
CA CYS E 22 40.68 -17.13 26.90
C CYS E 22 39.90 -17.89 27.96
N THR E 23 39.95 -17.42 29.19
CA THR E 23 39.32 -18.11 30.33
C THR E 23 38.07 -17.31 30.71
N VAL E 24 36.91 -17.96 30.68
CA VAL E 24 35.58 -17.31 30.90
C VAL E 24 35.27 -17.37 32.39
N SER E 25 34.63 -16.33 32.92
CA SER E 25 34.29 -16.23 34.36
C SER E 25 32.95 -15.51 34.54
N GLY E 26 32.14 -15.98 35.47
CA GLY E 26 30.80 -15.43 35.75
C GLY E 26 29.76 -15.95 34.77
N GLY E 27 30.12 -17.00 34.01
CA GLY E 27 29.28 -17.59 32.95
C GLY E 27 29.89 -18.89 32.43
N SER E 28 29.06 -19.87 32.09
CA SER E 28 29.49 -21.17 31.51
C SER E 28 30.04 -20.95 30.09
N ILE E 29 31.12 -21.63 29.69
CA ILE E 29 31.57 -21.63 28.26
C ILE E 29 30.50 -22.37 27.45
N SER E 30 29.88 -23.40 28.00
CA SER E 30 28.89 -24.23 27.27
C SER E 30 27.52 -23.53 27.35
N SER E 31 27.05 -23.01 26.20
CA SER E 31 25.73 -22.35 26.02
C SER E 31 25.24 -22.63 24.59
N SER E 32 23.92 -22.70 24.42
CA SER E 32 23.22 -22.89 23.13
C SER E 32 23.08 -21.55 22.41
N VAL E 33 23.12 -20.45 23.16
CA VAL E 33 22.80 -19.06 22.72
C VAL E 33 24.08 -18.33 22.30
N TYR E 34 25.01 -18.18 23.23
CA TYR E 34 26.26 -17.42 23.01
C TYR E 34 27.42 -18.38 22.84
N TYR E 35 28.44 -17.95 22.10
CA TYR E 35 29.59 -18.78 21.69
C TYR E 35 30.81 -17.87 21.47
N TRP E 36 31.94 -18.45 21.06
CA TRP E 36 33.27 -17.81 21.22
C TRP E 36 33.97 -17.63 19.89
N SER E 37 34.78 -16.57 19.82
CA SER E 37 35.55 -16.24 18.61
C SER E 37 36.74 -15.36 18.97
N TRP E 38 37.79 -15.48 18.16
CA TRP E 38 39.07 -14.74 18.29
C TRP E 38 39.14 -13.66 17.22
N ILE E 39 39.75 -12.54 17.56
CA ILE E 39 39.97 -11.36 16.67
C ILE E 39 41.33 -10.80 17.02
N ARG E 40 42.08 -10.28 16.05
CA ARG E 40 43.37 -9.61 16.33
C ARG E 40 43.41 -8.22 15.70
N GLN E 41 44.33 -7.41 16.22
CA GLN E 41 44.60 -6.02 15.78
C GLN E 41 46.11 -5.88 15.68
N PRO E 42 46.65 -5.92 14.44
CA PRO E 42 48.06 -5.59 14.22
C PRO E 42 48.32 -4.16 14.71
N PRO E 43 49.57 -3.82 15.08
CA PRO E 43 49.84 -2.58 15.79
C PRO E 43 49.70 -1.42 14.80
N GLY E 44 48.91 -0.39 15.19
CA GLY E 44 48.51 0.74 14.33
C GLY E 44 47.81 0.29 13.05
N LYS E 45 46.82 -0.61 13.18
CA LYS E 45 45.96 -1.10 12.06
C LYS E 45 44.55 -1.41 12.58
N GLY E 46 43.63 -1.78 11.68
CA GLY E 46 42.23 -2.08 12.00
C GLY E 46 42.06 -3.44 12.64
N LEU E 47 40.84 -3.79 13.04
CA LEU E 47 40.49 -5.13 13.58
C LEU E 47 40.38 -6.12 12.42
N GLU E 48 40.83 -7.38 12.62
CA GLU E 48 40.61 -8.49 11.65
C GLU E 48 40.27 -9.80 12.38
N TRP E 49 39.19 -10.44 11.93
CA TRP E 49 38.59 -11.68 12.49
C TRP E 49 39.50 -12.86 12.17
N ILE E 50 39.57 -13.82 13.08
CA ILE E 50 40.43 -15.03 12.96
C ILE E 50 39.54 -16.27 12.81
N GLY E 51 38.64 -16.51 13.76
CA GLY E 51 37.81 -17.72 13.76
C GLY E 51 36.75 -17.74 14.85
N VAL E 52 35.81 -18.68 14.74
CA VAL E 52 34.67 -18.89 15.67
C VAL E 52 34.63 -20.36 16.08
N ILE E 53 34.03 -20.65 17.23
CA ILE E 53 33.52 -22.01 17.55
C ILE E 53 32.08 -21.89 18.05
N TYR E 54 31.15 -22.49 17.30
CA TYR E 54 29.70 -22.53 17.60
C TYR E 54 29.43 -23.57 18.67
N PRO E 55 28.24 -23.54 19.30
CA PRO E 55 27.83 -24.54 20.30
C PRO E 55 27.79 -25.98 19.77
N SER E 56 27.49 -26.13 18.48
CA SER E 56 27.57 -27.42 17.75
C SER E 56 28.96 -28.06 17.93
N GLY E 57 30.00 -27.23 18.12
CA GLY E 57 31.39 -27.69 18.20
C GLY E 57 32.12 -27.44 16.89
N ASN E 58 31.36 -27.08 15.86
CA ASN E 58 31.91 -26.73 14.53
C ASN E 58 32.77 -25.47 14.62
N THR E 59 33.81 -25.46 13.82
CA THR E 59 34.89 -24.44 13.85
C THR E 59 34.96 -23.84 12.44
N TYR E 60 35.08 -22.51 12.35
CA TYR E 60 35.26 -21.76 11.08
C TYR E 60 36.38 -20.74 11.26
N TYR E 61 37.24 -20.59 10.26
CA TYR E 61 38.47 -19.78 10.32
C TYR E 61 38.55 -18.83 9.13
N SER E 62 39.24 -17.69 9.28
CA SER E 62 39.45 -16.74 8.17
C SER E 62 40.26 -17.47 7.11
N PRO E 63 39.92 -17.30 5.82
CA PRO E 63 40.59 -18.05 4.75
C PRO E 63 42.05 -17.62 4.61
N SER E 64 42.40 -16.41 5.04
CA SER E 64 43.80 -15.91 5.13
C SER E 64 44.65 -16.90 5.93
N LEU E 65 44.09 -17.47 7.00
CA LEU E 65 44.87 -18.21 8.03
C LEU E 65 44.48 -19.70 8.06
N LYS E 66 43.40 -20.11 7.39
CA LYS E 66 42.70 -21.41 7.60
C LYS E 66 43.70 -22.56 7.84
N SER E 67 44.77 -22.63 7.06
CA SER E 67 45.80 -23.71 7.09
C SER E 67 46.40 -23.90 8.50
N ARG E 68 46.55 -22.81 9.28
CA ARG E 68 47.40 -22.77 10.51
C ARG E 68 46.57 -22.63 11.81
N VAL E 69 45.32 -22.17 11.72
CA VAL E 69 44.51 -21.79 12.90
C VAL E 69 43.81 -23.01 13.46
N THR E 70 43.82 -23.16 14.78
CA THR E 70 42.98 -24.15 15.49
C THR E 70 42.35 -23.51 16.73
N ILE E 71 41.02 -23.52 16.77
CA ILE E 71 40.23 -23.10 17.96
C ILE E 71 39.60 -24.34 18.58
N SER E 72 39.70 -24.45 19.90
CA SER E 72 39.10 -25.56 20.66
C SER E 72 38.56 -25.03 21.99
N VAL E 73 37.74 -25.85 22.64
CA VAL E 73 37.05 -25.52 23.92
C VAL E 73 37.37 -26.62 24.93
N ASP E 74 37.51 -26.23 26.18
CA ASP E 74 37.79 -27.15 27.33
C ASP E 74 36.71 -26.91 28.39
N THR E 75 35.61 -27.69 28.34
CA THR E 75 34.40 -27.45 29.16
C THR E 75 34.77 -27.50 30.64
N SER E 76 35.77 -28.31 30.99
CA SER E 76 36.20 -28.57 32.38
C SER E 76 36.91 -27.34 32.98
N LYS E 77 37.72 -26.62 32.18
CA LYS E 77 38.51 -25.46 32.65
C LYS E 77 37.83 -24.14 32.29
N ASN E 78 36.54 -24.18 31.89
CA ASN E 78 35.75 -23.01 31.41
C ASN E 78 36.63 -22.12 30.53
N GLN E 79 37.32 -22.71 29.55
CA GLN E 79 38.34 -22.04 28.71
C GLN E 79 38.15 -22.38 27.24
N PHE E 80 38.60 -21.51 26.37
CA PHE E 80 38.82 -21.85 24.94
C PHE E 80 40.14 -21.25 24.50
N SER E 81 40.71 -21.80 23.46
CA SER E 81 42.11 -21.50 23.10
C SER E 81 42.23 -21.39 21.58
N LEU E 82 43.30 -20.71 21.18
CA LEU E 82 43.71 -20.50 19.78
C LEU E 82 45.13 -21.03 19.63
N LYS E 83 45.35 -21.85 18.61
CA LYS E 83 46.72 -22.32 18.25
C LYS E 83 46.96 -21.89 16.81
N LEU E 84 47.76 -20.85 16.65
CA LEU E 84 48.23 -20.36 15.33
C LEU E 84 49.64 -20.90 15.12
N SER E 85 49.93 -21.47 13.94
CA SER E 85 51.20 -22.21 13.68
C SER E 85 52.03 -21.55 12.58
N SER E 86 53.30 -21.97 12.43
CA SER E 86 54.26 -21.44 11.43
C SER E 86 54.27 -19.91 11.52
N VAL E 87 54.39 -19.43 12.76
CA VAL E 87 54.14 -18.01 13.14
C VAL E 87 55.25 -17.14 12.55
N THR E 88 54.86 -15.97 12.05
CA THR E 88 55.71 -15.01 11.30
C THR E 88 55.53 -13.60 11.89
N ALA E 89 56.51 -12.72 11.65
CA ALA E 89 56.51 -11.30 12.05
C ALA E 89 55.12 -10.68 11.79
N ALA E 90 54.44 -11.09 10.73
CA ALA E 90 53.09 -10.60 10.32
C ALA E 90 52.04 -10.87 11.41
N ASP E 91 52.27 -11.84 12.30
CA ASP E 91 51.27 -12.26 13.33
C ASP E 91 51.44 -11.47 14.61
N THR E 92 52.44 -10.59 14.68
CA THR E 92 52.64 -9.67 15.83
C THR E 92 51.42 -8.75 15.90
N ALA E 93 50.59 -8.91 16.93
CA ALA E 93 49.29 -8.21 17.08
C ALA E 93 48.72 -8.39 18.49
N VAL E 94 47.68 -7.62 18.82
CA VAL E 94 46.91 -7.79 20.08
C VAL E 94 45.77 -8.75 19.80
N TYR E 95 45.69 -9.84 20.56
CA TYR E 95 44.70 -10.91 20.31
C TYR E 95 43.55 -10.76 21.31
N TYR E 96 42.38 -10.44 20.79
CA TYR E 96 41.12 -10.27 21.56
C TYR E 96 40.28 -11.55 21.45
N CYS E 97 39.93 -12.11 22.59
CA CYS E 97 38.86 -13.13 22.68
C CYS E 97 37.53 -12.38 22.84
N ALA E 98 36.44 -12.99 22.38
CA ALA E 98 35.14 -12.31 22.20
C ALA E 98 33.97 -13.29 22.31
N ARG E 99 33.03 -12.97 23.20
CA ARG E 99 31.70 -13.61 23.24
C ARG E 99 30.94 -13.16 22.00
N THR E 100 30.12 -14.06 21.45
CA THR E 100 29.47 -13.88 20.12
C THR E 100 28.02 -14.31 20.18
N ILE E 101 27.09 -13.43 19.83
CA ILE E 101 25.63 -13.75 19.74
C ILE E 101 25.11 -13.35 18.37
N TYR E 102 24.54 -14.31 17.64
CA TYR E 102 24.19 -14.13 16.22
C TYR E 102 25.40 -13.51 15.50
N ASP E 103 26.55 -14.19 15.51
CA ASP E 103 27.76 -13.83 14.73
C ASP E 103 28.24 -12.37 14.93
N LEU E 104 27.74 -11.66 15.96
CA LEU E 104 28.24 -10.30 16.35
C LEU E 104 28.90 -10.40 17.73
N PHE E 105 29.89 -9.56 18.02
CA PHE E 105 30.70 -9.63 19.26
C PHE E 105 30.18 -8.61 20.27
N ASP E 106 29.73 -9.08 21.45
CA ASP E 106 29.07 -8.21 22.47
C ASP E 106 30.01 -7.99 23.67
N ILE E 107 30.75 -9.00 24.12
CA ILE E 107 31.70 -8.88 25.26
C ILE E 107 33.11 -9.21 24.76
N TRP E 108 34.10 -8.46 25.26
CA TRP E 108 35.50 -8.49 24.78
C TRP E 108 36.45 -8.59 25.98
N GLY E 109 37.51 -9.38 25.85
CA GLY E 109 38.63 -9.35 26.81
C GLY E 109 39.40 -8.05 26.69
N GLN E 110 40.36 -7.82 27.58
CA GLN E 110 41.28 -6.65 27.52
C GLN E 110 42.11 -6.79 26.23
N GLY E 111 42.55 -8.02 25.94
CA GLY E 111 43.44 -8.34 24.81
C GLY E 111 44.83 -8.68 25.31
N THR E 112 45.59 -9.45 24.54
CA THR E 112 47.00 -9.78 24.87
C THR E 112 47.90 -9.34 23.72
N MET E 113 48.98 -8.64 24.08
CA MET E 113 50.09 -8.34 23.15
C MET E 113 50.87 -9.62 22.91
N VAL E 114 50.92 -10.04 21.65
CA VAL E 114 51.83 -11.12 21.22
C VAL E 114 52.81 -10.53 20.20
N THR E 115 54.10 -10.60 20.51
CA THR E 115 55.19 -10.12 19.64
C THR E 115 55.92 -11.35 19.08
N VAL E 116 56.03 -11.43 17.76
CA VAL E 116 56.81 -12.49 17.06
C VAL E 116 58.22 -11.95 16.84
N SER E 117 59.23 -12.59 17.45
CA SER E 117 60.62 -12.08 17.48
C SER E 117 61.61 -13.15 17.99
N SER E 118 62.75 -13.21 17.32
CA SER E 118 63.92 -14.04 17.74
C SER E 118 64.76 -13.25 18.76
N ALA E 119 64.37 -12.02 19.10
CA ALA E 119 64.93 -11.27 20.24
C ALA E 119 64.52 -11.94 21.55
N SER E 120 65.34 -11.79 22.59
CA SER E 120 65.14 -12.42 23.93
C SER E 120 64.33 -11.47 24.80
N THR E 121 63.66 -12.04 25.81
CA THR E 121 62.86 -11.29 26.79
C THR E 121 63.81 -10.48 27.64
N LYS E 122 63.43 -9.26 28.03
CA LYS E 122 64.25 -8.41 28.94
C LYS E 122 63.34 -7.55 29.82
N GLY E 123 63.52 -7.63 31.14
CA GLY E 123 62.80 -6.82 32.14
C GLY E 123 63.27 -5.37 32.18
N PRO E 124 62.42 -4.44 32.65
CA PRO E 124 62.79 -3.02 32.66
C PRO E 124 63.72 -2.67 33.82
N SER E 125 64.37 -1.51 33.70
CA SER E 125 64.94 -0.71 34.81
C SER E 125 64.01 0.46 35.11
N VAL E 126 63.76 0.76 36.39
CA VAL E 126 62.92 1.91 36.81
C VAL E 126 63.80 2.98 37.48
N PHE E 127 63.90 4.15 36.85
CA PHE E 127 64.63 5.33 37.38
C PHE E 127 63.63 6.40 37.77
N PRO E 128 63.83 7.07 38.93
CA PRO E 128 62.94 8.13 39.34
C PRO E 128 63.21 9.43 38.56
N LEU E 129 62.13 10.10 38.12
CA LEU E 129 62.14 11.51 37.66
C LEU E 129 61.79 12.38 38.87
N ALA E 130 62.81 13.03 39.45
CA ALA E 130 62.75 13.72 40.75
C ALA E 130 62.24 15.14 40.56
N PRO E 131 61.29 15.61 41.41
CA PRO E 131 60.75 16.96 41.32
C PRO E 131 61.70 18.04 41.89
N SER E 132 61.45 19.30 41.53
CA SER E 132 62.32 20.47 41.81
C SER E 132 61.65 21.73 41.26
N SER E 133 62.40 22.83 41.14
CA SER E 133 62.08 23.92 40.18
C SER E 133 62.27 23.34 38.77
N LYS E 134 61.48 23.81 37.80
CA LYS E 134 61.47 23.35 36.38
C LYS E 134 61.49 21.81 36.33
N THR E 140 51.95 24.19 41.10
CA THR E 140 52.03 22.70 41.11
C THR E 140 53.44 22.25 40.67
N ALA E 141 53.83 21.03 41.04
CA ALA E 141 55.17 20.42 40.80
C ALA E 141 55.01 19.01 40.21
N ALA E 142 55.68 18.74 39.08
CA ALA E 142 55.66 17.44 38.36
C ALA E 142 56.77 16.50 38.84
N LEU E 143 56.49 15.20 38.89
CA LEU E 143 57.45 14.12 39.21
C LEU E 143 57.06 12.88 38.42
N GLY E 144 57.87 11.81 38.43
CA GLY E 144 57.50 10.59 37.70
C GLY E 144 58.53 9.47 37.74
N CYS E 145 58.42 8.58 36.76
CA CYS E 145 59.24 7.35 36.59
C CYS E 145 59.66 7.23 35.12
N LEU E 146 60.92 6.89 34.92
CA LEU E 146 61.46 6.49 33.60
C LEU E 146 61.63 4.98 33.59
N VAL E 147 60.79 4.26 32.84
CA VAL E 147 60.81 2.78 32.75
C VAL E 147 61.58 2.42 31.49
N LYS E 148 62.85 2.04 31.64
CA LYS E 148 63.81 2.01 30.51
C LYS E 148 64.21 0.58 30.14
N ASP E 149 64.51 0.37 28.86
CA ASP E 149 65.16 -0.84 28.29
C ASP E 149 64.41 -2.10 28.71
N TYR E 150 63.25 -2.36 28.11
CA TYR E 150 62.45 -3.59 28.34
C TYR E 150 61.91 -4.13 27.02
N PHE E 151 61.64 -5.44 27.00
CA PHE E 151 61.12 -6.16 25.82
C PHE E 151 60.47 -7.49 26.21
N PRO E 152 59.34 -7.88 25.59
CA PRO E 152 58.58 -7.02 24.70
C PRO E 152 57.47 -6.31 25.48
N GLU E 153 56.63 -5.59 24.76
CA GLU E 153 55.44 -4.92 25.33
C GLU E 153 54.45 -5.98 25.80
N PRO E 154 53.56 -5.64 26.76
CA PRO E 154 53.52 -4.32 27.38
C PRO E 154 54.13 -4.29 28.79
N VAL E 155 54.49 -3.09 29.25
CA VAL E 155 54.73 -2.77 30.69
C VAL E 155 53.52 -1.95 31.14
N THR E 156 53.12 -2.08 32.42
CA THR E 156 52.02 -1.25 33.00
C THR E 156 52.53 -0.61 34.29
N VAL E 157 52.05 0.59 34.59
CA VAL E 157 52.56 1.41 35.73
C VAL E 157 51.40 2.12 36.42
N SER E 158 51.33 2.01 37.76
CA SER E 158 50.30 2.59 38.65
C SER E 158 50.99 3.25 39.86
N TRP E 159 50.35 4.23 40.48
CA TRP E 159 50.94 5.09 41.53
C TRP E 159 50.26 4.83 42.89
N ASN E 160 51.05 4.51 43.91
CA ASN E 160 50.56 4.22 45.29
C ASN E 160 49.48 3.13 45.20
N SER E 161 49.75 2.06 44.46
CA SER E 161 48.95 0.81 44.40
C SER E 161 47.56 1.07 43.79
N GLY E 162 47.41 2.13 42.98
CA GLY E 162 46.15 2.50 42.31
C GLY E 162 45.45 3.67 42.99
N ALA E 163 45.90 4.05 44.20
CA ALA E 163 45.33 5.13 45.03
C ALA E 163 45.42 6.49 44.31
N LEU E 164 46.53 6.74 43.60
CA LEU E 164 46.76 8.01 42.85
C LEU E 164 46.41 7.79 41.38
N THR E 165 45.34 8.43 40.90
CA THR E 165 44.92 8.43 39.46
C THR E 165 44.81 9.87 38.93
N SER E 166 44.65 10.87 39.80
CA SER E 166 44.46 12.30 39.42
C SER E 166 45.78 12.90 38.92
N GLY E 167 45.79 13.40 37.68
CA GLY E 167 46.93 14.12 37.09
C GLY E 167 48.07 13.19 36.68
N VAL E 168 47.89 11.87 36.74
CA VAL E 168 48.88 10.88 36.21
C VAL E 168 48.79 10.90 34.69
N HIS E 169 49.94 10.79 34.03
CA HIS E 169 50.05 10.61 32.57
C HIS E 169 51.11 9.52 32.31
N THR E 170 50.65 8.32 31.98
CA THR E 170 51.51 7.24 31.46
C THR E 170 51.54 7.37 29.95
N PHE E 171 52.74 7.58 29.40
CA PHE E 171 52.97 7.82 27.95
C PHE E 171 53.00 6.49 27.20
N PRO E 172 52.67 6.50 25.89
CA PRO E 172 52.99 5.38 25.01
C PRO E 172 54.50 5.13 24.99
N ALA E 173 54.89 3.86 25.05
CA ALA E 173 56.28 3.39 24.96
C ALA E 173 56.83 3.83 23.60
N VAL E 174 58.12 4.14 23.57
CA VAL E 174 58.85 4.28 22.29
C VAL E 174 59.73 3.05 22.13
N LEU E 175 59.91 2.60 20.89
CA LEU E 175 60.98 1.65 20.51
C LEU E 175 62.25 2.46 20.26
N GLN E 176 63.35 2.08 20.90
CA GLN E 176 64.68 2.72 20.74
C GLN E 176 65.48 1.88 19.75
N SER E 177 66.58 2.40 19.20
CA SER E 177 67.46 1.63 18.27
C SER E 177 68.10 0.44 19.00
N SER E 178 68.05 0.39 20.35
CA SER E 178 68.40 -0.79 21.17
C SER E 178 67.60 -2.00 20.71
N GLY E 179 66.37 -1.77 20.24
CA GLY E 179 65.36 -2.80 19.98
C GLY E 179 64.56 -3.06 21.26
N LEU E 180 64.81 -2.23 22.27
CA LEU E 180 64.17 -2.31 23.60
C LEU E 180 63.22 -1.14 23.71
N TYR E 181 62.13 -1.33 24.46
CA TYR E 181 61.10 -0.30 24.73
C TYR E 181 61.51 0.56 25.93
N SER E 182 61.17 1.84 25.87
CA SER E 182 61.30 2.82 26.98
C SER E 182 60.03 3.66 27.09
N LEU E 183 59.50 3.76 28.30
CA LEU E 183 58.21 4.41 28.62
C LEU E 183 58.44 5.29 29.84
N SER E 184 57.69 6.40 29.96
CA SER E 184 57.77 7.31 31.13
C SER E 184 56.36 7.62 31.64
N SER E 185 56.20 7.66 32.96
CA SER E 185 54.92 7.93 33.65
C SER E 185 55.10 9.05 34.66
N VAL E 186 54.48 10.20 34.39
CA VAL E 186 54.60 11.42 35.25
C VAL E 186 53.27 11.68 35.95
N VAL E 187 53.32 12.42 37.05
CA VAL E 187 52.12 12.82 37.83
C VAL E 187 52.29 14.28 38.29
N THR E 188 51.26 15.11 38.07
CA THR E 188 51.18 16.52 38.52
C THR E 188 50.62 16.53 39.94
N VAL E 189 51.18 17.38 40.80
CA VAL E 189 50.95 17.35 42.27
C VAL E 189 51.19 18.76 42.82
N PRO E 190 50.55 19.18 43.94
CA PRO E 190 50.84 20.46 44.55
C PRO E 190 52.25 20.48 45.17
N SER E 191 52.99 21.58 44.97
CA SER E 191 54.39 21.80 45.43
C SER E 191 54.50 21.53 46.94
N SER E 192 53.50 21.97 47.71
CA SER E 192 53.43 21.85 49.19
C SER E 192 53.36 20.39 49.64
N SER E 193 52.91 19.48 48.77
CA SER E 193 52.71 18.04 49.08
C SER E 193 54.04 17.29 49.09
N LEU E 194 55.09 17.83 48.45
CA LEU E 194 56.39 17.12 48.23
C LEU E 194 57.05 16.80 49.58
N GLY E 195 57.13 17.79 50.48
CA GLY E 195 57.68 17.65 51.84
C GLY E 195 56.86 16.67 52.67
N THR E 196 55.53 16.74 52.57
CA THR E 196 54.57 15.94 53.38
C THR E 196 54.56 14.48 52.91
N GLN E 197 54.03 14.20 51.72
CA GLN E 197 53.57 12.85 51.28
C GLN E 197 54.62 12.08 50.45
N THR E 198 54.55 10.74 50.46
CA THR E 198 55.43 9.81 49.69
C THR E 198 54.72 9.30 48.44
N TYR E 199 55.49 9.08 47.36
CA TYR E 199 55.01 8.71 46.01
C TYR E 199 55.78 7.50 45.50
N ILE E 200 55.07 6.39 45.30
CA ILE E 200 55.66 5.11 44.79
C ILE E 200 55.02 4.79 43.45
N CYS E 201 55.82 4.72 42.39
CA CYS E 201 55.37 4.22 41.07
C CYS E 201 55.57 2.70 41.05
N ASN E 202 54.49 1.97 40.76
CA ASN E 202 54.42 0.49 40.75
C ASN E 202 54.47 0.02 39.30
N VAL E 203 55.64 -0.42 38.83
CA VAL E 203 55.83 -0.91 37.45
C VAL E 203 55.68 -2.43 37.46
N ASN E 204 55.00 -2.98 36.45
CA ASN E 204 54.79 -4.44 36.28
C ASN E 204 55.03 -4.80 34.81
N HIS E 205 55.83 -5.84 34.56
CA HIS E 205 56.17 -6.37 33.21
C HIS E 205 55.88 -7.87 33.17
N LYS E 206 54.74 -8.28 32.62
CA LYS E 206 54.23 -9.69 32.66
C LYS E 206 55.20 -10.65 31.97
N PRO E 207 55.74 -10.34 30.76
CA PRO E 207 56.66 -11.25 30.06
C PRO E 207 57.98 -11.61 30.75
N SER E 208 58.44 -10.87 31.76
CA SER E 208 59.69 -11.19 32.51
C SER E 208 59.43 -11.44 34.00
N ASN E 209 58.16 -11.52 34.43
CA ASN E 209 57.74 -11.71 35.84
C ASN E 209 58.47 -10.71 36.74
N THR E 210 58.55 -9.45 36.29
CA THR E 210 59.15 -8.31 37.02
C THR E 210 58.01 -7.48 37.64
N LYS E 211 58.02 -7.31 38.96
CA LYS E 211 57.29 -6.23 39.68
C LYS E 211 58.32 -5.35 40.40
N VAL E 212 58.23 -4.04 40.25
CA VAL E 212 59.14 -3.05 40.89
C VAL E 212 58.29 -1.94 41.52
N ASP E 213 58.71 -1.46 42.70
CA ASP E 213 58.08 -0.33 43.42
C ASP E 213 59.17 0.67 43.75
N LYS E 214 59.16 1.82 43.07
CA LYS E 214 60.22 2.86 43.18
C LYS E 214 59.64 4.11 43.87
N LYS E 215 60.17 4.42 45.05
CA LYS E 215 59.89 5.70 45.77
C LYS E 215 60.56 6.83 44.98
N VAL E 216 59.82 7.88 44.68
CA VAL E 216 60.33 9.12 44.05
C VAL E 216 60.22 10.25 45.09
N GLU E 217 61.30 11.00 45.28
CA GLU E 217 61.41 12.06 46.33
C GLU E 217 62.15 13.26 45.77
N PRO E 218 61.98 14.45 46.38
CA PRO E 218 62.65 15.67 45.90
C PRO E 218 64.19 15.71 45.94
N LYS E 219 64.77 16.83 45.48
CA LYS E 219 66.23 17.09 45.42
C LYS E 219 66.90 16.53 46.69
N ASP F 1 36.72 -10.30 1.81
CA ASP F 1 35.76 -10.95 0.87
C ASP F 1 34.54 -10.03 0.65
N ILE F 2 34.04 -9.37 1.71
CA ILE F 2 32.96 -8.34 1.64
C ILE F 2 33.56 -7.03 2.18
N GLN F 3 33.99 -6.15 1.28
CA GLN F 3 34.71 -4.88 1.60
C GLN F 3 33.81 -3.95 2.42
N MET F 4 34.29 -3.51 3.58
CA MET F 4 33.62 -2.49 4.43
C MET F 4 34.42 -1.19 4.34
N THR F 5 33.89 -0.22 3.58
CA THR F 5 34.50 1.09 3.31
C THR F 5 33.89 2.09 4.30
N GLN F 6 34.72 2.64 5.18
CA GLN F 6 34.30 3.56 6.26
C GLN F 6 34.78 4.97 5.88
N SER F 7 34.07 6.00 6.33
CA SER F 7 34.45 7.41 6.04
C SER F 7 33.75 8.38 7.00
N PRO F 8 34.43 9.48 7.38
CA PRO F 8 35.84 9.69 7.05
C PRO F 8 36.75 8.79 7.90
N SER F 9 38.05 8.77 7.63
CA SER F 9 39.03 7.99 8.44
C SER F 9 39.45 8.79 9.68
N SER F 10 39.38 10.13 9.62
CA SER F 10 39.67 11.06 10.73
C SER F 10 38.63 12.18 10.77
N VAL F 11 38.33 12.72 11.95
CA VAL F 11 37.36 13.84 12.10
C VAL F 11 37.59 14.54 13.44
N SER F 12 37.36 15.85 13.45
CA SER F 12 37.56 16.75 14.61
C SER F 12 36.39 17.72 14.68
N ALA F 13 35.77 17.83 15.85
CA ALA F 13 34.51 18.60 16.03
C ALA F 13 34.36 18.99 17.49
N SER F 14 33.72 20.14 17.73
CA SER F 14 33.67 20.80 19.06
C SER F 14 32.66 20.08 19.96
N VAL F 15 32.85 20.17 21.28
CA VAL F 15 31.86 19.66 22.27
C VAL F 15 30.51 20.29 21.95
N GLY F 16 29.43 19.50 21.99
CA GLY F 16 28.08 19.95 21.63
C GLY F 16 27.74 19.63 20.19
N ASP F 17 28.73 19.49 19.30
CA ASP F 17 28.53 19.21 17.85
C ASP F 17 27.81 17.87 17.61
N ARG F 18 27.24 17.73 16.42
CA ARG F 18 26.61 16.49 15.92
C ARG F 18 27.54 15.88 14.87
N VAL F 19 28.43 14.98 15.28
CA VAL F 19 29.39 14.29 14.37
C VAL F 19 28.72 13.02 13.82
N THR F 20 29.09 12.67 12.59
CA THR F 20 28.35 11.69 11.76
C THR F 20 29.34 10.88 10.89
N ILE F 21 29.37 9.56 11.08
CA ILE F 21 30.30 8.60 10.39
C ILE F 21 29.49 7.66 9.50
N THR F 22 30.02 7.31 8.32
CA THR F 22 29.33 6.48 7.30
C THR F 22 30.14 5.23 6.96
N CYS F 23 29.48 4.07 6.99
CA CYS F 23 30.01 2.77 6.53
C CYS F 23 29.29 2.39 5.24
N ARG F 24 30.04 1.94 4.23
CA ARG F 24 29.48 1.51 2.93
C ARG F 24 30.00 0.10 2.63
N ALA F 25 29.12 -0.80 2.21
CA ALA F 25 29.43 -2.22 1.95
C ALA F 25 29.40 -2.51 0.46
N SER F 26 30.19 -3.50 0.04
CA SER F 26 30.31 -3.95 -1.37
C SER F 26 29.20 -4.95 -1.71
N GLN F 27 28.29 -5.26 -0.76
CA GLN F 27 27.17 -6.21 -0.97
C GLN F 27 26.02 -5.89 -0.02
N GLY F 28 24.89 -6.55 -0.24
CA GLY F 28 23.70 -6.49 0.64
C GLY F 28 23.97 -7.14 1.98
N ILE F 29 24.29 -6.33 2.99
CA ILE F 29 24.36 -6.77 4.41
C ILE F 29 22.95 -6.89 4.98
N SER F 30 22.01 -6.12 4.44
CA SER F 30 20.64 -5.97 5.01
C SER F 30 20.77 -5.31 6.39
N SER F 31 20.79 -6.09 7.48
CA SER F 31 20.75 -5.55 8.86
C SER F 31 21.96 -5.98 9.69
N TRP F 32 22.76 -6.95 9.24
CA TRP F 32 23.85 -7.57 10.06
C TRP F 32 25.04 -6.63 10.19
N LEU F 33 24.86 -5.58 11.00
CA LEU F 33 25.91 -4.60 11.28
C LEU F 33 25.91 -4.25 12.76
N ALA F 34 27.11 -4.09 13.32
CA ALA F 34 27.30 -3.47 14.64
C ALA F 34 28.26 -2.29 14.51
N TRP F 35 28.16 -1.33 15.44
CA TRP F 35 29.07 -0.18 15.57
C TRP F 35 29.85 -0.30 16.87
N TYR F 36 31.18 -0.20 16.80
CA TYR F 36 32.07 -0.37 17.97
C TYR F 36 32.85 0.91 18.26
N GLN F 37 33.09 1.17 19.55
CA GLN F 37 33.90 2.30 20.07
C GLN F 37 35.13 1.71 20.76
N GLN F 38 36.32 2.09 20.30
CA GLN F 38 37.61 1.70 20.91
C GLN F 38 38.32 2.96 21.41
N LYS F 39 38.23 3.22 22.72
CA LYS F 39 39.15 4.13 23.44
C LYS F 39 40.57 3.60 23.26
N PRO F 40 41.63 4.39 23.50
CA PRO F 40 42.98 3.94 23.19
C PRO F 40 43.46 3.00 24.30
N GLY F 41 44.15 1.90 23.93
CA GLY F 41 44.58 0.81 24.81
C GLY F 41 43.40 0.19 25.56
N LYS F 42 42.29 -0.05 24.86
CA LYS F 42 41.09 -0.71 25.43
C LYS F 42 40.53 -1.71 24.40
N ALA F 43 39.65 -2.58 24.84
CA ALA F 43 38.91 -3.51 23.97
C ALA F 43 37.80 -2.73 23.28
N PRO F 44 37.49 -3.02 22.00
CA PRO F 44 36.28 -2.51 21.37
C PRO F 44 35.04 -2.75 22.24
N LYS F 45 34.17 -1.75 22.32
CA LYS F 45 32.93 -1.79 23.11
C LYS F 45 31.76 -1.62 22.15
N LEU F 46 30.75 -2.50 22.25
CA LEU F 46 29.55 -2.49 21.39
C LEU F 46 28.69 -1.28 21.74
N LEU F 47 28.29 -0.49 20.74
CA LEU F 47 27.36 0.66 20.89
C LEU F 47 26.00 0.33 20.25
N ILE F 48 26.04 -0.06 18.98
CA ILE F 48 24.84 -0.33 18.15
C ILE F 48 25.00 -1.73 17.56
N TYR F 49 23.93 -2.50 17.51
CA TYR F 49 23.86 -3.77 16.74
C TYR F 49 22.65 -3.69 15.81
N ALA F 50 22.55 -4.61 14.85
CA ALA F 50 21.43 -4.66 13.88
C ALA F 50 21.25 -3.30 13.22
N ALA F 51 22.36 -2.64 12.86
CA ALA F 51 22.44 -1.33 12.16
C ALA F 51 21.89 -0.17 12.99
N SER F 52 20.89 -0.37 13.86
CA SER F 52 20.15 0.72 14.55
C SER F 52 19.63 0.37 15.97
N SER F 53 19.91 -0.80 16.53
CA SER F 53 19.55 -1.14 17.94
C SER F 53 20.65 -0.63 18.89
N LEU F 54 20.33 0.34 19.75
CA LEU F 54 21.26 0.90 20.76
C LEU F 54 21.54 -0.14 21.87
N GLN F 55 22.80 -0.35 22.22
CA GLN F 55 23.20 -1.32 23.27
C GLN F 55 22.67 -0.82 24.63
N SER F 56 22.44 -1.76 25.55
CA SER F 56 21.86 -1.58 26.90
C SER F 56 22.48 -0.37 27.62
N GLY F 57 23.80 -0.35 27.81
CA GLY F 57 24.48 0.60 28.72
C GLY F 57 24.79 1.94 28.07
N VAL F 58 24.45 2.14 26.80
CA VAL F 58 25.04 3.22 25.94
C VAL F 58 24.20 4.50 26.06
N PRO F 59 24.84 5.69 26.05
CA PRO F 59 24.11 6.96 25.95
C PRO F 59 23.27 7.16 24.69
N SER F 60 22.08 7.70 24.85
CA SER F 60 21.05 7.87 23.78
C SER F 60 21.56 8.86 22.73
N ARG F 61 22.57 9.69 23.04
CA ARG F 61 23.19 10.64 22.08
C ARG F 61 23.85 9.89 20.92
N PHE F 62 24.22 8.63 21.13
CA PHE F 62 24.61 7.72 20.01
C PHE F 62 23.35 7.22 19.31
N SER F 63 23.45 7.05 18.00
CA SER F 63 22.43 6.32 17.19
C SER F 63 22.95 6.12 15.77
N GLY F 64 22.49 5.04 15.14
CA GLY F 64 22.84 4.71 13.76
C GLY F 64 21.62 4.27 12.98
N SER F 65 21.76 4.22 11.65
CA SER F 65 20.73 3.66 10.75
C SER F 65 21.37 3.25 9.43
N GLY F 66 20.55 2.69 8.55
CA GLY F 66 20.93 2.24 7.20
C GLY F 66 20.38 0.86 6.95
N SER F 67 20.45 0.43 5.71
CA SER F 67 20.03 -0.93 5.28
C SER F 67 20.63 -1.25 3.91
N GLY F 68 20.95 -2.52 3.68
CA GLY F 68 21.58 -2.98 2.42
C GLY F 68 23.06 -2.68 2.42
N THR F 69 23.46 -1.56 1.79
CA THR F 69 24.90 -1.25 1.54
C THR F 69 25.37 -0.10 2.44
N ASP F 70 24.58 0.98 2.54
CA ASP F 70 25.02 2.25 3.18
C ASP F 70 24.40 2.38 4.57
N PHE F 71 25.26 2.51 5.58
CA PHE F 71 24.91 2.70 7.01
C PHE F 71 25.60 3.96 7.52
N THR F 72 25.01 4.63 8.50
CA THR F 72 25.70 5.76 9.19
C THR F 72 25.48 5.66 10.70
N LEU F 73 26.43 6.21 11.46
CA LEU F 73 26.43 6.35 12.93
C LEU F 73 26.57 7.83 13.26
N THR F 74 25.73 8.35 14.15
CA THR F 74 25.72 9.79 14.53
C THR F 74 25.78 9.90 16.05
N ILE F 75 26.75 10.68 16.54
CA ILE F 75 26.77 11.20 17.93
C ILE F 75 26.08 12.56 17.87
N SER F 76 24.88 12.66 18.44
CA SER F 76 23.99 13.84 18.32
C SER F 76 24.63 15.06 19.01
N SER F 77 25.18 14.88 20.21
CA SER F 77 25.79 15.96 21.03
C SER F 77 27.13 15.48 21.58
N LEU F 78 28.24 15.82 20.90
CA LEU F 78 29.59 15.25 21.16
C LEU F 78 30.05 15.59 22.58
N GLN F 79 30.78 14.68 23.23
CA GLN F 79 31.32 14.85 24.61
C GLN F 79 32.82 14.58 24.64
N PRO F 80 33.56 15.17 25.60
CA PRO F 80 35.00 14.94 25.71
C PRO F 80 35.40 13.48 25.94
N GLU F 81 34.50 12.68 26.52
CA GLU F 81 34.72 11.23 26.76
C GLU F 81 34.56 10.46 25.45
N ASP F 82 33.81 10.99 24.47
CA ASP F 82 33.46 10.28 23.20
C ASP F 82 34.63 10.31 22.22
N PHE F 83 35.77 10.86 22.63
CA PHE F 83 37.07 10.66 21.95
C PHE F 83 37.37 9.16 21.82
N ALA F 84 37.51 8.64 20.60
CA ALA F 84 37.81 7.21 20.31
C ALA F 84 38.02 6.96 18.81
N THR F 85 38.38 5.73 18.46
CA THR F 85 38.30 5.22 17.08
C THR F 85 37.04 4.36 16.97
N TYR F 86 36.26 4.56 15.94
CA TYR F 86 34.93 3.92 15.74
C TYR F 86 35.02 2.95 14.56
N TYR F 87 34.38 1.77 14.69
CA TYR F 87 34.42 0.69 13.67
C TYR F 87 33.01 0.18 13.38
N CYS F 88 32.73 -0.08 12.10
CA CYS F 88 31.55 -0.86 11.64
C CYS F 88 32.00 -2.31 11.39
N LEU F 89 31.23 -3.28 11.89
CA LEU F 89 31.43 -4.72 11.64
C LEU F 89 30.24 -5.27 10.84
N GLN F 90 30.54 -6.14 9.87
CA GLN F 90 29.55 -6.86 9.02
C GLN F 90 29.60 -8.34 9.38
N ALA F 91 28.45 -8.97 9.49
CA ALA F 91 28.36 -10.41 9.83
C ALA F 91 27.18 -11.03 9.09
N ASN F 92 26.89 -10.55 7.89
CA ASN F 92 25.88 -11.15 7.00
C ASN F 92 26.47 -12.36 6.29
N SER F 93 27.79 -12.39 6.14
CA SER F 93 28.50 -13.38 5.29
C SER F 93 29.97 -13.46 5.69
N PHE F 94 30.50 -14.68 5.76
CA PHE F 94 31.84 -15.01 6.31
C PHE F 94 32.90 -14.75 5.24
N PRO F 95 34.12 -14.33 5.64
CA PRO F 95 34.42 -14.01 7.03
C PRO F 95 33.78 -12.68 7.42
N PRO F 96 33.34 -12.49 8.69
CA PRO F 96 33.04 -11.15 9.20
C PRO F 96 34.18 -10.17 8.88
N THR F 97 33.81 -8.92 8.62
CA THR F 97 34.75 -7.87 8.12
C THR F 97 34.46 -6.58 8.87
N PHE F 98 35.50 -5.96 9.43
CA PHE F 98 35.41 -4.62 10.06
C PHE F 98 35.74 -3.56 9.00
N GLY F 99 35.24 -2.34 9.23
CA GLY F 99 35.63 -1.16 8.45
C GLY F 99 37.05 -0.71 8.76
N GLY F 100 37.57 0.25 7.99
CA GLY F 100 38.90 0.86 8.20
C GLY F 100 39.03 1.48 9.59
N GLY F 101 38.01 2.21 10.04
CA GLY F 101 38.00 2.88 11.35
C GLY F 101 37.92 4.38 11.17
N THR F 102 37.23 5.07 12.08
CA THR F 102 37.09 6.54 12.06
C THR F 102 37.57 7.13 13.40
N LYS F 103 38.68 7.86 13.36
CA LYS F 103 39.22 8.51 14.58
C LYS F 103 38.40 9.78 14.83
N VAL F 104 37.93 9.96 16.06
CA VAL F 104 37.13 11.16 16.45
C VAL F 104 37.91 11.93 17.52
N GLU F 105 38.35 13.15 17.16
CA GLU F 105 39.02 14.09 18.11
C GLU F 105 38.05 15.20 18.53
N ILE F 106 38.33 15.85 19.66
CA ILE F 106 37.56 17.01 20.18
C ILE F 106 38.36 18.30 19.85
N LYS F 107 37.66 19.33 19.34
CA LYS F 107 38.17 20.71 19.15
C LYS F 107 38.03 21.46 20.47
N ARG F 108 39.01 22.29 20.83
CA ARG F 108 38.91 23.12 22.06
C ARG F 108 39.81 24.36 21.97
N THR F 109 39.67 25.25 22.96
CA THR F 109 40.44 26.50 23.15
C THR F 109 41.94 26.17 23.09
N VAL F 110 42.73 27.05 22.48
CA VAL F 110 44.22 26.95 22.48
C VAL F 110 44.70 27.03 23.93
N ALA F 111 45.36 25.98 24.43
CA ALA F 111 45.99 25.93 25.76
C ALA F 111 47.49 25.75 25.56
N ALA F 112 48.28 26.66 26.10
CA ALA F 112 49.76 26.60 26.06
C ALA F 112 50.22 25.59 27.11
N PRO F 113 51.34 24.89 26.86
CA PRO F 113 51.85 23.86 27.77
C PRO F 113 52.62 24.34 29.01
N SER F 114 52.40 23.68 30.16
CA SER F 114 53.30 23.74 31.33
C SER F 114 54.56 22.90 31.03
N VAL F 115 55.71 23.56 30.86
CA VAL F 115 56.99 22.91 30.48
C VAL F 115 57.83 22.63 31.75
N PHE F 116 58.29 21.38 31.88
CA PHE F 116 59.21 20.93 32.95
C PHE F 116 60.42 20.24 32.31
N ILE F 117 61.48 20.07 33.09
CA ILE F 117 62.72 19.40 32.63
C ILE F 117 63.29 18.60 33.81
N PHE F 118 63.68 17.36 33.55
CA PHE F 118 64.22 16.42 34.56
C PHE F 118 65.64 16.02 34.15
N PRO F 119 66.67 16.38 34.94
CA PRO F 119 68.02 15.86 34.73
C PRO F 119 68.05 14.37 35.03
N PRO F 120 69.02 13.61 34.46
CA PRO F 120 69.09 12.17 34.70
C PRO F 120 69.34 11.87 36.18
N SER F 121 68.80 10.76 36.67
CA SER F 121 69.02 10.25 38.05
C SER F 121 70.43 9.69 38.18
N ASP F 122 71.08 9.86 39.33
CA ASP F 122 72.41 9.26 39.63
C ASP F 122 72.31 7.74 39.44
N GLU F 123 71.25 7.16 40.01
CA GLU F 123 70.89 5.73 39.87
C GLU F 123 71.13 5.27 38.43
N GLN F 124 70.66 6.05 37.44
CA GLN F 124 70.83 5.76 35.99
C GLN F 124 72.27 6.04 35.54
N LEU F 125 72.86 7.17 35.95
CA LEU F 125 74.24 7.57 35.53
C LEU F 125 75.26 6.52 35.97
N LYS F 126 75.03 5.82 37.08
CA LYS F 126 75.88 4.70 37.53
C LYS F 126 75.86 3.61 36.45
N SER F 127 74.67 3.25 35.96
CA SER F 127 74.45 2.17 34.98
C SER F 127 75.15 2.49 33.65
N GLY F 128 75.43 3.76 33.34
CA GLY F 128 76.38 4.19 32.29
C GLY F 128 75.75 5.02 31.19
N THR F 129 74.60 5.66 31.46
CA THR F 129 73.77 6.30 30.42
C THR F 129 72.91 7.39 31.06
N ALA F 130 72.63 8.47 30.32
CA ALA F 130 71.98 9.69 30.84
C ALA F 130 70.75 10.05 29.99
N SER F 131 69.55 9.83 30.55
CA SER F 131 68.24 10.19 29.94
C SER F 131 67.78 11.52 30.52
N VAL F 132 67.58 12.52 29.65
CA VAL F 132 67.07 13.88 30.00
C VAL F 132 65.66 14.02 29.43
N VAL F 133 64.68 14.29 30.30
CA VAL F 133 63.24 14.26 29.93
C VAL F 133 62.65 15.66 29.96
N CYS F 134 62.09 16.12 28.85
CA CYS F 134 61.34 17.40 28.73
C CYS F 134 59.85 17.09 28.60
N LEU F 135 59.06 17.55 29.57
CA LEU F 135 57.61 17.27 29.67
C LEU F 135 56.81 18.54 29.34
N LEU F 136 55.96 18.49 28.32
CA LEU F 136 54.91 19.51 28.05
C LEU F 136 53.59 18.97 28.59
N ASN F 137 52.84 19.76 29.35
CA ASN F 137 51.71 19.24 30.16
C ASN F 137 50.43 20.00 29.84
N ASN F 138 49.36 19.27 29.50
CA ASN F 138 47.97 19.76 29.34
C ASN F 138 47.91 20.91 28.32
N PHE F 139 48.00 20.62 27.02
CA PHE F 139 47.93 21.64 25.94
C PHE F 139 47.06 21.20 24.76
N TYR F 140 46.59 22.18 23.98
CA TYR F 140 45.91 21.97 22.68
C TYR F 140 46.32 23.08 21.73
N PRO F 141 46.53 22.83 20.41
CA PRO F 141 46.39 21.50 19.80
C PRO F 141 47.61 20.62 20.02
N ARG F 142 47.53 19.37 19.56
CA ARG F 142 48.58 18.33 19.72
C ARG F 142 49.85 18.82 19.00
N GLU F 143 49.69 19.48 17.86
CA GLU F 143 50.83 19.89 17.00
C GLU F 143 51.70 20.84 17.84
N ALA F 144 52.85 20.35 18.32
CA ALA F 144 53.85 21.08 19.12
C ALA F 144 55.24 20.93 18.48
N LYS F 145 56.31 21.36 19.15
CA LYS F 145 57.70 21.21 18.63
C LYS F 145 58.72 21.50 19.74
N VAL F 146 59.38 20.44 20.21
CA VAL F 146 60.47 20.49 21.23
C VAL F 146 61.82 20.43 20.52
N GLN F 147 62.73 21.32 20.92
CA GLN F 147 64.11 21.40 20.38
C GLN F 147 65.11 21.27 21.53
N TRP F 148 65.94 20.23 21.51
CA TRP F 148 67.03 20.02 22.50
C TRP F 148 68.27 20.83 22.11
N LYS F 149 68.82 21.55 23.09
CA LYS F 149 70.07 22.32 22.99
C LYS F 149 70.95 21.96 24.18
N VAL F 150 72.13 21.39 23.93
CA VAL F 150 73.17 21.19 24.97
C VAL F 150 74.37 22.10 24.65
N ASP F 151 74.81 22.89 25.63
CA ASP F 151 75.87 23.92 25.47
C ASP F 151 75.50 24.77 24.25
N ASN F 152 74.21 25.12 24.15
CA ASN F 152 73.65 26.03 23.12
C ASN F 152 73.93 25.50 21.72
N ALA F 153 73.94 24.18 21.53
CA ALA F 153 74.05 23.52 20.20
C ALA F 153 72.77 22.71 19.97
N LEU F 154 72.18 22.78 18.79
CA LEU F 154 70.94 22.03 18.44
C LEU F 154 71.27 20.53 18.37
N GLN F 155 70.31 19.70 18.79
CA GLN F 155 70.41 18.21 18.74
C GLN F 155 69.39 17.68 17.73
N SER F 156 69.77 16.67 16.93
CA SER F 156 68.93 16.07 15.87
C SER F 156 69.07 14.54 15.89
N GLY F 157 67.95 13.82 16.02
CA GLY F 157 67.92 12.34 16.08
C GLY F 157 68.59 11.79 17.33
N ASN F 158 68.87 12.65 18.31
CA ASN F 158 69.33 12.28 19.67
C ASN F 158 68.13 11.85 20.50
N SER F 159 67.07 12.64 20.43
CA SER F 159 65.86 12.51 21.26
C SER F 159 64.75 11.79 20.48
N GLN F 160 63.71 11.37 21.20
CA GLN F 160 62.44 10.91 20.60
C GLN F 160 61.29 11.25 21.55
N GLU F 161 60.13 11.46 20.93
CA GLU F 161 58.93 12.02 21.59
C GLU F 161 57.89 10.93 21.75
N SER F 162 56.91 11.20 22.59
CA SER F 162 55.76 10.32 22.87
C SER F 162 54.67 11.22 23.45
N VAL F 163 53.46 11.10 22.91
CA VAL F 163 52.36 12.05 23.22
C VAL F 163 51.13 11.23 23.60
N THR F 164 50.47 11.62 24.69
CA THR F 164 49.26 10.93 25.20
C THR F 164 48.12 11.12 24.20
N GLU F 165 47.15 10.22 24.24
CA GLU F 165 45.85 10.40 23.53
C GLU F 165 45.03 11.39 24.36
N GLN F 166 44.03 12.00 23.74
CA GLN F 166 43.23 13.12 24.32
C GLN F 166 42.62 12.75 25.67
N ASP F 167 42.60 13.72 26.58
CA ASP F 167 41.93 13.57 27.90
C ASP F 167 40.42 13.49 27.71
N SER F 168 39.73 12.84 28.64
CA SER F 168 38.26 12.60 28.63
C SER F 168 37.51 13.74 29.33
N LYS F 169 38.22 14.72 29.92
CA LYS F 169 37.60 15.82 30.70
C LYS F 169 37.95 17.17 30.06
N ASP F 170 39.23 17.57 30.10
CA ASP F 170 39.71 18.86 29.55
C ASP F 170 40.18 18.71 28.08
N SER F 171 39.94 17.55 27.44
CA SER F 171 40.16 17.31 25.99
C SER F 171 41.52 17.86 25.55
N THR F 172 42.54 17.65 26.38
CA THR F 172 43.87 18.27 26.30
C THR F 172 44.92 17.17 26.09
N TYR F 173 46.06 17.51 25.51
CA TYR F 173 47.18 16.55 25.29
C TYR F 173 48.30 16.80 26.29
N SER F 174 49.23 15.86 26.35
CA SER F 174 50.50 15.94 27.10
C SER F 174 51.55 15.18 26.29
N LEU F 175 52.77 15.68 26.25
CA LEU F 175 53.88 15.13 25.43
C LEU F 175 55.12 14.99 26.30
N SER F 176 55.95 13.98 26.01
CA SER F 176 57.24 13.77 26.68
C SER F 176 58.32 13.55 25.61
N SER F 177 59.36 14.38 25.65
CA SER F 177 60.60 14.20 24.85
C SER F 177 61.66 13.57 25.75
N THR F 178 62.53 12.74 25.17
CA THR F 178 63.64 12.09 25.89
C THR F 178 64.91 12.23 25.05
N LEU F 179 65.86 13.02 25.55
CA LEU F 179 67.22 13.12 25.00
C LEU F 179 68.05 12.04 25.67
N THR F 180 68.62 11.11 24.91
CA THR F 180 69.47 10.02 25.47
C THR F 180 70.92 10.26 25.04
N LEU F 181 71.82 10.32 26.03
CA LEU F 181 73.30 10.43 25.84
C LEU F 181 73.96 9.26 26.57
N SER F 182 75.20 8.96 26.22
CA SER F 182 76.11 8.15 27.08
C SER F 182 76.42 8.99 28.31
N LYS F 183 76.80 8.35 29.42
CA LYS F 183 77.17 9.06 30.68
C LYS F 183 78.33 10.01 30.38
N ALA F 184 79.34 9.53 29.64
CA ALA F 184 80.57 10.28 29.31
C ALA F 184 80.22 11.51 28.48
N ASP F 185 79.31 11.37 27.50
CA ASP F 185 78.82 12.50 26.66
C ASP F 185 78.11 13.52 27.55
N TYR F 186 77.32 13.07 28.53
CA TYR F 186 76.50 13.94 29.40
C TYR F 186 77.41 14.76 30.31
N GLU F 187 78.53 14.17 30.75
CA GLU F 187 79.48 14.85 31.67
C GLU F 187 80.38 15.83 30.89
N LYS F 188 80.51 15.71 29.57
CA LYS F 188 81.33 16.65 28.73
C LYS F 188 80.72 18.06 28.72
N HIS F 189 79.39 18.17 28.74
CA HIS F 189 78.63 19.45 28.56
C HIS F 189 77.98 19.90 29.87
N LYS F 190 77.71 21.21 30.03
CA LYS F 190 77.11 21.77 31.28
C LYS F 190 75.66 22.22 31.06
N VAL F 191 75.36 22.94 29.98
CA VAL F 191 74.03 23.60 29.82
C VAL F 191 73.09 22.72 28.98
N TYR F 192 71.98 22.26 29.58
CA TYR F 192 70.97 21.37 28.94
C TYR F 192 69.62 22.10 28.88
N ALA F 193 69.01 22.22 27.70
CA ALA F 193 67.81 23.06 27.48
C ALA F 193 66.90 22.51 26.38
N CYS F 194 65.61 22.36 26.67
CA CYS F 194 64.54 22.06 25.68
C CYS F 194 63.72 23.33 25.38
N GLU F 195 63.66 23.73 24.11
CA GLU F 195 62.99 24.96 23.62
C GLU F 195 61.65 24.59 22.97
N VAL F 196 60.54 24.83 23.66
CA VAL F 196 59.15 24.52 23.21
C VAL F 196 58.64 25.64 22.31
N THR F 197 58.31 25.31 21.06
CA THR F 197 57.56 26.23 20.15
C THR F 197 56.15 25.64 19.97
N HIS F 198 55.12 26.44 20.24
CA HIS F 198 53.69 26.02 20.23
C HIS F 198 52.77 27.22 19.99
N GLN F 199 51.62 26.99 19.36
CA GLN F 199 50.59 28.01 18.99
C GLN F 199 50.13 28.82 20.21
N GLY F 200 50.00 28.20 21.38
CA GLY F 200 49.49 28.84 22.60
C GLY F 200 50.49 29.80 23.22
N LEU F 201 51.79 29.65 22.89
CA LEU F 201 52.91 30.46 23.45
C LEU F 201 53.15 31.70 22.57
N SER F 202 53.26 32.88 23.19
CA SER F 202 53.63 34.17 22.55
C SER F 202 54.91 33.96 21.72
N SER F 203 55.99 33.53 22.39
CA SER F 203 57.31 33.21 21.77
C SER F 203 57.93 32.00 22.44
N PRO F 204 58.74 31.21 21.69
CA PRO F 204 59.29 29.93 22.18
C PRO F 204 59.77 29.95 23.65
N VAL F 205 59.21 29.08 24.49
CA VAL F 205 59.59 28.93 25.92
C VAL F 205 60.75 27.93 26.00
N THR F 206 61.88 28.37 26.54
CA THR F 206 63.01 27.47 26.88
C THR F 206 62.87 27.05 28.36
N LYS F 207 63.32 25.84 28.68
CA LYS F 207 63.55 25.35 30.06
C LYS F 207 64.91 24.68 30.06
N SER F 208 65.78 25.13 30.95
CA SER F 208 67.22 24.75 30.98
C SER F 208 67.63 24.40 32.41
N PHE F 209 68.64 23.54 32.53
CA PHE F 209 69.34 23.26 33.81
C PHE F 209 70.85 23.15 33.53
N ASN F 210 71.63 23.37 34.59
CA ASN F 210 73.11 23.32 34.60
C ASN F 210 73.54 22.04 35.34
N ARG F 211 74.37 21.21 34.71
CA ARG F 211 74.75 19.87 35.23
C ARG F 211 75.57 20.03 36.53
N GLY F 212 74.94 19.75 37.69
CA GLY F 212 75.63 19.49 38.97
C GLY F 212 76.16 20.77 39.60
#